data_3BRL
# 
_entry.id   3BRL 
# 
_audit_conform.dict_name       mmcif_pdbx.dic 
_audit_conform.dict_version    5.387 
_audit_conform.dict_location   http://mmcif.pdb.org/dictionaries/ascii/mmcif_pdbx.dic 
# 
loop_
_database_2.database_id 
_database_2.database_code 
_database_2.pdbx_database_accession 
_database_2.pdbx_DOI 
PDB   3BRL         pdb_00003brl 10.2210/pdb3brl/pdb 
RCSB  RCSB045880   ?            ?                   
WWPDB D_1000045880 ?            ?                   
# 
loop_
_pdbx_audit_revision_history.ordinal 
_pdbx_audit_revision_history.data_content_type 
_pdbx_audit_revision_history.major_revision 
_pdbx_audit_revision_history.minor_revision 
_pdbx_audit_revision_history.revision_date 
1 'Structure model' 1 0 2008-12-30 
2 'Structure model' 1 1 2011-07-13 
3 'Structure model' 1 2 2021-10-20 
4 'Structure model' 1 3 2024-02-21 
# 
_pdbx_audit_revision_details.ordinal             1 
_pdbx_audit_revision_details.revision_ordinal    1 
_pdbx_audit_revision_details.data_content_type   'Structure model' 
_pdbx_audit_revision_details.provider            repository 
_pdbx_audit_revision_details.type                'Initial release' 
_pdbx_audit_revision_details.description         ? 
_pdbx_audit_revision_details.details             ? 
# 
loop_
_pdbx_audit_revision_group.ordinal 
_pdbx_audit_revision_group.revision_ordinal 
_pdbx_audit_revision_group.data_content_type 
_pdbx_audit_revision_group.group 
1 2 'Structure model' 'Version format compliance' 
2 3 'Structure model' 'Database references'       
3 4 'Structure model' 'Data collection'           
# 
loop_
_pdbx_audit_revision_category.ordinal 
_pdbx_audit_revision_category.revision_ordinal 
_pdbx_audit_revision_category.data_content_type 
_pdbx_audit_revision_category.category 
1 3 'Structure model' database_2         
2 3 'Structure model' struct_ref_seq_dif 
3 4 'Structure model' chem_comp_atom     
4 4 'Structure model' chem_comp_bond     
# 
loop_
_pdbx_audit_revision_item.ordinal 
_pdbx_audit_revision_item.revision_ordinal 
_pdbx_audit_revision_item.data_content_type 
_pdbx_audit_revision_item.item 
1 3 'Structure model' '_database_2.pdbx_DOI'                
2 3 'Structure model' '_database_2.pdbx_database_accession' 
3 3 'Structure model' '_struct_ref_seq_dif.details'         
# 
_pdbx_database_status.entry_id                        3BRL 
_pdbx_database_status.deposit_site                    RCSB 
_pdbx_database_status.process_site                    RCSB 
_pdbx_database_status.recvd_initial_deposition_date   2007-12-21 
_pdbx_database_status.status_code                     REL 
_pdbx_database_status.status_code_sf                  REL 
_pdbx_database_status.status_code_mr                  ? 
_pdbx_database_status.SG_entry                        ? 
_pdbx_database_status.pdb_format_compatible           Y 
_pdbx_database_status.status_code_cs                  ? 
_pdbx_database_status.status_code_nmr_data            ? 
_pdbx_database_status.methods_development_category    ? 
# 
_pdbx_database_related.db_name        PDB 
_pdbx_database_related.db_id          3bri 
_pdbx_database_related.details        . 
_pdbx_database_related.content_type   unspecified 
# 
loop_
_audit_author.name 
_audit_author.pdbx_ordinal 
'Benison, G.C.' 1 
'Karplus, P.A.' 2 
'Barbar, E.J.'  3 
'Chiodo, M.'    4 
# 
_citation.id                        primary 
_citation.title                     
'The Interplay of Ligand Binding and Phosphorylation in the Regulation of Dynein Light Chain LC8' 
_citation.journal_abbrev            'To be Published' 
_citation.journal_volume            ? 
_citation.page_first                ? 
_citation.page_last                 ? 
_citation.year                      ? 
_citation.journal_id_ASTM           ? 
_citation.country                   ? 
_citation.journal_id_ISSN           ? 
_citation.journal_id_CSD            0353 
_citation.book_publisher            ? 
_citation.pdbx_database_id_PubMed   ? 
_citation.pdbx_database_id_DOI      ? 
# 
loop_
_citation_author.citation_id 
_citation_author.name 
_citation_author.ordinal 
_citation_author.identifier_ORCID 
primary 'Benison, G.C.' 1 ? 
primary 'Chiodo, M.'    2 ? 
primary 'Karplus, P.A.' 3 ? 
primary 'Barbar, E.J.'  4 ? 
# 
loop_
_entity.id 
_entity.type 
_entity.src_method 
_entity.pdbx_description 
_entity.formula_weight 
_entity.pdbx_number_of_molecules 
_entity.pdbx_ec 
_entity.pdbx_mutation 
_entity.pdbx_fragment 
_entity.details 
1 polymer man 'Dynein light chain 1, cytoplasmic'  10430.885 1  ? S88E ? ? 
2 polymer syn 'Protein swallow 10-resiude peptide' 994.034   1  ? ?    ? ? 
3 water   nat water                                18.015    79 ? ?    ? ? 
# 
_entity_name_com.entity_id   1 
_entity_name_com.name        '8 kDa dynein light chain, Cut up protein' 
# 
loop_
_entity_poly.entity_id 
_entity_poly.type 
_entity_poly.nstd_linkage 
_entity_poly.nstd_monomer 
_entity_poly.pdbx_seq_one_letter_code 
_entity_poly.pdbx_seq_one_letter_code_can 
_entity_poly.pdbx_strand_id 
_entity_poly.pdbx_target_identifier 
1 'polypeptide(L)' no no 
;MSDRKAVIKNADMSEEMQQDAVDCATQALEKYNIEKDIAAYIKKEFDKKYNPTWHCIVGRNFGSYVTHETRHFIYFYLGQ
VAILLFKEG
;
;MSDRKAVIKNADMSEEMQQDAVDCATQALEKYNIEKDIAAYIKKEFDKKYNPTWHCIVGRNFGSYVTHETRHFIYFYLGQ
VAILLFKEG
;
A ? 
2 'polypeptide(L)' no no ATSAKATQTD                                                                                   ATSAKATQTD C 
? 
# 
_pdbx_entity_nonpoly.entity_id   3 
_pdbx_entity_nonpoly.name        water 
_pdbx_entity_nonpoly.comp_id     HOH 
# 
loop_
_entity_poly_seq.entity_id 
_entity_poly_seq.num 
_entity_poly_seq.mon_id 
_entity_poly_seq.hetero 
1 1  MET n 
1 2  SER n 
1 3  ASP n 
1 4  ARG n 
1 5  LYS n 
1 6  ALA n 
1 7  VAL n 
1 8  ILE n 
1 9  LYS n 
1 10 ASN n 
1 11 ALA n 
1 12 ASP n 
1 13 MET n 
1 14 SER n 
1 15 GLU n 
1 16 GLU n 
1 17 MET n 
1 18 GLN n 
1 19 GLN n 
1 20 ASP n 
1 21 ALA n 
1 22 VAL n 
1 23 ASP n 
1 24 CYS n 
1 25 ALA n 
1 26 THR n 
1 27 GLN n 
1 28 ALA n 
1 29 LEU n 
1 30 GLU n 
1 31 LYS n 
1 32 TYR n 
1 33 ASN n 
1 34 ILE n 
1 35 GLU n 
1 36 LYS n 
1 37 ASP n 
1 38 ILE n 
1 39 ALA n 
1 40 ALA n 
1 41 TYR n 
1 42 ILE n 
1 43 LYS n 
1 44 LYS n 
1 45 GLU n 
1 46 PHE n 
1 47 ASP n 
1 48 LYS n 
1 49 LYS n 
1 50 TYR n 
1 51 ASN n 
1 52 PRO n 
1 53 THR n 
1 54 TRP n 
1 55 HIS n 
1 56 CYS n 
1 57 ILE n 
1 58 VAL n 
1 59 GLY n 
1 60 ARG n 
1 61 ASN n 
1 62 PHE n 
1 63 GLY n 
1 64 SER n 
1 65 TYR n 
1 66 VAL n 
1 67 THR n 
1 68 HIS n 
1 69 GLU n 
1 70 THR n 
1 71 ARG n 
1 72 HIS n 
1 73 PHE n 
1 74 ILE n 
1 75 TYR n 
1 76 PHE n 
1 77 TYR n 
1 78 LEU n 
1 79 GLY n 
1 80 GLN n 
1 81 VAL n 
1 82 ALA n 
1 83 ILE n 
1 84 LEU n 
1 85 LEU n 
1 86 PHE n 
1 87 LYS n 
1 88 GLU n 
1 89 GLY n 
2 1  ALA n 
2 2  THR n 
2 3  SER n 
2 4  ALA n 
2 5  LYS n 
2 6  ALA n 
2 7  THR n 
2 8  GLN n 
2 9  THR n 
2 10 ASP n 
# 
_entity_src_gen.entity_id                          1 
_entity_src_gen.pdbx_src_id                        1 
_entity_src_gen.pdbx_alt_source_flag               sample 
_entity_src_gen.pdbx_seq_type                      ? 
_entity_src_gen.pdbx_beg_seq_num                   ? 
_entity_src_gen.pdbx_end_seq_num                   ? 
_entity_src_gen.gene_src_common_name               'Fruit fly' 
_entity_src_gen.gene_src_genus                     ? 
_entity_src_gen.pdbx_gene_src_gene                 ? 
_entity_src_gen.gene_src_species                   ? 
_entity_src_gen.gene_src_strain                    ? 
_entity_src_gen.gene_src_tissue                    ? 
_entity_src_gen.gene_src_tissue_fraction           ? 
_entity_src_gen.gene_src_details                   ? 
_entity_src_gen.pdbx_gene_src_fragment             ? 
_entity_src_gen.pdbx_gene_src_scientific_name      'Drosophila melanogaster' 
_entity_src_gen.pdbx_gene_src_ncbi_taxonomy_id     7227 
_entity_src_gen.pdbx_gene_src_variant              ? 
_entity_src_gen.pdbx_gene_src_cell_line            ? 
_entity_src_gen.pdbx_gene_src_atcc                 ? 
_entity_src_gen.pdbx_gene_src_organ                ? 
_entity_src_gen.pdbx_gene_src_organelle            ? 
_entity_src_gen.pdbx_gene_src_cell                 ? 
_entity_src_gen.pdbx_gene_src_cellular_location    ? 
_entity_src_gen.host_org_common_name               ? 
_entity_src_gen.pdbx_host_org_scientific_name      ? 
_entity_src_gen.pdbx_host_org_ncbi_taxonomy_id     ? 
_entity_src_gen.host_org_genus                     ? 
_entity_src_gen.pdbx_host_org_gene                 ? 
_entity_src_gen.pdbx_host_org_organ                ? 
_entity_src_gen.host_org_species                   ? 
_entity_src_gen.pdbx_host_org_tissue               ? 
_entity_src_gen.pdbx_host_org_tissue_fraction      ? 
_entity_src_gen.pdbx_host_org_strain               ? 
_entity_src_gen.pdbx_host_org_variant              ? 
_entity_src_gen.pdbx_host_org_cell_line            ? 
_entity_src_gen.pdbx_host_org_atcc                 ? 
_entity_src_gen.pdbx_host_org_culture_collection   ? 
_entity_src_gen.pdbx_host_org_cell                 ? 
_entity_src_gen.pdbx_host_org_organelle            ? 
_entity_src_gen.pdbx_host_org_cellular_location    ? 
_entity_src_gen.pdbx_host_org_vector_type          ? 
_entity_src_gen.pdbx_host_org_vector               ? 
_entity_src_gen.host_org_details                   ? 
_entity_src_gen.expression_system_id               ? 
_entity_src_gen.plasmid_name                       ? 
_entity_src_gen.plasmid_details                    ? 
_entity_src_gen.pdbx_description                   ? 
# 
_pdbx_entity_src_syn.entity_id              2 
_pdbx_entity_src_syn.pdbx_src_id            1 
_pdbx_entity_src_syn.pdbx_alt_source_flag   sample 
_pdbx_entity_src_syn.pdbx_beg_seq_num       ? 
_pdbx_entity_src_syn.pdbx_end_seq_num       ? 
_pdbx_entity_src_syn.organism_scientific    ? 
_pdbx_entity_src_syn.organism_common_name   ? 
_pdbx_entity_src_syn.ncbi_taxonomy_id       ? 
_pdbx_entity_src_syn.details                
'The peptide was chemically synthesized. The sequence can be naturally found in Drosophila melanogaster (Fruit fly)' 
# 
loop_
_chem_comp.id 
_chem_comp.type 
_chem_comp.mon_nstd_flag 
_chem_comp.name 
_chem_comp.pdbx_synonyms 
_chem_comp.formula 
_chem_comp.formula_weight 
ALA 'L-peptide linking' y ALANINE         ? 'C3 H7 N O2'     89.093  
ARG 'L-peptide linking' y ARGININE        ? 'C6 H15 N4 O2 1' 175.209 
ASN 'L-peptide linking' y ASPARAGINE      ? 'C4 H8 N2 O3'    132.118 
ASP 'L-peptide linking' y 'ASPARTIC ACID' ? 'C4 H7 N O4'     133.103 
CYS 'L-peptide linking' y CYSTEINE        ? 'C3 H7 N O2 S'   121.158 
GLN 'L-peptide linking' y GLUTAMINE       ? 'C5 H10 N2 O3'   146.144 
GLU 'L-peptide linking' y 'GLUTAMIC ACID' ? 'C5 H9 N O4'     147.129 
GLY 'peptide linking'   y GLYCINE         ? 'C2 H5 N O2'     75.067  
HIS 'L-peptide linking' y HISTIDINE       ? 'C6 H10 N3 O2 1' 156.162 
HOH non-polymer         . WATER           ? 'H2 O'           18.015  
ILE 'L-peptide linking' y ISOLEUCINE      ? 'C6 H13 N O2'    131.173 
LEU 'L-peptide linking' y LEUCINE         ? 'C6 H13 N O2'    131.173 
LYS 'L-peptide linking' y LYSINE          ? 'C6 H15 N2 O2 1' 147.195 
MET 'L-peptide linking' y METHIONINE      ? 'C5 H11 N O2 S'  149.211 
PHE 'L-peptide linking' y PHENYLALANINE   ? 'C9 H11 N O2'    165.189 
PRO 'L-peptide linking' y PROLINE         ? 'C5 H9 N O2'     115.130 
SER 'L-peptide linking' y SERINE          ? 'C3 H7 N O3'     105.093 
THR 'L-peptide linking' y THREONINE       ? 'C4 H9 N O3'     119.119 
TRP 'L-peptide linking' y TRYPTOPHAN      ? 'C11 H12 N2 O2'  204.225 
TYR 'L-peptide linking' y TYROSINE        ? 'C9 H11 N O3'    181.189 
VAL 'L-peptide linking' y VALINE          ? 'C5 H11 N O2'    117.146 
# 
loop_
_pdbx_poly_seq_scheme.asym_id 
_pdbx_poly_seq_scheme.entity_id 
_pdbx_poly_seq_scheme.seq_id 
_pdbx_poly_seq_scheme.mon_id 
_pdbx_poly_seq_scheme.ndb_seq_num 
_pdbx_poly_seq_scheme.pdb_seq_num 
_pdbx_poly_seq_scheme.auth_seq_num 
_pdbx_poly_seq_scheme.pdb_mon_id 
_pdbx_poly_seq_scheme.auth_mon_id 
_pdbx_poly_seq_scheme.pdb_strand_id 
_pdbx_poly_seq_scheme.pdb_ins_code 
_pdbx_poly_seq_scheme.hetero 
A 1 1  MET 1  1   ?   ?   ?   A . n 
A 1 2  SER 2  2   2   SER SER A . n 
A 1 3  ASP 3  3   3   ASP ASP A . n 
A 1 4  ARG 4  4   4   ARG ARG A . n 
A 1 5  LYS 5  5   5   LYS LYS A . n 
A 1 6  ALA 6  6   6   ALA ALA A . n 
A 1 7  VAL 7  7   7   VAL VAL A . n 
A 1 8  ILE 8  8   8   ILE ILE A . n 
A 1 9  LYS 9  9   9   LYS LYS A . n 
A 1 10 ASN 10 10  10  ASN ASN A . n 
A 1 11 ALA 11 11  11  ALA ALA A . n 
A 1 12 ASP 12 12  12  ASP ASP A . n 
A 1 13 MET 13 13  13  MET MET A . n 
A 1 14 SER 14 14  14  SER SER A . n 
A 1 15 GLU 15 15  15  GLU GLU A . n 
A 1 16 GLU 16 16  16  GLU GLU A . n 
A 1 17 MET 17 17  17  MET MET A . n 
A 1 18 GLN 18 18  18  GLN GLN A . n 
A 1 19 GLN 19 19  19  GLN GLN A . n 
A 1 20 ASP 20 20  20  ASP ASP A . n 
A 1 21 ALA 21 21  21  ALA ALA A . n 
A 1 22 VAL 22 22  22  VAL VAL A . n 
A 1 23 ASP 23 23  23  ASP ASP A . n 
A 1 24 CYS 24 24  24  CYS CYS A . n 
A 1 25 ALA 25 25  25  ALA ALA A . n 
A 1 26 THR 26 26  26  THR THR A . n 
A 1 27 GLN 27 27  27  GLN GLN A . n 
A 1 28 ALA 28 28  28  ALA ALA A . n 
A 1 29 LEU 29 29  29  LEU LEU A . n 
A 1 30 GLU 30 30  30  GLU GLU A . n 
A 1 31 LYS 31 31  31  LYS LYS A . n 
A 1 32 TYR 32 32  32  TYR TYR A . n 
A 1 33 ASN 33 33  33  ASN ASN A . n 
A 1 34 ILE 34 34  34  ILE ILE A . n 
A 1 35 GLU 35 35  35  GLU GLU A . n 
A 1 36 LYS 36 36  36  LYS LYS A . n 
A 1 37 ASP 37 37  37  ASP ASP A . n 
A 1 38 ILE 38 38  38  ILE ILE A . n 
A 1 39 ALA 39 39  39  ALA ALA A . n 
A 1 40 ALA 40 40  40  ALA ALA A . n 
A 1 41 TYR 41 41  41  TYR TYR A . n 
A 1 42 ILE 42 42  42  ILE ILE A . n 
A 1 43 LYS 43 43  43  LYS LYS A . n 
A 1 44 LYS 44 44  44  LYS LYS A . n 
A 1 45 GLU 45 45  45  GLU GLU A . n 
A 1 46 PHE 46 46  46  PHE PHE A . n 
A 1 47 ASP 47 47  47  ASP ASP A . n 
A 1 48 LYS 48 48  48  LYS LYS A . n 
A 1 49 LYS 49 49  49  LYS LYS A . n 
A 1 50 TYR 50 50  50  TYR TYR A . n 
A 1 51 ASN 51 51  51  ASN ASN A . n 
A 1 52 PRO 52 52  52  PRO PRO A . n 
A 1 53 THR 53 53  53  THR THR A . n 
A 1 54 TRP 54 54  54  TRP TRP A . n 
A 1 55 HIS 55 55  55  HIS HIS A . n 
A 1 56 CYS 56 56  56  CYS CYS A . n 
A 1 57 ILE 57 57  57  ILE ILE A . n 
A 1 58 VAL 58 58  58  VAL VAL A . n 
A 1 59 GLY 59 59  59  GLY GLY A . n 
A 1 60 ARG 60 60  60  ARG ARG A . n 
A 1 61 ASN 61 61  61  ASN ASN A . n 
A 1 62 PHE 62 62  62  PHE PHE A . n 
A 1 63 GLY 63 63  63  GLY GLY A . n 
A 1 64 SER 64 64  64  SER SER A . n 
A 1 65 TYR 65 65  65  TYR TYR A . n 
A 1 66 VAL 66 66  66  VAL VAL A . n 
A 1 67 THR 67 67  67  THR THR A . n 
A 1 68 HIS 68 68  68  HIS HIS A . n 
A 1 69 GLU 69 69  69  GLU GLU A . n 
A 1 70 THR 70 70  70  THR THR A . n 
A 1 71 ARG 71 71  71  ARG ARG A . n 
A 1 72 HIS 72 72  72  HIS HIS A . n 
A 1 73 PHE 73 73  73  PHE PHE A . n 
A 1 74 ILE 74 74  74  ILE ILE A . n 
A 1 75 TYR 75 75  75  TYR TYR A . n 
A 1 76 PHE 76 76  76  PHE PHE A . n 
A 1 77 TYR 77 77  77  TYR TYR A . n 
A 1 78 LEU 78 78  78  LEU LEU A . n 
A 1 79 GLY 79 79  79  GLY GLY A . n 
A 1 80 GLN 80 80  80  GLN GLN A . n 
A 1 81 VAL 81 81  81  VAL VAL A . n 
A 1 82 ALA 82 82  82  ALA ALA A . n 
A 1 83 ILE 83 83  83  ILE ILE A . n 
A 1 84 LEU 84 84  84  LEU LEU A . n 
A 1 85 LEU 85 85  85  LEU LEU A . n 
A 1 86 PHE 86 86  86  PHE PHE A . n 
A 1 87 LYS 87 87  87  LYS LYS A . n 
A 1 88 GLU 88 88  88  GLU GLU A . n 
A 1 89 GLY 89 89  89  GLY GLY A . n 
B 2 1  ALA 1  287 287 ALA ALA C . n 
B 2 2  THR 2  288 288 THR THR C . n 
B 2 3  SER 3  289 289 SER SER C . n 
B 2 4  ALA 4  290 290 ALA ALA C . n 
B 2 5  LYS 5  291 291 LYS LYS C . n 
B 2 6  ALA 6  292 292 ALA ALA C . n 
B 2 7  THR 7  293 293 THR THR C . n 
B 2 8  GLN 8  294 294 GLN GLN C . n 
B 2 9  THR 9  295 295 THR THR C . n 
B 2 10 ASP 10 296 296 ASP ASP C . n 
# 
loop_
_pdbx_nonpoly_scheme.asym_id 
_pdbx_nonpoly_scheme.entity_id 
_pdbx_nonpoly_scheme.mon_id 
_pdbx_nonpoly_scheme.ndb_seq_num 
_pdbx_nonpoly_scheme.pdb_seq_num 
_pdbx_nonpoly_scheme.auth_seq_num 
_pdbx_nonpoly_scheme.pdb_mon_id 
_pdbx_nonpoly_scheme.auth_mon_id 
_pdbx_nonpoly_scheme.pdb_strand_id 
_pdbx_nonpoly_scheme.pdb_ins_code 
C 3 HOH 1  90  1  HOH HOH A . 
C 3 HOH 2  91  2  HOH HOH A . 
C 3 HOH 3  92  4  HOH HOH A . 
C 3 HOH 4  93  5  HOH HOH A . 
C 3 HOH 5  94  6  HOH HOH A . 
C 3 HOH 6  95  8  HOH HOH A . 
C 3 HOH 7  96  9  HOH HOH A . 
C 3 HOH 8  97  10 HOH HOH A . 
C 3 HOH 9  98  11 HOH HOH A . 
C 3 HOH 10 99  12 HOH HOH A . 
C 3 HOH 11 100 13 HOH HOH A . 
C 3 HOH 12 101 14 HOH HOH A . 
C 3 HOH 13 102 15 HOH HOH A . 
C 3 HOH 14 103 16 HOH HOH A . 
C 3 HOH 15 104 19 HOH HOH A . 
C 3 HOH 16 105 20 HOH HOH A . 
C 3 HOH 17 106 21 HOH HOH A . 
C 3 HOH 18 107 22 HOH HOH A . 
C 3 HOH 19 108 23 HOH HOH A . 
C 3 HOH 20 109 24 HOH HOH A . 
C 3 HOH 21 110 25 HOH HOH A . 
C 3 HOH 22 111 26 HOH HOH A . 
C 3 HOH 23 112 28 HOH HOH A . 
C 3 HOH 24 113 29 HOH HOH A . 
C 3 HOH 25 114 30 HOH HOH A . 
C 3 HOH 26 115 31 HOH HOH A . 
C 3 HOH 27 116 32 HOH HOH A . 
C 3 HOH 28 117 33 HOH HOH A . 
C 3 HOH 29 118 35 HOH HOH A . 
C 3 HOH 30 119 36 HOH HOH A . 
C 3 HOH 31 120 37 HOH HOH A . 
C 3 HOH 32 121 38 HOH HOH A . 
C 3 HOH 33 122 40 HOH HOH A . 
C 3 HOH 34 123 41 HOH HOH A . 
C 3 HOH 35 124 42 HOH HOH A . 
C 3 HOH 36 125 43 HOH HOH A . 
C 3 HOH 37 126 47 HOH HOH A . 
C 3 HOH 38 127 48 HOH HOH A . 
C 3 HOH 39 128 49 HOH HOH A . 
C 3 HOH 40 129 50 HOH HOH A . 
C 3 HOH 41 130 51 HOH HOH A . 
C 3 HOH 42 131 52 HOH HOH A . 
C 3 HOH 43 132 53 HOH HOH A . 
C 3 HOH 44 133 54 HOH HOH A . 
C 3 HOH 45 134 55 HOH HOH A . 
C 3 HOH 46 135 56 HOH HOH A . 
C 3 HOH 47 136 57 HOH HOH A . 
C 3 HOH 48 137 58 HOH HOH A . 
C 3 HOH 49 138 59 HOH HOH A . 
C 3 HOH 50 139 60 HOH HOH A . 
C 3 HOH 51 140 62 HOH HOH A . 
C 3 HOH 52 141 63 HOH HOH A . 
C 3 HOH 53 142 64 HOH HOH A . 
C 3 HOH 54 143 65 HOH HOH A . 
C 3 HOH 55 144 67 HOH HOH A . 
C 3 HOH 56 145 68 HOH HOH A . 
C 3 HOH 57 146 69 HOH HOH A . 
C 3 HOH 58 147 70 HOH HOH A . 
C 3 HOH 59 148 71 HOH HOH A . 
C 3 HOH 60 149 72 HOH HOH A . 
C 3 HOH 61 150 73 HOH HOH A . 
C 3 HOH 62 151 74 HOH HOH A . 
C 3 HOH 63 152 75 HOH HOH A . 
C 3 HOH 64 153 76 HOH HOH A . 
C 3 HOH 65 154 77 HOH HOH A . 
C 3 HOH 66 155 78 HOH HOH A . 
C 3 HOH 67 156 79 HOH HOH A . 
D 3 HOH 1  3   3  HOH HOH C . 
D 3 HOH 2  7   7  HOH HOH C . 
D 3 HOH 3  17  17 HOH HOH C . 
D 3 HOH 4  18  18 HOH HOH C . 
D 3 HOH 5  27  27 HOH HOH C . 
D 3 HOH 6  34  34 HOH HOH C . 
D 3 HOH 7  39  39 HOH HOH C . 
D 3 HOH 8  44  44 HOH HOH C . 
D 3 HOH 9  45  45 HOH HOH C . 
D 3 HOH 10 46  46 HOH HOH C . 
D 3 HOH 11 61  61 HOH HOH C . 
D 3 HOH 12 66  66 HOH HOH C . 
# 
loop_
_software.name 
_software.version 
_software.date 
_software.type 
_software.contact_author 
_software.contact_author_email 
_software.classification 
_software.location 
_software.language 
_software.citation_id 
_software.pdbx_ordinal 
REFMAC      5.2.0019 ?                    program 'Murshudov, G.N.' ccp4@dl.ac.uk            refinement        
http://www.ccp4.ac.uk/main.html  Fortran_77 ? 1 
PDB_EXTRACT 3.004    'September 10, 2007' package PDB               sw-help@rcsb.rutgers.edu 'data extraction' 
http://pdb.rutgers.edu/software/ C++        ? 2 
# 
_cell.length_a           44.194 
_cell.length_b           44.194 
_cell.length_c           203.218 
_cell.angle_alpha        90.000 
_cell.angle_beta         90.000 
_cell.angle_gamma        120.000 
_cell.entry_id           3BRL 
_cell.pdbx_unique_axis   ? 
_cell.Z_PDB              12 
_cell.length_a_esd       ? 
_cell.length_b_esd       ? 
_cell.length_c_esd       ? 
_cell.angle_alpha_esd    ? 
_cell.angle_beta_esd     ? 
_cell.angle_gamma_esd    ? 
# 
_symmetry.space_group_name_H-M             'P 61 2 2' 
_symmetry.entry_id                         3BRL 
_symmetry.pdbx_full_space_group_name_H-M   ? 
_symmetry.Int_Tables_number                178 
_symmetry.cell_setting                     ? 
_symmetry.space_group_name_Hall            ? 
# 
_exptl.crystals_number   1 
_exptl.entry_id          3BRL 
_exptl.method            'X-RAY DIFFRACTION' 
# 
_exptl_crystal.id                    1 
_exptl_crystal.density_Matthews      2.51 
_exptl_crystal.density_meas          ? 
_exptl_crystal.density_percent_sol   50.94 
_exptl_crystal.description           ? 
_exptl_crystal.F_000                 ? 
_exptl_crystal.preparation           ? 
# 
_exptl_crystal_grow.crystal_id      1 
_exptl_crystal_grow.method          'VAPOR DIFFUSION, HANGING DROP' 
_exptl_crystal_grow.pH              5.5 
_exptl_crystal_grow.temp            298 
_exptl_crystal_grow.pdbx_details    
'Calcium acetate 0.2M, sodium cacodylate 0.1M, 15% PEG8000, pH 5.5, VAPOR DIFFUSION, HANGING DROP, temperature 298K' 
_exptl_crystal_grow.temp_details    ? 
_exptl_crystal_grow.pdbx_pH_range   . 
# 
_diffrn.id                     1 
_diffrn.ambient_temp           100 
_diffrn.ambient_temp_details   ? 
_diffrn.crystal_id             1 
# 
_diffrn_detector.diffrn_id              1 
_diffrn_detector.detector               CCD 
_diffrn_detector.type                   ? 
_diffrn_detector.pdbx_collection_date   2007-02-11 
_diffrn_detector.details                ? 
# 
_diffrn_radiation.diffrn_id                        1 
_diffrn_radiation.pdbx_diffrn_protocol             'SINGLE WAVELENGTH' 
_diffrn_radiation.monochromator                    ? 
_diffrn_radiation.wavelength_id                    1 
_diffrn_radiation.pdbx_monochromatic_or_laue_m_l   ? 
_diffrn_radiation.pdbx_scattering_type             x-ray 
# 
_diffrn_radiation_wavelength.id           1 
_diffrn_radiation_wavelength.wavelength   1.0 
_diffrn_radiation_wavelength.wt           1.0 
# 
_diffrn_source.diffrn_id                   1 
_diffrn_source.source                      SYNCHROTRON 
_diffrn_source.type                        'ALS BEAMLINE 5.0.3' 
_diffrn_source.pdbx_wavelength_list        1.0 
_diffrn_source.pdbx_wavelength             ? 
_diffrn_source.pdbx_synchrotron_site       ALS 
_diffrn_source.pdbx_synchrotron_beamline   5.0.3 
# 
_reflns.entry_id                     3BRL 
_reflns.observed_criterion_sigma_F   ? 
_reflns.observed_criterion_sigma_I   ? 
_reflns.d_resolution_high            1.9 
_reflns.d_resolution_low             ? 
_reflns.number_all                   ? 
_reflns.number_obs                   10183 
_reflns.percent_possible_obs         100 
_reflns.pdbx_Rmerge_I_obs            ? 
_reflns.pdbx_Rsym_value              ? 
_reflns.pdbx_netI_over_sigmaI        ? 
_reflns.B_iso_Wilson_estimate        ? 
_reflns.pdbx_redundancy              ? 
_reflns.R_free_details               ? 
_reflns.limit_h_max                  ? 
_reflns.limit_h_min                  ? 
_reflns.limit_k_max                  ? 
_reflns.limit_k_min                  ? 
_reflns.limit_l_max                  ? 
_reflns.limit_l_min                  ? 
_reflns.observed_criterion_F_max     ? 
_reflns.observed_criterion_F_min     ? 
_reflns.pdbx_chi_squared             ? 
_reflns.pdbx_scaling_rejects         ? 
_reflns.pdbx_diffrn_id               1 
_reflns.pdbx_ordinal                 1 
# 
_refine.entry_id                                 3BRL 
_refine.ls_d_res_high                            1.900 
_refine.ls_d_res_low                             30.570 
_refine.pdbx_ls_sigma_F                          0.00 
_refine.ls_percent_reflns_obs                    100.000 
_refine.ls_number_reflns_obs                     10090 
_refine.pdbx_ls_cross_valid_method               THROUGHOUT 
_refine.pdbx_R_Free_selection_details            RANDOM 
_refine.details                                  'HYDROGENS HAVE BEEN ADDED IN THE RIDING POSITIONS' 
_refine.ls_R_factor_obs                          0.194 
_refine.ls_R_factor_R_work                       0.191 
_refine.ls_R_factor_R_free                       0.254 
_refine.ls_percent_reflns_R_free                 4.800 
_refine.ls_number_reflns_R_free                  485 
_refine.B_iso_mean                               33.690 
_refine.aniso_B[1][1]                            0.090 
_refine.aniso_B[2][2]                            0.090 
_refine.aniso_B[3][3]                            -0.140 
_refine.aniso_B[1][2]                            0.050 
_refine.aniso_B[1][3]                            0.000 
_refine.aniso_B[2][3]                            0.000 
_refine.correlation_coeff_Fo_to_Fc               0.961 
_refine.correlation_coeff_Fo_to_Fc_free          0.921 
_refine.pdbx_overall_ESU_R                       0.140 
_refine.pdbx_overall_ESU_R_Free                  0.149 
_refine.overall_SU_ML                            0.110 
_refine.overall_SU_B                             7.728 
_refine.solvent_model_details                    MASK 
_refine.pdbx_solvent_vdw_probe_radii             1.400 
_refine.pdbx_solvent_ion_probe_radii             0.800 
_refine.pdbx_solvent_shrinkage_radii             0.800 
_refine.pdbx_method_to_determine_struct          ? 
_refine.pdbx_stereochemistry_target_values       'MAXIMUM LIKELIHOOD' 
_refine.pdbx_ls_sigma_I                          ? 
_refine.ls_number_reflns_all                     ? 
_refine.ls_R_factor_all                          ? 
_refine.ls_redundancy_reflns_obs                 ? 
_refine.pdbx_data_cutoff_high_absF               ? 
_refine.pdbx_data_cutoff_low_absF                ? 
_refine.ls_number_parameters                     ? 
_refine.ls_number_restraints                     ? 
_refine.ls_R_factor_R_free_error                 ? 
_refine.ls_R_factor_R_free_error_details         ? 
_refine.pdbx_starting_model                      ? 
_refine.pdbx_stereochem_target_val_spec_case     ? 
_refine.solvent_model_param_bsol                 ? 
_refine.solvent_model_param_ksol                 ? 
_refine.occupancy_max                            ? 
_refine.occupancy_min                            ? 
_refine.pdbx_isotropic_thermal_model             ? 
_refine.B_iso_min                                ? 
_refine.B_iso_max                                ? 
_refine.overall_SU_R_Cruickshank_DPI             ? 
_refine.overall_SU_R_free                        ? 
_refine.pdbx_data_cutoff_high_rms_absF           ? 
_refine.ls_wR_factor_R_free                      ? 
_refine.ls_wR_factor_R_work                      ? 
_refine.overall_FOM_free_R_set                   ? 
_refine.overall_FOM_work_R_set                   ? 
_refine.pdbx_overall_phase_error                 ? 
_refine.pdbx_refine_id                           'X-RAY DIFFRACTION' 
_refine.pdbx_diffrn_id                           1 
_refine.pdbx_TLS_residual_ADP_flag               ? 
_refine.pdbx_overall_SU_R_free_Cruickshank_DPI   ? 
_refine.pdbx_overall_SU_R_Blow_DPI               ? 
_refine.pdbx_overall_SU_R_free_Blow_DPI          ? 
# 
_refine_hist.pdbx_refine_id                   'X-RAY DIFFRACTION' 
_refine_hist.cycle_id                         LAST 
_refine_hist.pdbx_number_atoms_protein        801 
_refine_hist.pdbx_number_atoms_nucleic_acid   0 
_refine_hist.pdbx_number_atoms_ligand         0 
_refine_hist.number_atoms_solvent             79 
_refine_hist.number_atoms_total               880 
_refine_hist.d_res_high                       1.900 
_refine_hist.d_res_low                        30.570 
# 
loop_
_refine_ls_restr.type 
_refine_ls_restr.number 
_refine_ls_restr.dev_ideal 
_refine_ls_restr.dev_ideal_target 
_refine_ls_restr.weight 
_refine_ls_restr.pdbx_refine_id 
_refine_ls_restr.pdbx_restraint_function 
r_bond_refined_d         818  0.009  0.022  ? 'X-RAY DIFFRACTION' ? 
r_angle_refined_deg      1103 1.116  1.932  ? 'X-RAY DIFFRACTION' ? 
r_dihedral_angle_1_deg   100  5.900  5.000  ? 'X-RAY DIFFRACTION' ? 
r_dihedral_angle_2_deg   41   34.339 24.878 ? 'X-RAY DIFFRACTION' ? 
r_dihedral_angle_3_deg   149  13.456 15.000 ? 'X-RAY DIFFRACTION' ? 
r_dihedral_angle_4_deg   3    9.747  15.000 ? 'X-RAY DIFFRACTION' ? 
r_chiral_restr           119  0.075  0.200  ? 'X-RAY DIFFRACTION' ? 
r_gen_planes_refined     618  0.004  0.020  ? 'X-RAY DIFFRACTION' ? 
r_nbd_refined            399  0.212  0.300  ? 'X-RAY DIFFRACTION' ? 
r_nbtor_refined          565  0.314  0.500  ? 'X-RAY DIFFRACTION' ? 
r_xyhbond_nbd_refined    100  0.207  0.500  ? 'X-RAY DIFFRACTION' ? 
r_symmetry_vdw_refined   48   0.217  0.300  ? 'X-RAY DIFFRACTION' ? 
r_symmetry_hbond_refined 17   0.208  0.500  ? 'X-RAY DIFFRACTION' ? 
r_mcbond_it              502  4.410  2.000  ? 'X-RAY DIFFRACTION' ? 
r_mcangle_it             791  5.258  3.000  ? 'X-RAY DIFFRACTION' ? 
r_scbond_it              356  5.702  2.000  ? 'X-RAY DIFFRACTION' ? 
r_scangle_it             310  7.610  3.000  ? 'X-RAY DIFFRACTION' ? 
# 
_refine_ls_shell.d_res_high                       1.902 
_refine_ls_shell.d_res_low                        1.951 
_refine_ls_shell.pdbx_total_number_of_bins_used   20 
_refine_ls_shell.percent_reflns_obs               100.000 
_refine_ls_shell.number_reflns_R_work             685 
_refine_ls_shell.R_factor_all                     ? 
_refine_ls_shell.R_factor_R_work                  0.220 
_refine_ls_shell.R_factor_R_free                  0.273 
_refine_ls_shell.percent_reflns_R_free            ? 
_refine_ls_shell.number_reflns_R_free             34 
_refine_ls_shell.R_factor_R_free_error            ? 
_refine_ls_shell.number_reflns_all                719 
_refine_ls_shell.number_reflns_obs                ? 
_refine_ls_shell.redundancy_reflns_obs            ? 
_refine_ls_shell.pdbx_refine_id                   'X-RAY DIFFRACTION' 
# 
_struct.entry_id                  3BRL 
_struct.title                     'Crystal Structure of LC8 S88E / Swa' 
_struct.pdbx_model_details        ? 
_struct.pdbx_CASP_flag            ? 
_struct.pdbx_model_type_details   ? 
# 
_struct_keywords.entry_id        3BRL 
_struct_keywords.text            
;protein-peptide complex, Cytoplasm, Dynein, Microtubule, Motor protein, Cell cycle, Cell division, Developmental protein, Mitosis, Nucleus
;
_struct_keywords.pdbx_keywords   'MOTOR PROTEIN' 
# 
loop_
_struct_asym.id 
_struct_asym.pdbx_blank_PDB_chainid_flag 
_struct_asym.pdbx_modified 
_struct_asym.entity_id 
_struct_asym.details 
A N N 1 ? 
B N N 2 ? 
C N N 3 ? 
D N N 3 ? 
# 
loop_
_struct_ref.id 
_struct_ref.db_name 
_struct_ref.db_code 
_struct_ref.pdbx_db_accession 
_struct_ref.entity_id 
_struct_ref.pdbx_seq_one_letter_code 
_struct_ref.pdbx_align_begin 
_struct_ref.pdbx_db_isoform 
1 UNP DYL1_DROME Q24117 1 
;MSDRKAVIKNADMSEEMQQDAVDCATQALEKYNIEKDIAAYIKKEFDKKYNPTWHCIVGRNFGSYVTHETRHFIYFYLGQ
VAILLFKSG
;
1   ? 
2 UNP SWA_DROME  P40688 2 ATSAKATQTD                                                                                   287 ? 
# 
loop_
_struct_ref_seq.align_id 
_struct_ref_seq.ref_id 
_struct_ref_seq.pdbx_PDB_id_code 
_struct_ref_seq.pdbx_strand_id 
_struct_ref_seq.seq_align_beg 
_struct_ref_seq.pdbx_seq_align_beg_ins_code 
_struct_ref_seq.seq_align_end 
_struct_ref_seq.pdbx_seq_align_end_ins_code 
_struct_ref_seq.pdbx_db_accession 
_struct_ref_seq.db_align_beg 
_struct_ref_seq.pdbx_db_align_beg_ins_code 
_struct_ref_seq.db_align_end 
_struct_ref_seq.pdbx_db_align_end_ins_code 
_struct_ref_seq.pdbx_auth_seq_align_beg 
_struct_ref_seq.pdbx_auth_seq_align_end 
1 1 3BRL A 1 ? 89 ? Q24117 1   ? 89  ? 1   89  
2 2 3BRL C 1 ? 10 ? P40688 287 ? 296 ? 287 296 
# 
_struct_ref_seq_dif.align_id                     1 
_struct_ref_seq_dif.pdbx_pdb_id_code             3BRL 
_struct_ref_seq_dif.mon_id                       GLU 
_struct_ref_seq_dif.pdbx_pdb_strand_id           A 
_struct_ref_seq_dif.seq_num                      88 
_struct_ref_seq_dif.pdbx_pdb_ins_code            ? 
_struct_ref_seq_dif.pdbx_seq_db_name             UNP 
_struct_ref_seq_dif.pdbx_seq_db_accession_code   Q24117 
_struct_ref_seq_dif.db_mon_id                    SER 
_struct_ref_seq_dif.pdbx_seq_db_seq_num          88 
_struct_ref_seq_dif.details                      'engineered mutation' 
_struct_ref_seq_dif.pdbx_auth_seq_num            88 
_struct_ref_seq_dif.pdbx_ordinal                 1 
# 
_pdbx_struct_assembly.id                   1 
_pdbx_struct_assembly.details              author_and_software_defined_assembly 
_pdbx_struct_assembly.method_details       PISA 
_pdbx_struct_assembly.oligomeric_details   tetrameric 
_pdbx_struct_assembly.oligomeric_count     4 
# 
loop_
_pdbx_struct_assembly_prop.biol_id 
_pdbx_struct_assembly_prop.type 
_pdbx_struct_assembly_prop.value 
_pdbx_struct_assembly_prop.details 
1 'ABSA (A^2)' 4820 ? 
1 MORE         -20  ? 
1 'SSA (A^2)'  8470 ? 
# 
_pdbx_struct_assembly_gen.assembly_id       1 
_pdbx_struct_assembly_gen.oper_expression   1,2 
_pdbx_struct_assembly_gen.asym_id_list      A,B,C,D 
# 
loop_
_pdbx_struct_oper_list.id 
_pdbx_struct_oper_list.type 
_pdbx_struct_oper_list.name 
_pdbx_struct_oper_list.symmetry_operation 
_pdbx_struct_oper_list.matrix[1][1] 
_pdbx_struct_oper_list.matrix[1][2] 
_pdbx_struct_oper_list.matrix[1][3] 
_pdbx_struct_oper_list.vector[1] 
_pdbx_struct_oper_list.matrix[2][1] 
_pdbx_struct_oper_list.matrix[2][2] 
_pdbx_struct_oper_list.matrix[2][3] 
_pdbx_struct_oper_list.vector[2] 
_pdbx_struct_oper_list.matrix[3][1] 
_pdbx_struct_oper_list.matrix[3][2] 
_pdbx_struct_oper_list.matrix[3][3] 
_pdbx_struct_oper_list.vector[3] 
1 'identity operation'         1_555  x,y,z        1.0000000000  0.0000000000  0.0000000000  0.0000000000   0.0000000000  1.0000000000  0.0000000000 0.0000000000  0.0000000000  0.0000000000 1.0000000000 0.0000000000  
2 'crystal symmetry operation' 10_554 -y,-x,-z-1/6 -0.3536986256 -0.4246124556 -0.8334275882 -16.0651457389 -0.4246124556 -0.7210345752 0.5475521928 -6.6169722535 -0.8334275882 0.5475521928 0.0747332008 -9.0869045392 
# 
_struct_biol.id        1 
_struct_biol.details   
;The biological assembly is a dimer generated from the monomer in the
                        asymmetric unit by the operations: -y, -x, -z - 1/6
;
# 
loop_
_struct_conf.conf_type_id 
_struct_conf.id 
_struct_conf.pdbx_PDB_helix_id 
_struct_conf.beg_label_comp_id 
_struct_conf.beg_label_asym_id 
_struct_conf.beg_label_seq_id 
_struct_conf.pdbx_beg_PDB_ins_code 
_struct_conf.end_label_comp_id 
_struct_conf.end_label_asym_id 
_struct_conf.end_label_seq_id 
_struct_conf.pdbx_end_PDB_ins_code 
_struct_conf.beg_auth_comp_id 
_struct_conf.beg_auth_asym_id 
_struct_conf.beg_auth_seq_id 
_struct_conf.end_auth_comp_id 
_struct_conf.end_auth_asym_id 
_struct_conf.end_auth_seq_id 
_struct_conf.pdbx_PDB_helix_class 
_struct_conf.details 
_struct_conf.pdbx_PDB_helix_length 
HELX_P HELX_P1 1 SER A 14 ? TYR A 32 ? SER A 14 TYR A 32 1 ? 19 
HELX_P HELX_P2 2 ILE A 34 ? ASN A 51 ? ILE A 34 ASN A 51 1 ? 18 
# 
_struct_conf_type.id          HELX_P 
_struct_conf_type.criteria    ? 
_struct_conf_type.reference   ? 
# 
_struct_mon_prot_cis.pdbx_id                1 
_struct_mon_prot_cis.label_comp_id          PRO 
_struct_mon_prot_cis.label_seq_id           52 
_struct_mon_prot_cis.label_asym_id          A 
_struct_mon_prot_cis.label_alt_id           . 
_struct_mon_prot_cis.pdbx_PDB_ins_code      ? 
_struct_mon_prot_cis.auth_comp_id           PRO 
_struct_mon_prot_cis.auth_seq_id            52 
_struct_mon_prot_cis.auth_asym_id           A 
_struct_mon_prot_cis.pdbx_label_comp_id_2   THR 
_struct_mon_prot_cis.pdbx_label_seq_id_2    53 
_struct_mon_prot_cis.pdbx_label_asym_id_2   A 
_struct_mon_prot_cis.pdbx_PDB_ins_code_2    ? 
_struct_mon_prot_cis.pdbx_auth_comp_id_2    THR 
_struct_mon_prot_cis.pdbx_auth_seq_id_2     53 
_struct_mon_prot_cis.pdbx_auth_asym_id_2    A 
_struct_mon_prot_cis.pdbx_PDB_model_num     1 
_struct_mon_prot_cis.pdbx_omega_angle       7.89 
# 
loop_
_struct_sheet.id 
_struct_sheet.type 
_struct_sheet.number_strands 
_struct_sheet.details 
A ? 4 ? 
B ? 2 ? 
# 
loop_
_struct_sheet_order.sheet_id 
_struct_sheet_order.range_id_1 
_struct_sheet_order.range_id_2 
_struct_sheet_order.offset 
_struct_sheet_order.sense 
A 1 2 ? anti-parallel 
A 2 3 ? anti-parallel 
A 3 4 ? anti-parallel 
B 1 2 ? anti-parallel 
# 
loop_
_struct_sheet_range.sheet_id 
_struct_sheet_range.id 
_struct_sheet_range.beg_label_comp_id 
_struct_sheet_range.beg_label_asym_id 
_struct_sheet_range.beg_label_seq_id 
_struct_sheet_range.pdbx_beg_PDB_ins_code 
_struct_sheet_range.end_label_comp_id 
_struct_sheet_range.end_label_asym_id 
_struct_sheet_range.end_label_seq_id 
_struct_sheet_range.pdbx_end_PDB_ins_code 
_struct_sheet_range.beg_auth_comp_id 
_struct_sheet_range.beg_auth_asym_id 
_struct_sheet_range.beg_auth_seq_id 
_struct_sheet_range.end_auth_comp_id 
_struct_sheet_range.end_auth_asym_id 
_struct_sheet_range.end_auth_seq_id 
A 1 ALA A 6  ? MET A 13 ? ALA A 6   MET A 13  
A 2 HIS A 72 ? LEU A 78 ? HIS A 72  LEU A 78  
A 3 VAL A 81 ? LYS A 87 ? VAL A 81  LYS A 87  
A 4 TRP A 54 ? GLY A 59 ? TRP A 54  GLY A 59  
B 1 GLY A 63 ? GLU A 69 ? GLY A 63  GLU A 69  
B 2 THR B 2  ? GLN B 8  ? THR C 288 GLN C 294 
# 
loop_
_pdbx_struct_sheet_hbond.sheet_id 
_pdbx_struct_sheet_hbond.range_id_1 
_pdbx_struct_sheet_hbond.range_id_2 
_pdbx_struct_sheet_hbond.range_1_label_atom_id 
_pdbx_struct_sheet_hbond.range_1_label_comp_id 
_pdbx_struct_sheet_hbond.range_1_label_asym_id 
_pdbx_struct_sheet_hbond.range_1_label_seq_id 
_pdbx_struct_sheet_hbond.range_1_PDB_ins_code 
_pdbx_struct_sheet_hbond.range_1_auth_atom_id 
_pdbx_struct_sheet_hbond.range_1_auth_comp_id 
_pdbx_struct_sheet_hbond.range_1_auth_asym_id 
_pdbx_struct_sheet_hbond.range_1_auth_seq_id 
_pdbx_struct_sheet_hbond.range_2_label_atom_id 
_pdbx_struct_sheet_hbond.range_2_label_comp_id 
_pdbx_struct_sheet_hbond.range_2_label_asym_id 
_pdbx_struct_sheet_hbond.range_2_label_seq_id 
_pdbx_struct_sheet_hbond.range_2_PDB_ins_code 
_pdbx_struct_sheet_hbond.range_2_auth_atom_id 
_pdbx_struct_sheet_hbond.range_2_auth_comp_id 
_pdbx_struct_sheet_hbond.range_2_auth_asym_id 
_pdbx_struct_sheet_hbond.range_2_auth_seq_id 
A 1 2 N ASP A 12 ? N ASP A 12 O PHE A 73 ? O PHE A 73  
A 2 3 N PHE A 76 ? N PHE A 76 O ILE A 83 ? O ILE A 83  
A 3 4 O LEU A 84 ? O LEU A 84 N ILE A 57 ? N ILE A 57  
B 1 2 N VAL A 66 ? N VAL A 66 O LYS B 5  ? O LYS C 291 
# 
_pdbx_validate_close_contact.id               1 
_pdbx_validate_close_contact.PDB_model_num    1 
_pdbx_validate_close_contact.auth_atom_id_1   O 
_pdbx_validate_close_contact.auth_asym_id_1   A 
_pdbx_validate_close_contact.auth_comp_id_1   HOH 
_pdbx_validate_close_contact.auth_seq_id_1    96 
_pdbx_validate_close_contact.PDB_ins_code_1   ? 
_pdbx_validate_close_contact.label_alt_id_1   ? 
_pdbx_validate_close_contact.auth_atom_id_2   O 
_pdbx_validate_close_contact.auth_asym_id_2   A 
_pdbx_validate_close_contact.auth_comp_id_2   HOH 
_pdbx_validate_close_contact.auth_seq_id_2    99 
_pdbx_validate_close_contact.PDB_ins_code_2   ? 
_pdbx_validate_close_contact.label_alt_id_2   ? 
_pdbx_validate_close_contact.dist             2.04 
# 
loop_
_pdbx_validate_torsion.id 
_pdbx_validate_torsion.PDB_model_num 
_pdbx_validate_torsion.auth_comp_id 
_pdbx_validate_torsion.auth_asym_id 
_pdbx_validate_torsion.auth_seq_id 
_pdbx_validate_torsion.PDB_ins_code 
_pdbx_validate_torsion.label_alt_id 
_pdbx_validate_torsion.phi 
_pdbx_validate_torsion.psi 
1 1 MET A 13 ? ? -174.75 145.20 
2 1 ASN A 51 ? ? 76.27   146.03 
# 
_pdbx_unobs_or_zero_occ_residues.id               1 
_pdbx_unobs_or_zero_occ_residues.PDB_model_num    1 
_pdbx_unobs_or_zero_occ_residues.polymer_flag     Y 
_pdbx_unobs_or_zero_occ_residues.occupancy_flag   1 
_pdbx_unobs_or_zero_occ_residues.auth_asym_id     A 
_pdbx_unobs_or_zero_occ_residues.auth_comp_id     MET 
_pdbx_unobs_or_zero_occ_residues.auth_seq_id      1 
_pdbx_unobs_or_zero_occ_residues.PDB_ins_code     ? 
_pdbx_unobs_or_zero_occ_residues.label_asym_id    A 
_pdbx_unobs_or_zero_occ_residues.label_comp_id    MET 
_pdbx_unobs_or_zero_occ_residues.label_seq_id     1 
# 
loop_
_chem_comp_atom.comp_id 
_chem_comp_atom.atom_id 
_chem_comp_atom.type_symbol 
_chem_comp_atom.pdbx_aromatic_flag 
_chem_comp_atom.pdbx_stereo_config 
_chem_comp_atom.pdbx_ordinal 
ALA N    N N N 1   
ALA CA   C N S 2   
ALA C    C N N 3   
ALA O    O N N 4   
ALA CB   C N N 5   
ALA OXT  O N N 6   
ALA H    H N N 7   
ALA H2   H N N 8   
ALA HA   H N N 9   
ALA HB1  H N N 10  
ALA HB2  H N N 11  
ALA HB3  H N N 12  
ALA HXT  H N N 13  
ARG N    N N N 14  
ARG CA   C N S 15  
ARG C    C N N 16  
ARG O    O N N 17  
ARG CB   C N N 18  
ARG CG   C N N 19  
ARG CD   C N N 20  
ARG NE   N N N 21  
ARG CZ   C N N 22  
ARG NH1  N N N 23  
ARG NH2  N N N 24  
ARG OXT  O N N 25  
ARG H    H N N 26  
ARG H2   H N N 27  
ARG HA   H N N 28  
ARG HB2  H N N 29  
ARG HB3  H N N 30  
ARG HG2  H N N 31  
ARG HG3  H N N 32  
ARG HD2  H N N 33  
ARG HD3  H N N 34  
ARG HE   H N N 35  
ARG HH11 H N N 36  
ARG HH12 H N N 37  
ARG HH21 H N N 38  
ARG HH22 H N N 39  
ARG HXT  H N N 40  
ASN N    N N N 41  
ASN CA   C N S 42  
ASN C    C N N 43  
ASN O    O N N 44  
ASN CB   C N N 45  
ASN CG   C N N 46  
ASN OD1  O N N 47  
ASN ND2  N N N 48  
ASN OXT  O N N 49  
ASN H    H N N 50  
ASN H2   H N N 51  
ASN HA   H N N 52  
ASN HB2  H N N 53  
ASN HB3  H N N 54  
ASN HD21 H N N 55  
ASN HD22 H N N 56  
ASN HXT  H N N 57  
ASP N    N N N 58  
ASP CA   C N S 59  
ASP C    C N N 60  
ASP O    O N N 61  
ASP CB   C N N 62  
ASP CG   C N N 63  
ASP OD1  O N N 64  
ASP OD2  O N N 65  
ASP OXT  O N N 66  
ASP H    H N N 67  
ASP H2   H N N 68  
ASP HA   H N N 69  
ASP HB2  H N N 70  
ASP HB3  H N N 71  
ASP HD2  H N N 72  
ASP HXT  H N N 73  
CYS N    N N N 74  
CYS CA   C N R 75  
CYS C    C N N 76  
CYS O    O N N 77  
CYS CB   C N N 78  
CYS SG   S N N 79  
CYS OXT  O N N 80  
CYS H    H N N 81  
CYS H2   H N N 82  
CYS HA   H N N 83  
CYS HB2  H N N 84  
CYS HB3  H N N 85  
CYS HG   H N N 86  
CYS HXT  H N N 87  
GLN N    N N N 88  
GLN CA   C N S 89  
GLN C    C N N 90  
GLN O    O N N 91  
GLN CB   C N N 92  
GLN CG   C N N 93  
GLN CD   C N N 94  
GLN OE1  O N N 95  
GLN NE2  N N N 96  
GLN OXT  O N N 97  
GLN H    H N N 98  
GLN H2   H N N 99  
GLN HA   H N N 100 
GLN HB2  H N N 101 
GLN HB3  H N N 102 
GLN HG2  H N N 103 
GLN HG3  H N N 104 
GLN HE21 H N N 105 
GLN HE22 H N N 106 
GLN HXT  H N N 107 
GLU N    N N N 108 
GLU CA   C N S 109 
GLU C    C N N 110 
GLU O    O N N 111 
GLU CB   C N N 112 
GLU CG   C N N 113 
GLU CD   C N N 114 
GLU OE1  O N N 115 
GLU OE2  O N N 116 
GLU OXT  O N N 117 
GLU H    H N N 118 
GLU H2   H N N 119 
GLU HA   H N N 120 
GLU HB2  H N N 121 
GLU HB3  H N N 122 
GLU HG2  H N N 123 
GLU HG3  H N N 124 
GLU HE2  H N N 125 
GLU HXT  H N N 126 
GLY N    N N N 127 
GLY CA   C N N 128 
GLY C    C N N 129 
GLY O    O N N 130 
GLY OXT  O N N 131 
GLY H    H N N 132 
GLY H2   H N N 133 
GLY HA2  H N N 134 
GLY HA3  H N N 135 
GLY HXT  H N N 136 
HIS N    N N N 137 
HIS CA   C N S 138 
HIS C    C N N 139 
HIS O    O N N 140 
HIS CB   C N N 141 
HIS CG   C Y N 142 
HIS ND1  N Y N 143 
HIS CD2  C Y N 144 
HIS CE1  C Y N 145 
HIS NE2  N Y N 146 
HIS OXT  O N N 147 
HIS H    H N N 148 
HIS H2   H N N 149 
HIS HA   H N N 150 
HIS HB2  H N N 151 
HIS HB3  H N N 152 
HIS HD1  H N N 153 
HIS HD2  H N N 154 
HIS HE1  H N N 155 
HIS HE2  H N N 156 
HIS HXT  H N N 157 
HOH O    O N N 158 
HOH H1   H N N 159 
HOH H2   H N N 160 
ILE N    N N N 161 
ILE CA   C N S 162 
ILE C    C N N 163 
ILE O    O N N 164 
ILE CB   C N S 165 
ILE CG1  C N N 166 
ILE CG2  C N N 167 
ILE CD1  C N N 168 
ILE OXT  O N N 169 
ILE H    H N N 170 
ILE H2   H N N 171 
ILE HA   H N N 172 
ILE HB   H N N 173 
ILE HG12 H N N 174 
ILE HG13 H N N 175 
ILE HG21 H N N 176 
ILE HG22 H N N 177 
ILE HG23 H N N 178 
ILE HD11 H N N 179 
ILE HD12 H N N 180 
ILE HD13 H N N 181 
ILE HXT  H N N 182 
LEU N    N N N 183 
LEU CA   C N S 184 
LEU C    C N N 185 
LEU O    O N N 186 
LEU CB   C N N 187 
LEU CG   C N N 188 
LEU CD1  C N N 189 
LEU CD2  C N N 190 
LEU OXT  O N N 191 
LEU H    H N N 192 
LEU H2   H N N 193 
LEU HA   H N N 194 
LEU HB2  H N N 195 
LEU HB3  H N N 196 
LEU HG   H N N 197 
LEU HD11 H N N 198 
LEU HD12 H N N 199 
LEU HD13 H N N 200 
LEU HD21 H N N 201 
LEU HD22 H N N 202 
LEU HD23 H N N 203 
LEU HXT  H N N 204 
LYS N    N N N 205 
LYS CA   C N S 206 
LYS C    C N N 207 
LYS O    O N N 208 
LYS CB   C N N 209 
LYS CG   C N N 210 
LYS CD   C N N 211 
LYS CE   C N N 212 
LYS NZ   N N N 213 
LYS OXT  O N N 214 
LYS H    H N N 215 
LYS H2   H N N 216 
LYS HA   H N N 217 
LYS HB2  H N N 218 
LYS HB3  H N N 219 
LYS HG2  H N N 220 
LYS HG3  H N N 221 
LYS HD2  H N N 222 
LYS HD3  H N N 223 
LYS HE2  H N N 224 
LYS HE3  H N N 225 
LYS HZ1  H N N 226 
LYS HZ2  H N N 227 
LYS HZ3  H N N 228 
LYS HXT  H N N 229 
MET N    N N N 230 
MET CA   C N S 231 
MET C    C N N 232 
MET O    O N N 233 
MET CB   C N N 234 
MET CG   C N N 235 
MET SD   S N N 236 
MET CE   C N N 237 
MET OXT  O N N 238 
MET H    H N N 239 
MET H2   H N N 240 
MET HA   H N N 241 
MET HB2  H N N 242 
MET HB3  H N N 243 
MET HG2  H N N 244 
MET HG3  H N N 245 
MET HE1  H N N 246 
MET HE2  H N N 247 
MET HE3  H N N 248 
MET HXT  H N N 249 
PHE N    N N N 250 
PHE CA   C N S 251 
PHE C    C N N 252 
PHE O    O N N 253 
PHE CB   C N N 254 
PHE CG   C Y N 255 
PHE CD1  C Y N 256 
PHE CD2  C Y N 257 
PHE CE1  C Y N 258 
PHE CE2  C Y N 259 
PHE CZ   C Y N 260 
PHE OXT  O N N 261 
PHE H    H N N 262 
PHE H2   H N N 263 
PHE HA   H N N 264 
PHE HB2  H N N 265 
PHE HB3  H N N 266 
PHE HD1  H N N 267 
PHE HD2  H N N 268 
PHE HE1  H N N 269 
PHE HE2  H N N 270 
PHE HZ   H N N 271 
PHE HXT  H N N 272 
PRO N    N N N 273 
PRO CA   C N S 274 
PRO C    C N N 275 
PRO O    O N N 276 
PRO CB   C N N 277 
PRO CG   C N N 278 
PRO CD   C N N 279 
PRO OXT  O N N 280 
PRO H    H N N 281 
PRO HA   H N N 282 
PRO HB2  H N N 283 
PRO HB3  H N N 284 
PRO HG2  H N N 285 
PRO HG3  H N N 286 
PRO HD2  H N N 287 
PRO HD3  H N N 288 
PRO HXT  H N N 289 
SER N    N N N 290 
SER CA   C N S 291 
SER C    C N N 292 
SER O    O N N 293 
SER CB   C N N 294 
SER OG   O N N 295 
SER OXT  O N N 296 
SER H    H N N 297 
SER H2   H N N 298 
SER HA   H N N 299 
SER HB2  H N N 300 
SER HB3  H N N 301 
SER HG   H N N 302 
SER HXT  H N N 303 
THR N    N N N 304 
THR CA   C N S 305 
THR C    C N N 306 
THR O    O N N 307 
THR CB   C N R 308 
THR OG1  O N N 309 
THR CG2  C N N 310 
THR OXT  O N N 311 
THR H    H N N 312 
THR H2   H N N 313 
THR HA   H N N 314 
THR HB   H N N 315 
THR HG1  H N N 316 
THR HG21 H N N 317 
THR HG22 H N N 318 
THR HG23 H N N 319 
THR HXT  H N N 320 
TRP N    N N N 321 
TRP CA   C N S 322 
TRP C    C N N 323 
TRP O    O N N 324 
TRP CB   C N N 325 
TRP CG   C Y N 326 
TRP CD1  C Y N 327 
TRP CD2  C Y N 328 
TRP NE1  N Y N 329 
TRP CE2  C Y N 330 
TRP CE3  C Y N 331 
TRP CZ2  C Y N 332 
TRP CZ3  C Y N 333 
TRP CH2  C Y N 334 
TRP OXT  O N N 335 
TRP H    H N N 336 
TRP H2   H N N 337 
TRP HA   H N N 338 
TRP HB2  H N N 339 
TRP HB3  H N N 340 
TRP HD1  H N N 341 
TRP HE1  H N N 342 
TRP HE3  H N N 343 
TRP HZ2  H N N 344 
TRP HZ3  H N N 345 
TRP HH2  H N N 346 
TRP HXT  H N N 347 
TYR N    N N N 348 
TYR CA   C N S 349 
TYR C    C N N 350 
TYR O    O N N 351 
TYR CB   C N N 352 
TYR CG   C Y N 353 
TYR CD1  C Y N 354 
TYR CD2  C Y N 355 
TYR CE1  C Y N 356 
TYR CE2  C Y N 357 
TYR CZ   C Y N 358 
TYR OH   O N N 359 
TYR OXT  O N N 360 
TYR H    H N N 361 
TYR H2   H N N 362 
TYR HA   H N N 363 
TYR HB2  H N N 364 
TYR HB3  H N N 365 
TYR HD1  H N N 366 
TYR HD2  H N N 367 
TYR HE1  H N N 368 
TYR HE2  H N N 369 
TYR HH   H N N 370 
TYR HXT  H N N 371 
VAL N    N N N 372 
VAL CA   C N S 373 
VAL C    C N N 374 
VAL O    O N N 375 
VAL CB   C N N 376 
VAL CG1  C N N 377 
VAL CG2  C N N 378 
VAL OXT  O N N 379 
VAL H    H N N 380 
VAL H2   H N N 381 
VAL HA   H N N 382 
VAL HB   H N N 383 
VAL HG11 H N N 384 
VAL HG12 H N N 385 
VAL HG13 H N N 386 
VAL HG21 H N N 387 
VAL HG22 H N N 388 
VAL HG23 H N N 389 
VAL HXT  H N N 390 
# 
loop_
_chem_comp_bond.comp_id 
_chem_comp_bond.atom_id_1 
_chem_comp_bond.atom_id_2 
_chem_comp_bond.value_order 
_chem_comp_bond.pdbx_aromatic_flag 
_chem_comp_bond.pdbx_stereo_config 
_chem_comp_bond.pdbx_ordinal 
ALA N   CA   sing N N 1   
ALA N   H    sing N N 2   
ALA N   H2   sing N N 3   
ALA CA  C    sing N N 4   
ALA CA  CB   sing N N 5   
ALA CA  HA   sing N N 6   
ALA C   O    doub N N 7   
ALA C   OXT  sing N N 8   
ALA CB  HB1  sing N N 9   
ALA CB  HB2  sing N N 10  
ALA CB  HB3  sing N N 11  
ALA OXT HXT  sing N N 12  
ARG N   CA   sing N N 13  
ARG N   H    sing N N 14  
ARG N   H2   sing N N 15  
ARG CA  C    sing N N 16  
ARG CA  CB   sing N N 17  
ARG CA  HA   sing N N 18  
ARG C   O    doub N N 19  
ARG C   OXT  sing N N 20  
ARG CB  CG   sing N N 21  
ARG CB  HB2  sing N N 22  
ARG CB  HB3  sing N N 23  
ARG CG  CD   sing N N 24  
ARG CG  HG2  sing N N 25  
ARG CG  HG3  sing N N 26  
ARG CD  NE   sing N N 27  
ARG CD  HD2  sing N N 28  
ARG CD  HD3  sing N N 29  
ARG NE  CZ   sing N N 30  
ARG NE  HE   sing N N 31  
ARG CZ  NH1  sing N N 32  
ARG CZ  NH2  doub N N 33  
ARG NH1 HH11 sing N N 34  
ARG NH1 HH12 sing N N 35  
ARG NH2 HH21 sing N N 36  
ARG NH2 HH22 sing N N 37  
ARG OXT HXT  sing N N 38  
ASN N   CA   sing N N 39  
ASN N   H    sing N N 40  
ASN N   H2   sing N N 41  
ASN CA  C    sing N N 42  
ASN CA  CB   sing N N 43  
ASN CA  HA   sing N N 44  
ASN C   O    doub N N 45  
ASN C   OXT  sing N N 46  
ASN CB  CG   sing N N 47  
ASN CB  HB2  sing N N 48  
ASN CB  HB3  sing N N 49  
ASN CG  OD1  doub N N 50  
ASN CG  ND2  sing N N 51  
ASN ND2 HD21 sing N N 52  
ASN ND2 HD22 sing N N 53  
ASN OXT HXT  sing N N 54  
ASP N   CA   sing N N 55  
ASP N   H    sing N N 56  
ASP N   H2   sing N N 57  
ASP CA  C    sing N N 58  
ASP CA  CB   sing N N 59  
ASP CA  HA   sing N N 60  
ASP C   O    doub N N 61  
ASP C   OXT  sing N N 62  
ASP CB  CG   sing N N 63  
ASP CB  HB2  sing N N 64  
ASP CB  HB3  sing N N 65  
ASP CG  OD1  doub N N 66  
ASP CG  OD2  sing N N 67  
ASP OD2 HD2  sing N N 68  
ASP OXT HXT  sing N N 69  
CYS N   CA   sing N N 70  
CYS N   H    sing N N 71  
CYS N   H2   sing N N 72  
CYS CA  C    sing N N 73  
CYS CA  CB   sing N N 74  
CYS CA  HA   sing N N 75  
CYS C   O    doub N N 76  
CYS C   OXT  sing N N 77  
CYS CB  SG   sing N N 78  
CYS CB  HB2  sing N N 79  
CYS CB  HB3  sing N N 80  
CYS SG  HG   sing N N 81  
CYS OXT HXT  sing N N 82  
GLN N   CA   sing N N 83  
GLN N   H    sing N N 84  
GLN N   H2   sing N N 85  
GLN CA  C    sing N N 86  
GLN CA  CB   sing N N 87  
GLN CA  HA   sing N N 88  
GLN C   O    doub N N 89  
GLN C   OXT  sing N N 90  
GLN CB  CG   sing N N 91  
GLN CB  HB2  sing N N 92  
GLN CB  HB3  sing N N 93  
GLN CG  CD   sing N N 94  
GLN CG  HG2  sing N N 95  
GLN CG  HG3  sing N N 96  
GLN CD  OE1  doub N N 97  
GLN CD  NE2  sing N N 98  
GLN NE2 HE21 sing N N 99  
GLN NE2 HE22 sing N N 100 
GLN OXT HXT  sing N N 101 
GLU N   CA   sing N N 102 
GLU N   H    sing N N 103 
GLU N   H2   sing N N 104 
GLU CA  C    sing N N 105 
GLU CA  CB   sing N N 106 
GLU CA  HA   sing N N 107 
GLU C   O    doub N N 108 
GLU C   OXT  sing N N 109 
GLU CB  CG   sing N N 110 
GLU CB  HB2  sing N N 111 
GLU CB  HB3  sing N N 112 
GLU CG  CD   sing N N 113 
GLU CG  HG2  sing N N 114 
GLU CG  HG3  sing N N 115 
GLU CD  OE1  doub N N 116 
GLU CD  OE2  sing N N 117 
GLU OE2 HE2  sing N N 118 
GLU OXT HXT  sing N N 119 
GLY N   CA   sing N N 120 
GLY N   H    sing N N 121 
GLY N   H2   sing N N 122 
GLY CA  C    sing N N 123 
GLY CA  HA2  sing N N 124 
GLY CA  HA3  sing N N 125 
GLY C   O    doub N N 126 
GLY C   OXT  sing N N 127 
GLY OXT HXT  sing N N 128 
HIS N   CA   sing N N 129 
HIS N   H    sing N N 130 
HIS N   H2   sing N N 131 
HIS CA  C    sing N N 132 
HIS CA  CB   sing N N 133 
HIS CA  HA   sing N N 134 
HIS C   O    doub N N 135 
HIS C   OXT  sing N N 136 
HIS CB  CG   sing N N 137 
HIS CB  HB2  sing N N 138 
HIS CB  HB3  sing N N 139 
HIS CG  ND1  sing Y N 140 
HIS CG  CD2  doub Y N 141 
HIS ND1 CE1  doub Y N 142 
HIS ND1 HD1  sing N N 143 
HIS CD2 NE2  sing Y N 144 
HIS CD2 HD2  sing N N 145 
HIS CE1 NE2  sing Y N 146 
HIS CE1 HE1  sing N N 147 
HIS NE2 HE2  sing N N 148 
HIS OXT HXT  sing N N 149 
HOH O   H1   sing N N 150 
HOH O   H2   sing N N 151 
ILE N   CA   sing N N 152 
ILE N   H    sing N N 153 
ILE N   H2   sing N N 154 
ILE CA  C    sing N N 155 
ILE CA  CB   sing N N 156 
ILE CA  HA   sing N N 157 
ILE C   O    doub N N 158 
ILE C   OXT  sing N N 159 
ILE CB  CG1  sing N N 160 
ILE CB  CG2  sing N N 161 
ILE CB  HB   sing N N 162 
ILE CG1 CD1  sing N N 163 
ILE CG1 HG12 sing N N 164 
ILE CG1 HG13 sing N N 165 
ILE CG2 HG21 sing N N 166 
ILE CG2 HG22 sing N N 167 
ILE CG2 HG23 sing N N 168 
ILE CD1 HD11 sing N N 169 
ILE CD1 HD12 sing N N 170 
ILE CD1 HD13 sing N N 171 
ILE OXT HXT  sing N N 172 
LEU N   CA   sing N N 173 
LEU N   H    sing N N 174 
LEU N   H2   sing N N 175 
LEU CA  C    sing N N 176 
LEU CA  CB   sing N N 177 
LEU CA  HA   sing N N 178 
LEU C   O    doub N N 179 
LEU C   OXT  sing N N 180 
LEU CB  CG   sing N N 181 
LEU CB  HB2  sing N N 182 
LEU CB  HB3  sing N N 183 
LEU CG  CD1  sing N N 184 
LEU CG  CD2  sing N N 185 
LEU CG  HG   sing N N 186 
LEU CD1 HD11 sing N N 187 
LEU CD1 HD12 sing N N 188 
LEU CD1 HD13 sing N N 189 
LEU CD2 HD21 sing N N 190 
LEU CD2 HD22 sing N N 191 
LEU CD2 HD23 sing N N 192 
LEU OXT HXT  sing N N 193 
LYS N   CA   sing N N 194 
LYS N   H    sing N N 195 
LYS N   H2   sing N N 196 
LYS CA  C    sing N N 197 
LYS CA  CB   sing N N 198 
LYS CA  HA   sing N N 199 
LYS C   O    doub N N 200 
LYS C   OXT  sing N N 201 
LYS CB  CG   sing N N 202 
LYS CB  HB2  sing N N 203 
LYS CB  HB3  sing N N 204 
LYS CG  CD   sing N N 205 
LYS CG  HG2  sing N N 206 
LYS CG  HG3  sing N N 207 
LYS CD  CE   sing N N 208 
LYS CD  HD2  sing N N 209 
LYS CD  HD3  sing N N 210 
LYS CE  NZ   sing N N 211 
LYS CE  HE2  sing N N 212 
LYS CE  HE3  sing N N 213 
LYS NZ  HZ1  sing N N 214 
LYS NZ  HZ2  sing N N 215 
LYS NZ  HZ3  sing N N 216 
LYS OXT HXT  sing N N 217 
MET N   CA   sing N N 218 
MET N   H    sing N N 219 
MET N   H2   sing N N 220 
MET CA  C    sing N N 221 
MET CA  CB   sing N N 222 
MET CA  HA   sing N N 223 
MET C   O    doub N N 224 
MET C   OXT  sing N N 225 
MET CB  CG   sing N N 226 
MET CB  HB2  sing N N 227 
MET CB  HB3  sing N N 228 
MET CG  SD   sing N N 229 
MET CG  HG2  sing N N 230 
MET CG  HG3  sing N N 231 
MET SD  CE   sing N N 232 
MET CE  HE1  sing N N 233 
MET CE  HE2  sing N N 234 
MET CE  HE3  sing N N 235 
MET OXT HXT  sing N N 236 
PHE N   CA   sing N N 237 
PHE N   H    sing N N 238 
PHE N   H2   sing N N 239 
PHE CA  C    sing N N 240 
PHE CA  CB   sing N N 241 
PHE CA  HA   sing N N 242 
PHE C   O    doub N N 243 
PHE C   OXT  sing N N 244 
PHE CB  CG   sing N N 245 
PHE CB  HB2  sing N N 246 
PHE CB  HB3  sing N N 247 
PHE CG  CD1  doub Y N 248 
PHE CG  CD2  sing Y N 249 
PHE CD1 CE1  sing Y N 250 
PHE CD1 HD1  sing N N 251 
PHE CD2 CE2  doub Y N 252 
PHE CD2 HD2  sing N N 253 
PHE CE1 CZ   doub Y N 254 
PHE CE1 HE1  sing N N 255 
PHE CE2 CZ   sing Y N 256 
PHE CE2 HE2  sing N N 257 
PHE CZ  HZ   sing N N 258 
PHE OXT HXT  sing N N 259 
PRO N   CA   sing N N 260 
PRO N   CD   sing N N 261 
PRO N   H    sing N N 262 
PRO CA  C    sing N N 263 
PRO CA  CB   sing N N 264 
PRO CA  HA   sing N N 265 
PRO C   O    doub N N 266 
PRO C   OXT  sing N N 267 
PRO CB  CG   sing N N 268 
PRO CB  HB2  sing N N 269 
PRO CB  HB3  sing N N 270 
PRO CG  CD   sing N N 271 
PRO CG  HG2  sing N N 272 
PRO CG  HG3  sing N N 273 
PRO CD  HD2  sing N N 274 
PRO CD  HD3  sing N N 275 
PRO OXT HXT  sing N N 276 
SER N   CA   sing N N 277 
SER N   H    sing N N 278 
SER N   H2   sing N N 279 
SER CA  C    sing N N 280 
SER CA  CB   sing N N 281 
SER CA  HA   sing N N 282 
SER C   O    doub N N 283 
SER C   OXT  sing N N 284 
SER CB  OG   sing N N 285 
SER CB  HB2  sing N N 286 
SER CB  HB3  sing N N 287 
SER OG  HG   sing N N 288 
SER OXT HXT  sing N N 289 
THR N   CA   sing N N 290 
THR N   H    sing N N 291 
THR N   H2   sing N N 292 
THR CA  C    sing N N 293 
THR CA  CB   sing N N 294 
THR CA  HA   sing N N 295 
THR C   O    doub N N 296 
THR C   OXT  sing N N 297 
THR CB  OG1  sing N N 298 
THR CB  CG2  sing N N 299 
THR CB  HB   sing N N 300 
THR OG1 HG1  sing N N 301 
THR CG2 HG21 sing N N 302 
THR CG2 HG22 sing N N 303 
THR CG2 HG23 sing N N 304 
THR OXT HXT  sing N N 305 
TRP N   CA   sing N N 306 
TRP N   H    sing N N 307 
TRP N   H2   sing N N 308 
TRP CA  C    sing N N 309 
TRP CA  CB   sing N N 310 
TRP CA  HA   sing N N 311 
TRP C   O    doub N N 312 
TRP C   OXT  sing N N 313 
TRP CB  CG   sing N N 314 
TRP CB  HB2  sing N N 315 
TRP CB  HB3  sing N N 316 
TRP CG  CD1  doub Y N 317 
TRP CG  CD2  sing Y N 318 
TRP CD1 NE1  sing Y N 319 
TRP CD1 HD1  sing N N 320 
TRP CD2 CE2  doub Y N 321 
TRP CD2 CE3  sing Y N 322 
TRP NE1 CE2  sing Y N 323 
TRP NE1 HE1  sing N N 324 
TRP CE2 CZ2  sing Y N 325 
TRP CE3 CZ3  doub Y N 326 
TRP CE3 HE3  sing N N 327 
TRP CZ2 CH2  doub Y N 328 
TRP CZ2 HZ2  sing N N 329 
TRP CZ3 CH2  sing Y N 330 
TRP CZ3 HZ3  sing N N 331 
TRP CH2 HH2  sing N N 332 
TRP OXT HXT  sing N N 333 
TYR N   CA   sing N N 334 
TYR N   H    sing N N 335 
TYR N   H2   sing N N 336 
TYR CA  C    sing N N 337 
TYR CA  CB   sing N N 338 
TYR CA  HA   sing N N 339 
TYR C   O    doub N N 340 
TYR C   OXT  sing N N 341 
TYR CB  CG   sing N N 342 
TYR CB  HB2  sing N N 343 
TYR CB  HB3  sing N N 344 
TYR CG  CD1  doub Y N 345 
TYR CG  CD2  sing Y N 346 
TYR CD1 CE1  sing Y N 347 
TYR CD1 HD1  sing N N 348 
TYR CD2 CE2  doub Y N 349 
TYR CD2 HD2  sing N N 350 
TYR CE1 CZ   doub Y N 351 
TYR CE1 HE1  sing N N 352 
TYR CE2 CZ   sing Y N 353 
TYR CE2 HE2  sing N N 354 
TYR CZ  OH   sing N N 355 
TYR OH  HH   sing N N 356 
TYR OXT HXT  sing N N 357 
VAL N   CA   sing N N 358 
VAL N   H    sing N N 359 
VAL N   H2   sing N N 360 
VAL CA  C    sing N N 361 
VAL CA  CB   sing N N 362 
VAL CA  HA   sing N N 363 
VAL C   O    doub N N 364 
VAL C   OXT  sing N N 365 
VAL CB  CG1  sing N N 366 
VAL CB  CG2  sing N N 367 
VAL CB  HB   sing N N 368 
VAL CG1 HG11 sing N N 369 
VAL CG1 HG12 sing N N 370 
VAL CG1 HG13 sing N N 371 
VAL CG2 HG21 sing N N 372 
VAL CG2 HG22 sing N N 373 
VAL CG2 HG23 sing N N 374 
VAL OXT HXT  sing N N 375 
# 
_atom_sites.entry_id                    3BRL 
_atom_sites.fract_transf_matrix[1][1]   -0.00313248 
_atom_sites.fract_transf_matrix[1][2]   0.00841355 
_atom_sites.fract_transf_matrix[1][3]   -0.02453761 
_atom_sites.fract_transf_matrix[2][1]   -0.01798542 
_atom_sites.fract_transf_matrix[2][2]   0.01817169 
_atom_sites.fract_transf_matrix[2][3]   -0.00538393 
_atom_sites.fract_transf_matrix[3][1]   0.00333429 
_atom_sites.fract_transf_matrix[3][2]   0.00353290 
_atom_sites.fract_transf_matrix[3][3]   0.00078572 
_atom_sites.fract_transf_vector[1]      0.187340 
_atom_sites.fract_transf_vector[2]      -0.404951 
_atom_sites.fract_transf_vector[3]      -0.041295 
# 
loop_
_atom_type.symbol 
C 
N 
O 
S 
# 
loop_
_atom_site.group_PDB 
_atom_site.id 
_atom_site.type_symbol 
_atom_site.label_atom_id 
_atom_site.label_alt_id 
_atom_site.label_comp_id 
_atom_site.label_asym_id 
_atom_site.label_entity_id 
_atom_site.label_seq_id 
_atom_site.pdbx_PDB_ins_code 
_atom_site.Cartn_x 
_atom_site.Cartn_y 
_atom_site.Cartn_z 
_atom_site.occupancy 
_atom_site.B_iso_or_equiv 
_atom_site.pdbx_formal_charge 
_atom_site.auth_seq_id 
_atom_site.auth_comp_id 
_atom_site.auth_asym_id 
_atom_site.auth_atom_id 
_atom_site.pdbx_PDB_model_num 
ATOM   1   N N   . SER A 1 2  ? 4.587   11.576  10.532  1.00 92.44  ? 2   SER A N   1 
ATOM   2   C CA  . SER A 1 2  ? 4.243   12.861  11.211  1.00 91.70  ? 2   SER A CA  1 
ATOM   3   C C   . SER A 1 2  ? 3.551   12.596  12.554  1.00 86.35  ? 2   SER A C   1 
ATOM   4   O O   . SER A 1 2  ? 4.180   12.685  13.605  1.00 85.21  ? 2   SER A O   1 
ATOM   5   C CB  . SER A 1 2  ? 3.368   13.732  10.299  1.00 88.89  ? 2   SER A CB  1 
ATOM   6   O OG  . SER A 1 2  ? 3.546   15.112  10.576  1.00 87.81  ? 2   SER A OG  1 
ATOM   7   N N   . ASP A 1 3  ? 2.265   12.259  12.508  1.00 78.73  ? 3   ASP A N   1 
ATOM   8   C CA  . ASP A 1 3  ? 1.493   11.950  13.714  1.00 74.05  ? 3   ASP A CA  1 
ATOM   9   C C   . ASP A 1 3  ? 0.900   10.543  13.663  1.00 66.99  ? 3   ASP A C   1 
ATOM   10  O O   . ASP A 1 3  ? 0.567   9.969   14.702  1.00 65.83  ? 3   ASP A O   1 
ATOM   11  C CB  . ASP A 1 3  ? 0.358   12.958  13.889  1.00 79.71  ? 3   ASP A CB  1 
ATOM   12  C CG  . ASP A 1 3  ? -0.648  12.903  12.747  1.00 83.86  ? 3   ASP A CG  1 
ATOM   13  O OD1 . ASP A 1 3  ? -0.246  13.110  11.580  1.00 82.28  ? 3   ASP A OD1 1 
ATOM   14  O OD2 . ASP A 1 3  ? -1.842  12.653  13.013  1.00 87.65  ? 3   ASP A OD2 1 
ATOM   15  N N   . ARG A 1 4  ? 0.774   10.001  12.452  1.00 55.51  ? 4   ARG A N   1 
ATOM   16  C CA  . ARG A 1 4  ? 0.077   8.733   12.207  1.00 49.49  ? 4   ARG A CA  1 
ATOM   17  C C   . ARG A 1 4  ? 0.894   7.476   12.503  1.00 45.72  ? 4   ARG A C   1 
ATOM   18  O O   . ARG A 1 4  ? 2.074   7.391   12.172  1.00 46.28  ? 4   ARG A O   1 
ATOM   19  C CB  . ARG A 1 4  ? -0.400  8.673   10.756  1.00 48.02  ? 4   ARG A CB  1 
ATOM   20  C CG  . ARG A 1 4  ? -1.383  9.766   10.377  1.00 55.03  ? 4   ARG A CG  1 
ATOM   21  C CD  . ARG A 1 4  ? -1.564  9.829   8.865   1.00 65.76  ? 4   ARG A CD  1 
ATOM   22  N NE  . ARG A 1 4  ? -0.451  10.518  8.211   1.00 68.13  ? 4   ARG A NE  1 
ATOM   23  C CZ  . ARG A 1 4  ? -0.520  11.754  7.718   1.00 72.68  ? 4   ARG A CZ  1 
ATOM   24  N NH1 . ARG A 1 4  ? -1.654  12.446  7.790   1.00 67.49  ? 4   ARG A NH1 1 
ATOM   25  N NH2 . ARG A 1 4  ? 0.547   12.295  7.146   1.00 70.76  ? 4   ARG A NH2 1 
ATOM   26  N N   . LYS A 1 5  ? 0.232   6.480   13.076  1.00 41.89  ? 5   LYS A N   1 
ATOM   27  C CA  . LYS A 1 5  ? 0.897   5.249   13.480  1.00 37.97  ? 5   LYS A CA  1 
ATOM   28  C C   . LYS A 1 5  ? 0.849   4.226   12.350  1.00 39.03  ? 5   LYS A C   1 
ATOM   29  O O   . LYS A 1 5  ? -0.229  3.827   11.898  1.00 40.83  ? 5   LYS A O   1 
ATOM   30  C CB  . LYS A 1 5  ? 0.240   4.692   14.740  1.00 47.93  ? 5   LYS A CB  1 
ATOM   31  C CG  . LYS A 1 5  ? 0.882   3.418   15.288  1.00 43.67  ? 5   LYS A CG  1 
ATOM   32  C CD  . LYS A 1 5  ? 0.045   2.866   16.425  1.00 53.91  ? 5   LYS A CD  1 
ATOM   33  C CE  . LYS A 1 5  ? 0.645   1.602   16.992  1.00 56.99  ? 5   LYS A CE  1 
ATOM   34  N NZ  . LYS A 1 5  ? -0.070  1.171   18.222  1.00 67.63  ? 5   LYS A NZ  1 
ATOM   35  N N   . ALA A 1 6  ? 2.022   3.827   11.874  1.00 34.29  ? 6   ALA A N   1 
ATOM   36  C CA  . ALA A 1 6  ? 2.113   2.759   10.884  1.00 31.83  ? 6   ALA A CA  1 
ATOM   37  C C   . ALA A 1 6  ? 2.061   1.399   11.558  1.00 40.10  ? 6   ALA A C   1 
ATOM   38  O O   . ALA A 1 6  ? 2.886   1.086   12.436  1.00 32.99  ? 6   ALA A O   1 
ATOM   39  C CB  . ALA A 1 6  ? 3.382   2.902   10.054  1.00 39.23  ? 6   ALA A CB  1 
ATOM   40  N N   . VAL A 1 7  ? 1.077   0.603   11.166  1.00 37.90  ? 7   VAL A N   1 
ATOM   41  C CA  . VAL A 1 7  ? 0.958   -0.772  11.633  1.00 35.83  ? 7   VAL A CA  1 
ATOM   42  C C   . VAL A 1 7  ? 0.896   -1.679  10.418  1.00 35.54  ? 7   VAL A C   1 
ATOM   43  O O   . VAL A 1 7  ? -0.114  -1.724  9.717   1.00 28.64  ? 7   VAL A O   1 
ATOM   44  C CB  . VAL A 1 7  ? -0.310  -0.972  12.496  1.00 33.34  ? 7   VAL A CB  1 
ATOM   45  C CG1 . VAL A 1 7  ? -0.461  -2.431  12.916  1.00 40.64  ? 7   VAL A CG1 1 
ATOM   46  C CG2 . VAL A 1 7  ? -0.265  -0.058  13.726  1.00 33.05  ? 7   VAL A CG2 1 
ATOM   47  N N   . ILE A 1 8  ? 1.984   -2.403  10.158  1.00 33.15  ? 8   ILE A N   1 
ATOM   48  C CA  . ILE A 1 8  ? 2.021   -3.290  8.992   1.00 36.03  ? 8   ILE A CA  1 
ATOM   49  C C   . ILE A 1 8  ? 1.335   -4.609  9.331   1.00 34.82  ? 8   ILE A C   1 
ATOM   50  O O   . ILE A 1 8  ? 1.646   -5.217  10.339  1.00 36.14  ? 8   ILE A O   1 
ATOM   51  C CB  . ILE A 1 8  ? 3.458   -3.474  8.461   1.00 38.22  ? 8   ILE A CB  1 
ATOM   52  C CG1 . ILE A 1 8  ? 3.965   -2.136  7.893   1.00 41.08  ? 8   ILE A CG1 1 
ATOM   53  C CG2 . ILE A 1 8  ? 3.497   -4.545  7.397   1.00 35.23  ? 8   ILE A CG2 1 
ATOM   54  C CD1 . ILE A 1 8  ? 5.440   -2.125  7.529   1.00 55.30  ? 8   ILE A CD1 1 
ATOM   55  N N   . LYS A 1 9  ? 0.361   -5.023  8.523   1.00 30.45  ? 9   LYS A N   1 
ATOM   56  C CA  . LYS A 1 9  ? -0.434  -6.208  8.853   1.00 30.93  ? 9   LYS A CA  1 
ATOM   57  C C   . LYS A 1 9  ? 0.046   -7.467  8.154   1.00 32.76  ? 9   LYS A C   1 
ATOM   58  O O   . LYS A 1 9  ? 0.120   -8.533  8.755   1.00 32.95  ? 9   LYS A O   1 
ATOM   59  C CB  . LYS A 1 9  ? -1.919  -5.986  8.544   1.00 29.34  ? 9   LYS A CB  1 
ATOM   60  C CG  . LYS A 1 9  ? -2.567  -4.844  9.305   1.00 31.17  ? 9   LYS A CG  1 
ATOM   61  C CD  . LYS A 1 9  ? -2.849  -5.193  10.757  1.00 44.95  ? 9   LYS A CD  1 
ATOM   62  C CE  . LYS A 1 9  ? -3.698  -4.112  11.433  1.00 48.77  ? 9   LYS A CE  1 
ATOM   63  N NZ  . LYS A 1 9  ? -3.983  -4.434  12.871  1.00 49.95  ? 9   LYS A NZ  1 
ATOM   64  N N   . ASN A 1 10 ? 0.353   -7.342  6.874   1.00 29.83  ? 10  ASN A N   1 
ATOM   65  C CA  . ASN A 1 10 ? 0.784   -8.470  6.081   1.00 32.66  ? 10  ASN A CA  1 
ATOM   66  C C   . ASN A 1 10 ? 1.694   -7.884  5.028   1.00 35.90  ? 10  ASN A C   1 
ATOM   67  O O   . ASN A 1 10 ? 1.370   -6.889  4.407   1.00 29.51  ? 10  ASN A O   1 
ATOM   68  C CB  . ASN A 1 10 ? -0.414  -9.190  5.449   1.00 26.16  ? 10  ASN A CB  1 
ATOM   69  C CG  . ASN A 1 10 ? -0.033  -10.540 4.817   1.00 35.90  ? 10  ASN A CG  1 
ATOM   70  O OD1 . ASN A 1 10 ? 1.127   -10.948 4.830   1.00 45.27  ? 10  ASN A OD1 1 
ATOM   71  N ND2 . ASN A 1 10 ? -1.017  -11.232 4.272   1.00 39.05  ? 10  ASN A ND2 1 
ATOM   72  N N   . ALA A 1 11 ? 2.872   -8.458  4.864   1.00 31.18  ? 11  ALA A N   1 
ATOM   73  C CA  . ALA A 1 11 ? 3.791   -7.923  3.879   1.00 29.69  ? 11  ALA A CA  1 
ATOM   74  C C   . ALA A 1 11 ? 4.528   -9.068  3.220   1.00 35.67  ? 11  ALA A C   1 
ATOM   75  O O   . ALA A 1 11 ? 4.902   -10.016 3.888   1.00 35.34  ? 11  ALA A O   1 
ATOM   76  C CB  . ALA A 1 11 ? 4.769   -6.960  4.541   1.00 31.67  ? 11  ALA A CB  1 
ATOM   77  N N   . ASP A 1 12 ? 4.681   -8.998  1.907   1.00 34.50  ? 12  ASP A N   1 
ATOM   78  C CA  . ASP A 1 12 ? 5.637   -9.829  1.199   1.00 34.76  ? 12  ASP A CA  1 
ATOM   79  C C   . ASP A 1 12 ? 6.473   -8.836  0.409   1.00 38.41  ? 12  ASP A C   1 
ATOM   80  O O   . ASP A 1 12 ? 6.151   -8.508  -0.741  1.00 35.63  ? 12  ASP A O   1 
ATOM   81  C CB  . ASP A 1 12 ? 4.949   -10.832 0.269   1.00 36.92  ? 12  ASP A CB  1 
ATOM   82  C CG  . ASP A 1 12 ? 5.948   -11.674 -0.510  1.00 42.66  ? 12  ASP A CG  1 
ATOM   83  O OD1 . ASP A 1 12 ? 7.097   -11.794 -0.037  1.00 49.35  ? 12  ASP A OD1 1 
ATOM   84  O OD2 . ASP A 1 12 ? 5.598   -12.204 -1.588  1.00 38.22  ? 12  ASP A OD2 1 
ATOM   85  N N   . MET A 1 13 ? 7.533   -8.341  1.046   1.00 35.00  ? 13  MET A N   1 
ATOM   86  C CA  . MET A 1 13 ? 8.220   -7.158  0.568   1.00 34.58  ? 13  MET A CA  1 
ATOM   87  C C   . MET A 1 13 ? 9.470   -6.868  1.389   1.00 35.85  ? 13  MET A C   1 
ATOM   88  O O   . MET A 1 13 ? 9.496   -7.101  2.600   1.00 39.51  ? 13  MET A O   1 
ATOM   89  C CB  . MET A 1 13 ? 7.247   -5.978  0.650   1.00 28.68  ? 13  MET A CB  1 
ATOM   90  C CG  . MET A 1 13 ? 7.803   -4.653  0.232   1.00 35.25  ? 13  MET A CG  1 
ATOM   91  S SD  . MET A 1 13 ? 6.508   -3.381  0.256   1.00 32.09  ? 13  MET A SD  1 
ATOM   92  C CE  . MET A 1 13 ? 5.497   -3.847  -1.154  1.00 36.39  ? 13  MET A CE  1 
ATOM   93  N N   . SER A 1 14 ? 10.510  -6.353  0.736   1.00 41.24  ? 14  SER A N   1 
ATOM   94  C CA  . SER A 1 14 ? 11.753  -6.054  1.443   1.00 49.04  ? 14  SER A CA  1 
ATOM   95  C C   . SER A 1 14 ? 11.469  -4.963  2.461   1.00 47.81  ? 14  SER A C   1 
ATOM   96  O O   . SER A 1 14 ? 10.563  -4.163  2.263   1.00 42.18  ? 14  SER A O   1 
ATOM   97  C CB  . SER A 1 14 ? 12.841  -5.604  0.468   1.00 55.29  ? 14  SER A CB  1 
ATOM   98  O OG  . SER A 1 14 ? 12.561  -4.315  -0.044  1.00 49.84  ? 14  SER A OG  1 
ATOM   99  N N   . GLU A 1 15 ? 12.221  -4.929  3.555   1.00 49.34  ? 15  GLU A N   1 
ATOM   100 C CA  . GLU A 1 15 ? 11.936  -3.958  4.611   1.00 52.70  ? 15  GLU A CA  1 
ATOM   101 C C   . GLU A 1 15 ? 12.222  -2.533  4.159   1.00 53.78  ? 15  GLU A C   1 
ATOM   102 O O   . GLU A 1 15 ? 11.520  -1.593  4.563   1.00 47.60  ? 15  GLU A O   1 
ATOM   103 C CB  . GLU A 1 15 ? 12.653  -4.315  5.917   1.00 57.57  ? 15  GLU A CB  1 
ATOM   104 C CG  . GLU A 1 15 ? 12.238  -5.692  6.420   1.00 81.94  ? 15  GLU A CG  1 
ATOM   105 C CD  . GLU A 1 15 ? 12.004  -5.748  7.916   1.00 91.51  ? 15  GLU A CD  1 
ATOM   106 O OE1 . GLU A 1 15 ? 12.990  -5.664  8.683   1.00 100.39 ? 15  GLU A OE1 1 
ATOM   107 O OE2 . GLU A 1 15 ? 10.830  -5.903  8.323   1.00 87.97  ? 15  GLU A OE2 1 
ATOM   108 N N   . GLU A 1 16 ? 13.227  -2.382  3.290   1.00 48.79  ? 16  GLU A N   1 
ATOM   109 C CA  . GLU A 1 16 ? 13.452  -1.100  2.614   1.00 53.58  ? 16  GLU A CA  1 
ATOM   110 C C   . GLU A 1 16 ? 12.187  -0.621  1.889   1.00 52.05  ? 16  GLU A C   1 
ATOM   111 O O   . GLU A 1 16 ? 11.777  0.529   2.018   1.00 44.07  ? 16  GLU A O   1 
ATOM   112 C CB  . GLU A 1 16 ? 14.598  -1.215  1.602   1.00 56.05  ? 16  GLU A CB  1 
ATOM   113 C CG  . GLU A 1 16 ? 15.998  -1.443  2.212   1.00 69.83  ? 16  GLU A CG  1 
ATOM   114 C CD  . GLU A 1 16 ? 16.179  -2.820  2.864   1.00 73.71  ? 16  GLU A CD  1 
ATOM   115 O OE1 . GLU A 1 16 ? 15.661  -3.837  2.332   1.00 65.73  ? 16  GLU A OE1 1 
ATOM   116 O OE2 . GLU A 1 16 ? 16.860  -2.885  3.918   1.00 81.71  ? 16  GLU A OE2 1 
ATOM   117 N N   . MET A 1 17 ? 11.569  -1.508  1.120   1.00 46.67  ? 17  MET A N   1 
ATOM   118 C CA  A MET A 1 17 ? 10.404  -1.132  0.333   0.50 40.65  ? 17  MET A CA  1 
ATOM   119 C CA  B MET A 1 17 ? 10.400  -1.137  0.333   0.50 40.06  ? 17  MET A CA  1 
ATOM   120 C C   . MET A 1 17 ? 9.173   -0.913  1.213   1.00 41.00  ? 17  MET A C   1 
ATOM   121 O O   . MET A 1 17 ? 8.347   -0.038  0.935   1.00 38.08  ? 17  MET A O   1 
ATOM   122 C CB  A MET A 1 17 ? 10.118  -2.176  -0.744  0.50 36.47  ? 17  MET A CB  1 
ATOM   123 C CB  B MET A 1 17 ? 10.114  -2.175  -0.754  0.50 34.35  ? 17  MET A CB  1 
ATOM   124 C CG  A MET A 1 17 ? 9.159   -1.707  -1.820  0.50 38.37  ? 17  MET A CG  1 
ATOM   125 C CG  B MET A 1 17 ? 11.039  -2.069  -1.958  0.50 37.66  ? 17  MET A CG  1 
ATOM   126 S SD  A MET A 1 17 ? 8.684   -3.040  -2.929  0.50 38.95  ? 17  MET A SD  1 
ATOM   127 S SD  B MET A 1 17 ? 10.761  -3.317  -3.238  0.50 44.77  ? 17  MET A SD  1 
ATOM   128 C CE  A MET A 1 17 ? 10.253  -3.435  -3.695  0.50 40.87  ? 17  MET A CE  1 
ATOM   129 C CE  B MET A 1 17 ? 8.979   -3.469  -3.193  0.50 38.09  ? 17  MET A CE  1 
ATOM   130 N N   . GLN A 1 18 ? 9.055   -1.696  2.279   1.00 38.57  ? 18  GLN A N   1 
ATOM   131 C CA  . GLN A 1 18 ? 7.975   -1.482  3.227   1.00 42.47  ? 18  GLN A CA  1 
ATOM   132 C C   . GLN A 1 18 ? 8.081   -0.082  3.826   1.00 45.31  ? 18  GLN A C   1 
ATOM   133 O O   . GLN A 1 18 ? 7.073   0.593   3.999   1.00 40.30  ? 18  GLN A O   1 
ATOM   134 C CB  . GLN A 1 18 ? 7.997   -2.512  4.350   1.00 36.44  ? 18  GLN A CB  1 
ATOM   135 C CG  . GLN A 1 18 ? 7.666   -3.940  3.933   1.00 40.80  ? 18  GLN A CG  1 
ATOM   136 C CD  . GLN A 1 18 ? 7.613   -4.864  5.132   1.00 41.32  ? 18  GLN A CD  1 
ATOM   137 O OE1 . GLN A 1 18 ? 7.001   -4.534  6.139   1.00 38.91  ? 18  GLN A OE1 1 
ATOM   138 N NE2 . GLN A 1 18 ? 8.269   -6.022  5.037   1.00 38.35  ? 18  GLN A NE2 1 
ATOM   139 N N   . GLN A 1 19 ? 9.299   0.346   4.153   1.00 43.19  ? 19  GLN A N   1 
ATOM   140 C CA  . GLN A 1 19 ? 9.494   1.691   4.688   1.00 44.08  ? 19  GLN A CA  1 
ATOM   141 C C   . GLN A 1 19 ? 9.126   2.739   3.645   1.00 38.25  ? 19  GLN A C   1 
ATOM   142 O O   . GLN A 1 19 ? 8.540   3.775   3.977   1.00 43.52  ? 19  GLN A O   1 
ATOM   143 C CB  . GLN A 1 19 ? 10.941  1.904   5.154   1.00 47.16  ? 19  GLN A CB  1 
ATOM   144 C CG  . GLN A 1 19 ? 11.173  3.259   5.817   1.00 60.01  ? 19  GLN A CG  1 
ATOM   145 C CD  . GLN A 1 19 ? 10.195  3.521   6.951   1.00 64.32  ? 19  GLN A CD  1 
ATOM   146 O OE1 . GLN A 1 19 ? 10.092  2.728   7.886   1.00 75.91  ? 19  GLN A OE1 1 
ATOM   147 N NE2 . GLN A 1 19 ? 9.475   4.635   6.875   1.00 61.57  ? 19  GLN A NE2 1 
ATOM   148 N N   . ASP A 1 20 ? 9.466   2.476   2.385   1.00 40.84  ? 20  ASP A N   1 
ATOM   149 C CA  . ASP A 1 20 ? 9.073   3.369   1.286   1.00 38.83  ? 20  ASP A CA  1 
ATOM   150 C C   . ASP A 1 20 ? 7.556   3.507   1.198   1.00 36.46  ? 20  ASP A C   1 
ATOM   151 O O   . ASP A 1 20 ? 7.036   4.605   1.048   1.00 36.79  ? 20  ASP A O   1 
ATOM   152 C CB  . ASP A 1 20 ? 9.576   2.842   -0.056  1.00 42.36  ? 20  ASP A CB  1 
ATOM   153 C CG  . ASP A 1 20 ? 10.747  3.620   -0.587  1.00 56.47  ? 20  ASP A CG  1 
ATOM   154 O OD1 . ASP A 1 20 ? 11.894  3.310   -0.200  1.00 55.31  ? 20  ASP A OD1 1 
ATOM   155 O OD2 . ASP A 1 20 ? 10.518  4.527   -1.417  1.00 62.81  ? 20  ASP A OD2 1 
ATOM   156 N N   . ALA A 1 21 ? 6.863   2.374   1.254   1.00 32.43  ? 21  ALA A N   1 
ATOM   157 C CA  . ALA A 1 21 ? 5.404   2.338   1.226   1.00 27.23  ? 21  ALA A CA  1 
ATOM   158 C C   . ALA A 1 21 ? 4.784   3.219   2.298   1.00 32.40  ? 21  ALA A C   1 
ATOM   159 O O   . ALA A 1 21 ? 3.853   3.997   2.026   1.00 30.12  ? 21  ALA A O   1 
ATOM   160 C CB  . ALA A 1 21 ? 4.913   0.893   1.383   1.00 30.08  ? 21  ALA A CB  1 
ATOM   161 N N   . VAL A 1 22 ? 5.271   3.062   3.521   1.00 31.14  ? 22  VAL A N   1 
ATOM   162 C CA  . VAL A 1 22 ? 4.818   3.865   4.645   1.00 30.99  ? 22  VAL A CA  1 
ATOM   163 C C   . VAL A 1 22 ? 5.121   5.342   4.396   1.00 40.54  ? 22  VAL A C   1 
ATOM   164 O O   . VAL A 1 22 ? 4.266   6.192   4.633   1.00 32.69  ? 22  VAL A O   1 
ATOM   165 C CB  . VAL A 1 22 ? 5.431   3.371   5.978   1.00 32.29  ? 22  VAL A CB  1 
ATOM   166 C CG1 . VAL A 1 22 ? 5.224   4.380   7.083   1.00 31.73  ? 22  VAL A CG1 1 
ATOM   167 C CG2 . VAL A 1 22 ? 4.835   2.004   6.355   1.00 33.00  ? 22  VAL A CG2 1 
ATOM   168 N N   . ASP A 1 23 ? 6.322   5.637   3.897   1.00 39.38  ? 23  ASP A N   1 
ATOM   169 C CA  . ASP A 1 23 ? 6.713   7.011   3.541   1.00 41.86  ? 23  ASP A CA  1 
ATOM   170 C C   . ASP A 1 23 ? 5.808   7.636   2.501   1.00 34.14  ? 23  ASP A C   1 
ATOM   171 O O   . ASP A 1 23 ? 5.408   8.796   2.625   1.00 37.23  ? 23  ASP A O   1 
ATOM   172 C CB  . ASP A 1 23 ? 8.143   7.050   2.999   1.00 47.05  ? 23  ASP A CB  1 
ATOM   173 C CG  . ASP A 1 23 ? 9.162   6.844   4.073   1.00 55.81  ? 23  ASP A CG  1 
ATOM   174 O OD1 . ASP A 1 23 ? 8.749   6.852   5.249   1.00 59.65  ? 23  ASP A OD1 1 
ATOM   175 O OD2 . ASP A 1 23 ? 10.360  6.677   3.743   1.00 51.99  ? 23  ASP A OD2 1 
ATOM   176 N N   . CYS A 1 24 ? 5.522   6.872   1.456   1.00 37.02  ? 24  CYS A N   1 
ATOM   177 C CA  A CYS A 1 24 ? 4.656   7.311   0.373   0.70 37.09  ? 24  CYS A CA  1 
ATOM   178 C CA  B CYS A 1 24 ? 4.661   7.350   0.379   0.30 34.03  ? 24  CYS A CA  1 
ATOM   179 C C   . CYS A 1 24 ? 3.252   7.623   0.891   1.00 34.88  ? 24  CYS A C   1 
ATOM   180 O O   . CYS A 1 24 ? 2.672   8.675   0.590   1.00 34.89  ? 24  CYS A O   1 
ATOM   181 C CB  A CYS A 1 24 ? 4.581   6.198   -0.665  0.70 37.22  ? 24  CYS A CB  1 
ATOM   182 C CB  B CYS A 1 24 ? 4.620   6.354   -0.781  0.30 30.89  ? 24  CYS A CB  1 
ATOM   183 S SG  A CYS A 1 24 ? 4.258   6.744   -2.316  0.70 45.26  ? 24  CYS A SG  1 
ATOM   184 S SG  B CYS A 1 24 ? 6.173   6.207   -1.694  0.30 32.92  ? 24  CYS A SG  1 
ATOM   185 N N   . ALA A 1 25 ? 2.703   6.688   1.664   1.00 29.12  ? 25  ALA A N   1 
ATOM   186 C CA  . ALA A 1 25 ? 1.363   6.865   2.224   1.00 30.29  ? 25  ALA A CA  1 
ATOM   187 C C   . ALA A 1 25 ? 1.304   8.037   3.203   1.00 32.69  ? 25  ALA A C   1 
ATOM   188 O O   . ALA A 1 25 ? 0.273   8.694   3.329   1.00 30.35  ? 25  ALA A O   1 
ATOM   189 C CB  . ALA A 1 25 ? 0.891   5.582   2.894   1.00 22.05  ? 25  ALA A CB  1 
ATOM   190 N N   . THR A 1 26 ? 2.398   8.292   3.914   1.00 36.77  ? 26  THR A N   1 
ATOM   191 C CA  . THR A 1 26 ? 2.444   9.466   4.787   1.00 39.07  ? 26  THR A CA  1 
ATOM   192 C C   . THR A 1 26 ? 2.392   10.750  3.960   1.00 42.24  ? 26  THR A C   1 
ATOM   193 O O   . THR A 1 26 ? 1.658   11.684  4.292   1.00 41.26  ? 26  THR A O   1 
ATOM   194 C CB  . THR A 1 26 ? 3.686   9.468   5.711   1.00 41.09  ? 26  THR A CB  1 
ATOM   195 O OG1 . THR A 1 26 ? 3.671   8.293   6.532   1.00 40.43  ? 26  THR A OG1 1 
ATOM   196 C CG2 . THR A 1 26 ? 3.686   10.708  6.599   1.00 41.73  ? 26  THR A CG2 1 
ATOM   197 N N   . GLN A 1 27 ? 3.161   10.789  2.876   1.00 36.66  ? 27  GLN A N   1 
ATOM   198 C CA  . GLN A 1 27 ? 3.143   11.943  1.983   1.00 39.28  ? 27  GLN A CA  1 
ATOM   199 C C   . GLN A 1 27 ? 1.777   12.104  1.347   1.00 34.84  ? 27  GLN A C   1 
ATOM   200 O O   . GLN A 1 27 ? 1.301   13.221  1.164   1.00 35.32  ? 27  GLN A O   1 
ATOM   201 C CB  . GLN A 1 27 ? 4.177   11.782  0.870   1.00 39.70  ? 27  GLN A CB  1 
ATOM   202 C CG  . GLN A 1 27 ? 5.612   12.061  1.266   1.00 56.72  ? 27  GLN A CG  1 
ATOM   203 C CD  . GLN A 1 27 ? 6.585   11.388  0.323   1.00 62.03  ? 27  GLN A CD  1 
ATOM   204 O OE1 . GLN A 1 27 ? 7.718   11.083  0.698   1.00 74.47  ? 27  GLN A OE1 1 
ATOM   205 N NE2 . GLN A 1 27 ? 6.138   11.127  -0.906  1.00 51.43  ? 27  GLN A NE2 1 
ATOM   206 N N   . ALA A 1 28 ? 1.150   10.985  0.993   1.00 34.00  ? 28  ALA A N   1 
ATOM   207 C CA  . ALA A 1 28 ? -0.164  11.021  0.367   1.00 28.86  ? 28  ALA A CA  1 
ATOM   208 C C   . ALA A 1 28 ? -1.196  11.595  1.326   1.00 30.17  ? 28  ALA A C   1 
ATOM   209 O O   . ALA A 1 28 ? -1.994  12.438  0.945   1.00 32.62  ? 28  ALA A O   1 
ATOM   210 C CB  . ALA A 1 28 ? -0.582  9.629   -0.104  1.00 24.94  ? 28  ALA A CB  1 
ATOM   211 N N   . LEU A 1 29 ? -1.164  11.143  2.574   1.00 27.95  ? 29  LEU A N   1 
ATOM   212 C CA  . LEU A 1 29 ? -2.124  11.595  3.571   1.00 34.56  ? 29  LEU A CA  1 
ATOM   213 C C   . LEU A 1 29 ? -1.908  13.054  3.942   1.00 41.03  ? 29  LEU A C   1 
ATOM   214 O O   . LEU A 1 29 ? -2.864  13.760  4.279   1.00 42.40  ? 29  LEU A O   1 
ATOM   215 C CB  . LEU A 1 29 ? -2.082  10.700  4.811   1.00 33.17  ? 29  LEU A CB  1 
ATOM   216 C CG  . LEU A 1 29 ? -2.773  9.352   4.612   1.00 34.86  ? 29  LEU A CG  1 
ATOM   217 C CD1 . LEU A 1 29 ? -2.423  8.384   5.718   1.00 35.96  ? 29  LEU A CD1 1 
ATOM   218 C CD2 . LEU A 1 29 ? -4.278  9.545   4.532   1.00 36.57  ? 29  LEU A CD2 1 
ATOM   219 N N   . GLU A 1 30 ? -0.660  13.509  3.877   1.00 42.44  ? 30  GLU A N   1 
ATOM   220 C CA  . GLU A 1 30 ? -0.373  14.914  4.122   1.00 42.80  ? 30  GLU A CA  1 
ATOM   221 C C   . GLU A 1 30 ? -0.853  15.786  2.971   1.00 40.67  ? 30  GLU A C   1 
ATOM   222 O O   . GLU A 1 30 ? -1.227  16.935  3.184   1.00 39.86  ? 30  GLU A O   1 
ATOM   223 C CB  . GLU A 1 30 ? 1.114   15.159  4.417   1.00 49.06  ? 30  GLU A CB  1 
ATOM   224 C CG  . GLU A 1 30 ? 1.532   14.670  5.809   1.00 59.10  ? 30  GLU A CG  1 
ATOM   225 C CD  . GLU A 1 30 ? 2.933   15.098  6.219   1.00 66.18  ? 30  GLU A CD  1 
ATOM   226 O OE1 . GLU A 1 30 ? 3.222   16.316  6.176   1.00 79.68  ? 30  GLU A OE1 1 
ATOM   227 O OE2 . GLU A 1 30 ? 3.738   14.219  6.611   1.00 60.47  ? 30  GLU A OE2 1 
ATOM   228 N N   . LYS A 1 31 ? -0.856  15.240  1.759   1.00 35.78  ? 31  LYS A N   1 
ATOM   229 C CA  . LYS A 1 31 ? -1.258  16.011  0.586   1.00 39.13  ? 31  LYS A CA  1 
ATOM   230 C C   . LYS A 1 31 ? -2.765  15.939  0.270   1.00 31.89  ? 31  LYS A C   1 
ATOM   231 O O   . LYS A 1 31 ? -3.372  16.946  -0.128  1.00 29.46  ? 31  LYS A O   1 
ATOM   232 C CB  . LYS A 1 31 ? -0.434  15.592  -0.641  1.00 40.75  ? 31  LYS A CB  1 
ATOM   233 C CG  . LYS A 1 31 ? -0.813  16.344  -1.913  1.00 45.21  ? 31  LYS A CG  1 
ATOM   234 C CD  . LYS A 1 31 ? 0.113   16.073  -3.091  1.00 43.53  ? 31  LYS A CD  1 
ATOM   235 C CE  . LYS A 1 31 ? -0.406  16.776  -4.336  1.00 55.94  ? 31  LYS A CE  1 
ATOM   236 N NZ  . LYS A 1 31 ? 0.664   17.267  -5.247  1.00 53.06  ? 31  LYS A NZ  1 
ATOM   237 N N   . TYR A 1 32 ? -3.351  14.755  0.444   1.00 31.40  ? 32  TYR A N   1 
ATOM   238 C CA  . TYR A 1 32 ? -4.706  14.460  -0.007  1.00 32.18  ? 32  TYR A CA  1 
ATOM   239 C C   . TYR A 1 32 ? -5.603  13.965  1.121   1.00 35.93  ? 32  TYR A C   1 
ATOM   240 O O   . TYR A 1 32 ? -5.141  13.267  2.034   1.00 30.91  ? 32  TYR A O   1 
ATOM   241 C CB  . TYR A 1 32 ? -4.677  13.368  -1.078  1.00 27.58  ? 32  TYR A CB  1 
ATOM   242 C CG  . TYR A 1 32 ? -4.017  13.754  -2.382  1.00 35.54  ? 32  TYR A CG  1 
ATOM   243 C CD1 . TYR A 1 32 ? -4.596  14.698  -3.228  1.00 36.45  ? 32  TYR A CD1 1 
ATOM   244 C CD2 . TYR A 1 32 ? -2.824  13.156  -2.782  1.00 35.49  ? 32  TYR A CD2 1 
ATOM   245 C CE1 . TYR A 1 32 ? -4.000  15.042  -4.435  1.00 38.16  ? 32  TYR A CE1 1 
ATOM   246 C CE2 . TYR A 1 32 ? -2.217  13.489  -3.985  1.00 34.40  ? 32  TYR A CE2 1 
ATOM   247 C CZ  . TYR A 1 32 ? -2.812  14.427  -4.810  1.00 45.27  ? 32  TYR A CZ  1 
ATOM   248 O OH  . TYR A 1 32 ? -2.207  14.763  -6.003  1.00 41.73  ? 32  TYR A OH  1 
ATOM   249 N N   . ASN A 1 33 ? -6.894  14.292  1.012   1.00 27.28  ? 33  ASN A N   1 
ATOM   250 C CA  . ASN A 1 33 ? -7.918  13.822  1.940   1.00 32.42  ? 33  ASN A CA  1 
ATOM   251 C C   . ASN A 1 33 ? -8.823  12.730  1.393   1.00 29.88  ? 33  ASN A C   1 
ATOM   252 O O   . ASN A 1 33 ? -9.437  11.989  2.158   1.00 39.76  ? 33  ASN A O   1 
ATOM   253 C CB  . ASN A 1 33 ? -8.811  14.987  2.369   1.00 28.45  ? 33  ASN A CB  1 
ATOM   254 C CG  . ASN A 1 33 ? -8.062  16.026  3.144   1.00 35.57  ? 33  ASN A CG  1 
ATOM   255 O OD1 . ASN A 1 33 ? -8.218  17.229  2.909   1.00 40.67  ? 33  ASN A OD1 1 
ATOM   256 N ND2 . ASN A 1 33 ? -7.244  15.575  4.083   1.00 34.17  ? 33  ASN A ND2 1 
ATOM   257 N N   . ILE A 1 34 ? -8.937  12.648  0.076   1.00 20.56  ? 34  ILE A N   1 
ATOM   258 C CA  . ILE A 1 34 ? -9.855  11.701  -0.549  1.00 17.99  ? 34  ILE A CA  1 
ATOM   259 C C   . ILE A 1 34 ? -9.133  10.385  -0.836  1.00 26.79  ? 34  ILE A C   1 
ATOM   260 O O   . ILE A 1 34 ? -8.049  10.380  -1.412  1.00 21.35  ? 34  ILE A O   1 
ATOM   261 C CB  . ILE A 1 34 ? -10.445 12.265  -1.850  1.00 25.32  ? 34  ILE A CB  1 
ATOM   262 C CG1 . ILE A 1 34 ? -11.057 13.652  -1.594  1.00 32.45  ? 34  ILE A CG1 1 
ATOM   263 C CG2 . ILE A 1 34 ? -11.475 11.310  -2.454  1.00 23.66  ? 34  ILE A CG2 1 
ATOM   264 C CD1 . ILE A 1 34 ? -12.283 13.635  -0.700  1.00 45.84  ? 34  ILE A CD1 1 
ATOM   265 N N   . GLU A 1 35 ? -9.746  9.273   -0.452  1.00 22.51  ? 35  GLU A N   1 
ATOM   266 C CA  . GLU A 1 35 ? -9.074  7.966   -0.549  1.00 24.19  ? 35  GLU A CA  1 
ATOM   267 C C   . GLU A 1 35 ? -8.573  7.637   -1.966  1.00 19.49  ? 35  GLU A C   1 
ATOM   268 O O   . GLU A 1 35 ? -7.454  7.187   -2.120  1.00 20.64  ? 35  GLU A O   1 
ATOM   269 C CB  . GLU A 1 35 ? -9.976  6.859   0.003   1.00 20.30  ? 35  GLU A CB  1 
ATOM   270 C CG  . GLU A 1 35 ? -10.271 7.057   1.481   1.00 19.77  ? 35  GLU A CG  1 
ATOM   271 C CD  . GLU A 1 35 ? -11.373 6.173   2.000   1.00 18.91  ? 35  GLU A CD  1 
ATOM   272 O OE1 . GLU A 1 35 ? -12.231 5.736   1.206   1.00 16.44  ? 35  GLU A OE1 1 
ATOM   273 O OE2 . GLU A 1 35 ? -11.394 5.934   3.231   1.00 26.67  ? 35  GLU A OE2 1 
ATOM   274 N N   . LYS A 1 36 ? -9.371  7.891   -3.004  1.00 16.77  ? 36  LYS A N   1 
ATOM   275 C CA  . LYS A 1 36 ? -8.877  7.594   -4.365  1.00 18.99  ? 36  LYS A CA  1 
ATOM   276 C C   . LYS A 1 36 ? -7.629  8.409   -4.736  1.00 18.52  ? 36  LYS A C   1 
ATOM   277 O O   . LYS A 1 36 ? -6.762  7.923   -5.454  1.00 20.78  ? 36  LYS A O   1 
ATOM   278 C CB  . LYS A 1 36 ? -9.962  7.793   -5.422  1.00 28.43  ? 36  LYS A CB  1 
ATOM   279 C CG  . LYS A 1 36 ? -10.505 9.219   -5.508  1.00 28.73  ? 36  LYS A CG  1 
ATOM   280 C CD  . LYS A 1 36 ? -11.497 9.343   -6.626  1.00 32.29  ? 36  LYS A CD  1 
ATOM   281 C CE  . LYS A 1 36 ? -12.068 10.748  -6.683  1.00 43.35  ? 36  LYS A CE  1 
ATOM   282 N NZ  . LYS A 1 36 ? -13.238 10.820  -7.591  1.00 52.26  ? 36  LYS A NZ  1 
ATOM   283 N N   . ASP A 1 37 ? -7.539  9.644   -4.239  1.00 22.88  ? 37  ASP A N   1 
ATOM   284 C CA  . ASP A 1 37 ? -6.385  10.494  -4.523  1.00 24.49  ? 37  ASP A CA  1 
ATOM   285 C C   . ASP A 1 37 ? -5.167  10.017  -3.765  1.00 22.47  ? 37  ASP A C   1 
ATOM   286 O O   . ASP A 1 37 ? -4.042  9.996   -4.296  1.00 22.05  ? 37  ASP A O   1 
ATOM   287 C CB  . ASP A 1 37 ? -6.661  11.942  -4.115  1.00 20.20  ? 37  ASP A CB  1 
ATOM   288 C CG  . ASP A 1 37 ? -7.725  12.597  -4.966  1.00 30.49  ? 37  ASP A CG  1 
ATOM   289 O OD1 . ASP A 1 37 ? -7.937  12.153  -6.118  1.00 27.00  ? 37  ASP A OD1 1 
ATOM   290 O OD2 . ASP A 1 37 ? -8.337  13.560  -4.462  1.00 27.70  ? 37  ASP A OD2 1 
ATOM   291 N N   . ILE A 1 38 ? -5.385  9.651   -2.507  1.00 23.08  ? 38  ILE A N   1 
ATOM   292 C CA  . ILE A 1 38 ? -4.330  9.020   -1.706  1.00 16.92  ? 38  ILE A CA  1 
ATOM   293 C C   . ILE A 1 38 ? -3.793  7.756   -2.403  1.00 22.19  ? 38  ILE A C   1 
ATOM   294 O O   . ILE A 1 38 ? -2.581  7.615   -2.578  1.00 20.21  ? 38  ILE A O   1 
ATOM   295 C CB  . ILE A 1 38 ? -4.835  8.729   -0.255  1.00 21.91  ? 38  ILE A CB  1 
ATOM   296 C CG1 . ILE A 1 38 ? -5.176  10.053  0.445   1.00 22.41  ? 38  ILE A CG1 1 
ATOM   297 C CG2 . ILE A 1 38 ? -3.778  7.953   0.559   1.00 21.83  ? 38  ILE A CG2 1 
ATOM   298 C CD1 . ILE A 1 38 ? -6.221  9.932   1.525   1.00 21.63  ? 38  ILE A CD1 1 
ATOM   299 N N   . ALA A 1 39 ? -4.691  6.859   -2.809  1.00 21.65  ? 39  ALA A N   1 
ATOM   300 C CA  . ALA A 1 39 ? -4.307  5.629   -3.521  1.00 18.16  ? 39  ALA A CA  1 
ATOM   301 C C   . ALA A 1 39 ? -3.548  5.924   -4.825  1.00 23.14  ? 39  ALA A C   1 
ATOM   302 O O   . ALA A 1 39 ? -2.560  5.273   -5.133  1.00 20.18  ? 39  ALA A O   1 
ATOM   303 C CB  . ALA A 1 39 ? -5.539  4.773   -3.809  1.00 15.19  ? 39  ALA A CB  1 
ATOM   304 N N   . ALA A 1 40 ? -4.012  6.909   -5.581  1.00 19.73  ? 40  ALA A N   1 
ATOM   305 C CA  . ALA A 1 40 ? -3.351  7.312   -6.832  1.00 15.68  ? 40  ALA A CA  1 
ATOM   306 C C   . ALA A 1 40 ? -1.922  7.790   -6.608  1.00 21.06  ? 40  ALA A C   1 
ATOM   307 O O   . ALA A 1 40 ? -1.012  7.455   -7.373  1.00 25.64  ? 40  ALA A O   1 
ATOM   308 C CB  . ALA A 1 40 ? -4.183  8.421   -7.547  1.00 22.64  ? 40  ALA A CB  1 
ATOM   309 N N   . TYR A 1 41 ? -1.722  8.606   -5.576  1.00 19.59  ? 41  TYR A N   1 
ATOM   310 C CA  . TYR A 1 41 ? -0.403  9.154   -5.285  1.00 23.37  ? 41  TYR A CA  1 
ATOM   311 C C   . TYR A 1 41 ? 0.549   7.986   -5.014  1.00 22.88  ? 41  TYR A C   1 
ATOM   312 O O   . TYR A 1 41 ? 1.660   7.896   -5.580  1.00 26.39  ? 41  TYR A O   1 
ATOM   313 C CB  . TYR A 1 41 ? -0.490  10.057  -4.052  1.00 23.91  ? 41  TYR A CB  1 
ATOM   314 C CG  . TYR A 1 41 ? 0.821   10.663  -3.593  1.00 27.27  ? 41  TYR A CG  1 
ATOM   315 C CD1 . TYR A 1 41 ? 1.226   11.911  -4.043  1.00 31.31  ? 41  TYR A CD1 1 
ATOM   316 C CD2 . TYR A 1 41 ? 1.647   9.989   -2.703  1.00 38.19  ? 41  TYR A CD2 1 
ATOM   317 C CE1 . TYR A 1 41 ? 2.418   12.477  -3.619  1.00 38.62  ? 41  TYR A CE1 1 
ATOM   318 C CE2 . TYR A 1 41 ? 2.836   10.544  -2.275  1.00 33.86  ? 41  TYR A CE2 1 
ATOM   319 C CZ  . TYR A 1 41 ? 3.217   11.779  -2.738  1.00 40.13  ? 41  TYR A CZ  1 
ATOM   320 O OH  . TYR A 1 41 ? 4.395   12.323  -2.306  1.00 43.40  ? 41  TYR A OH  1 
ATOM   321 N N   . ILE A 1 42 ? 0.097   7.094   -4.141  1.00 23.19  ? 42  ILE A N   1 
ATOM   322 C CA  . ILE A 1 42 ? 0.908   5.959   -3.724  1.00 22.33  ? 42  ILE A CA  1 
ATOM   323 C C   . ILE A 1 42 ? 1.193   5.074   -4.933  1.00 26.13  ? 42  ILE A C   1 
ATOM   324 O O   . ILE A 1 42 ? 2.346   4.739   -5.194  1.00 30.15  ? 42  ILE A O   1 
ATOM   325 C CB  . ILE A 1 42 ? 0.234   5.147   -2.594  1.00 24.69  ? 42  ILE A CB  1 
ATOM   326 C CG1 . ILE A 1 42 ? 0.020   6.022   -1.354  1.00 25.34  ? 42  ILE A CG1 1 
ATOM   327 C CG2 . ILE A 1 42 ? 1.067   3.903   -2.240  1.00 23.00  ? 42  ILE A CG2 1 
ATOM   328 C CD1 . ILE A 1 42 ? -0.848  5.361   -0.279  1.00 20.41  ? 42  ILE A CD1 1 
ATOM   329 N N   . LYS A 1 43 ? 0.147   4.705   -5.674  1.00 22.21  ? 43  LYS A N   1 
ATOM   330 C CA  . LYS A 1 43 ? 0.329   3.869   -6.863  1.00 22.46  ? 43  LYS A CA  1 
ATOM   331 C C   . LYS A 1 43 ? 1.331   4.477   -7.850  1.00 25.67  ? 43  LYS A C   1 
ATOM   332 O O   . LYS A 1 43 ? 2.226   3.790   -8.346  1.00 29.82  ? 43  LYS A O   1 
ATOM   333 C CB  . LYS A 1 43 ? -1.011  3.597   -7.554  1.00 28.42  ? 43  LYS A CB  1 
ATOM   334 C CG  . LYS A 1 43 ? -0.932  2.673   -8.793  1.00 22.89  ? 43  LYS A CG  1 
ATOM   335 C CD  . LYS A 1 43 ? -0.605  3.459   -10.069 1.00 27.76  ? 43  LYS A CD  1 
ATOM   336 C CE  . LYS A 1 43 ? -1.176  2.779   -11.299 1.00 26.91  ? 43  LYS A CE  1 
ATOM   337 N NZ  . LYS A 1 43 ? -0.454  1.509   -11.600 1.00 25.74  ? 43  LYS A NZ  1 
ATOM   338 N N   . LYS A 1 44 ? 1.165   5.755   -8.157  1.00 26.85  ? 44  LYS A N   1 
ATOM   339 C CA  . LYS A 1 44 ? 1.999   6.393   -9.169  1.00 27.39  ? 44  LYS A CA  1 
ATOM   340 C C   . LYS A 1 44 ? 3.460   6.453   -8.759  1.00 31.63  ? 44  LYS A C   1 
ATOM   341 O O   . LYS A 1 44 ? 4.338   6.320   -9.597  1.00 33.94  ? 44  LYS A O   1 
ATOM   342 C CB  . LYS A 1 44 ? 1.486   7.798   -9.490  1.00 27.67  ? 44  LYS A CB  1 
ATOM   343 C CG  . LYS A 1 44 ? 0.194   7.774   -10.259 1.00 26.27  ? 44  LYS A CG  1 
ATOM   344 C CD  . LYS A 1 44 ? -0.423  9.164   -10.307 1.00 31.24  ? 44  LYS A CD  1 
ATOM   345 C CE  . LYS A 1 44 ? -1.769  9.126   -10.992 1.00 33.77  ? 44  LYS A CE  1 
ATOM   346 N NZ  . LYS A 1 44 ? -2.396  10.486  -10.953 1.00 34.69  ? 44  LYS A NZ  1 
ATOM   347 N N   . GLU A 1 45 ? 3.712   6.658   -7.470  1.00 34.96  ? 45  GLU A N   1 
ATOM   348 C CA  . GLU A 1 45 ? 5.078   6.814   -6.974  1.00 36.23  ? 45  GLU A CA  1 
ATOM   349 C C   . GLU A 1 45 ? 5.793   5.463   -6.915  1.00 32.35  ? 45  GLU A C   1 
ATOM   350 O O   . GLU A 1 45 ? 7.006   5.384   -7.125  1.00 36.99  ? 45  GLU A O   1 
ATOM   351 C CB  . GLU A 1 45 ? 5.068   7.493   -5.604  1.00 42.08  ? 45  GLU A CB  1 
ATOM   352 C CG  . GLU A 1 45 ? 6.272   8.400   -5.335  1.00 61.75  ? 45  GLU A CG  1 
ATOM   353 C CD  . GLU A 1 45 ? 6.364   9.594   -6.282  1.00 61.11  ? 45  GLU A CD  1 
ATOM   354 O OE1 . GLU A 1 45 ? 5.323   10.228  -6.575  1.00 57.51  ? 45  GLU A OE1 1 
ATOM   355 O OE2 . GLU A 1 45 ? 7.491   9.901   -6.728  1.00 73.03  ? 45  GLU A OE2 1 
ATOM   356 N N   . PHE A 1 46 ? 5.041   4.398   -6.642  1.00 30.74  ? 46  PHE A N   1 
ATOM   357 C CA  . PHE A 1 46 ? 5.622   3.048   -6.681  1.00 29.42  ? 46  PHE A CA  1 
ATOM   358 C C   . PHE A 1 46 ? 5.846   2.565   -8.110  1.00 29.13  ? 46  PHE A C   1 
ATOM   359 O O   . PHE A 1 46 ? 6.843   1.903   -8.399  1.00 30.96  ? 46  PHE A O   1 
ATOM   360 C CB  . PHE A 1 46 ? 4.791   2.062   -5.860  1.00 23.59  ? 46  PHE A CB  1 
ATOM   361 C CG  . PHE A 1 46 ? 5.354   1.825   -4.497  1.00 32.24  ? 46  PHE A CG  1 
ATOM   362 C CD1 . PHE A 1 46 ? 5.508   2.871   -3.602  1.00 29.75  ? 46  PHE A CD1 1 
ATOM   363 C CD2 . PHE A 1 46 ? 5.757   0.566   -4.120  1.00 27.99  ? 46  PHE A CD2 1 
ATOM   364 C CE1 . PHE A 1 46 ? 6.060   2.650   -2.348  1.00 37.87  ? 46  PHE A CE1 1 
ATOM   365 C CE2 . PHE A 1 46 ? 6.318   0.335   -2.867  1.00 34.98  ? 46  PHE A CE2 1 
ATOM   366 C CZ  . PHE A 1 46 ? 6.463   1.378   -1.984  1.00 35.21  ? 46  PHE A CZ  1 
ATOM   367 N N   . ASP A 1 47 ? 4.935   2.920   -9.015  1.00 29.64  ? 47  ASP A N   1 
ATOM   368 C CA  . ASP A 1 47 ? 5.166   2.677   -10.433 1.00 30.75  ? 47  ASP A CA  1 
ATOM   369 C C   . ASP A 1 47 ? 6.480   3.332   -10.893 1.00 40.20  ? 47  ASP A C   1 
ATOM   370 O O   . ASP A 1 47 ? 7.222   2.749   -11.686 1.00 45.39  ? 47  ASP A O   1 
ATOM   371 C CB  . ASP A 1 47 ? 3.998   3.216   -11.261 1.00 33.79  ? 47  ASP A CB  1 
ATOM   372 C CG  . ASP A 1 47 ? 2.914   2.184   -11.476 1.00 38.49  ? 47  ASP A CG  1 
ATOM   373 O OD1 . ASP A 1 47 ? 3.029   1.050   -10.946 1.00 29.19  ? 47  ASP A OD1 1 
ATOM   374 O OD2 . ASP A 1 47 ? 1.946   2.510   -12.185 1.00 36.22  ? 47  ASP A OD2 1 
ATOM   375 N N   . LYS A 1 48 ? 6.757   4.539   -10.394 1.00 40.32  ? 48  LYS A N   1 
ATOM   376 C CA  . LYS A 1 48 ? 7.981   5.262   -10.745 1.00 45.03  ? 48  LYS A CA  1 
ATOM   377 C C   . LYS A 1 48 ? 9.197   4.661   -10.060 1.00 42.24  ? 48  LYS A C   1 
ATOM   378 O O   . LYS A 1 48 ? 10.197  4.367   -10.712 1.00 47.33  ? 48  LYS A O   1 
ATOM   379 C CB  . LYS A 1 48 ? 7.904   6.733   -10.342 1.00 45.49  ? 48  LYS A CB  1 
ATOM   380 C CG  . LYS A 1 48 ? 6.961   7.585   -11.158 1.00 54.27  ? 48  LYS A CG  1 
ATOM   381 C CD  . LYS A 1 48 ? 7.019   9.027   -10.672 1.00 65.33  ? 48  LYS A CD  1 
ATOM   382 C CE  . LYS A 1 48 ? 5.703   9.754   -10.899 1.00 71.52  ? 48  LYS A CE  1 
ATOM   383 N NZ  . LYS A 1 48 ? 5.780   11.173  -10.447 1.00 74.51  ? 48  LYS A NZ  1 
ATOM   384 N N   . LYS A 1 49 ? 9.105   4.504   -8.740  1.00 42.75  ? 49  LYS A N   1 
ATOM   385 C CA  . LYS A 1 49 ? 10.249  4.101   -7.918  1.00 46.96  ? 49  LYS A CA  1 
ATOM   386 C C   . LYS A 1 49 ? 10.567  2.620   -8.031  1.00 50.43  ? 49  LYS A C   1 
ATOM   387 O O   . LYS A 1 49 ? 11.734  2.222   -8.029  1.00 48.73  ? 49  LYS A O   1 
ATOM   388 C CB  . LYS A 1 49 ? 10.022  4.464   -6.445  1.00 45.46  ? 49  LYS A CB  1 
ATOM   389 C CG  . LYS A 1 49 ? 10.242  5.937   -6.130  1.00 55.20  ? 49  LYS A CG  1 
ATOM   390 C CD  . LYS A 1 49 ? 9.625   6.324   -4.790  1.00 59.50  ? 49  LYS A CD  1 
ATOM   391 C CE  . LYS A 1 49 ? 9.745   7.826   -4.533  1.00 64.03  ? 49  LYS A CE  1 
ATOM   392 N NZ  . LYS A 1 49 ? 11.163  8.287   -4.451  1.00 74.65  ? 49  LYS A NZ  1 
ATOM   393 N N   . TYR A 1 50 ? 9.527   1.804   -8.132  1.00 44.57  ? 50  TYR A N   1 
ATOM   394 C CA  . TYR A 1 50 ? 9.702   0.364   -8.064  1.00 45.83  ? 50  TYR A CA  1 
ATOM   395 C C   . TYR A 1 50 ? 9.144   -0.374  -9.272  1.00 43.90  ? 50  TYR A C   1 
ATOM   396 O O   . TYR A 1 50 ? 8.878   -1.569  -9.186  1.00 44.35  ? 50  TYR A O   1 
ATOM   397 C CB  . TYR A 1 50 ? 9.087   -0.175  -6.771  1.00 40.18  ? 50  TYR A CB  1 
ATOM   398 C CG  . TYR A 1 50 ? 9.862   0.226   -5.542  1.00 43.78  ? 50  TYR A CG  1 
ATOM   399 C CD1 . TYR A 1 50 ? 9.377   1.194   -4.668  1.00 45.11  ? 50  TYR A CD1 1 
ATOM   400 C CD2 . TYR A 1 50 ? 11.092  -0.354  -5.262  1.00 41.85  ? 50  TYR A CD2 1 
ATOM   401 C CE1 . TYR A 1 50 ? 10.098  1.561   -3.538  1.00 47.80  ? 50  TYR A CE1 1 
ATOM   402 C CE2 . TYR A 1 50 ? 11.815  0.001   -4.140  1.00 44.36  ? 50  TYR A CE2 1 
ATOM   403 C CZ  . TYR A 1 50 ? 11.315  0.960   -3.285  1.00 49.83  ? 50  TYR A CZ  1 
ATOM   404 O OH  . TYR A 1 50 ? 12.047  1.304   -2.172  1.00 57.77  ? 50  TYR A OH  1 
ATOM   405 N N   . ASN A 1 51 ? 8.976   0.337   -10.391 1.00 36.94  ? 51  ASN A N   1 
ATOM   406 C CA  . ASN A 1 51 ? 8.538   -0.276  -11.650 1.00 39.69  ? 51  ASN A CA  1 
ATOM   407 C C   . ASN A 1 51 ? 7.042   -0.592  -11.668 1.00 43.13  ? 51  ASN A C   1 
ATOM   408 O O   . ASN A 1 51 ? 6.477   -0.959  -10.637 1.00 39.28  ? 51  ASN A O   1 
ATOM   409 C CB  . ASN A 1 51 ? 9.328   -1.571  -11.924 1.00 44.64  ? 51  ASN A CB  1 
ATOM   410 C CG  . ASN A 1 51 ? 10.828  -1.345  -12.028 1.00 50.34  ? 51  ASN A CG  1 
ATOM   411 O OD1 . ASN A 1 51 ? 11.286  -0.292  -12.481 1.00 59.37  ? 51  ASN A OD1 1 
ATOM   412 N ND2 . ASN A 1 51 ? 11.607  -2.353  -11.617 1.00 48.18  ? 51  ASN A ND2 1 
ATOM   413 N N   . PRO A 1 52 ? 6.395   -0.478  -12.843 1.00 45.58  ? 52  PRO A N   1 
ATOM   414 C CA  . PRO A 1 52 ? 4.979   -0.845  -12.981 1.00 42.67  ? 52  PRO A CA  1 
ATOM   415 C C   . PRO A 1 52 ? 4.857   -2.354  -12.857 1.00 42.36  ? 52  PRO A C   1 
ATOM   416 O O   . PRO A 1 52 ? 5.845   -3.050  -13.099 1.00 43.61  ? 52  PRO A O   1 
ATOM   417 C CB  . PRO A 1 52 ? 4.630   -0.391  -14.410 1.00 40.82  ? 52  PRO A CB  1 
ATOM   418 C CG  . PRO A 1 52 ? 5.743   0.505   -14.825 1.00 45.85  ? 52  PRO A CG  1 
ATOM   419 C CD  . PRO A 1 52 ? 6.953   0.000   -14.116 1.00 50.50  ? 52  PRO A CD  1 
ATOM   420 N N   . THR A 1 53 ? 3.688   -2.883  -12.500 1.00 43.20  ? 53  THR A N   1 
ATOM   421 C CA  . THR A 1 53 ? 2.436   -2.148  -12.365 1.00 36.69  ? 53  THR A CA  1 
ATOM   422 C C   . THR A 1 53 ? 1.857   -2.344  -10.964 1.00 26.74  ? 53  THR A C   1 
ATOM   423 O O   . THR A 1 53 ? 1.526   -3.463  -10.583 1.00 30.25  ? 53  THR A O   1 
ATOM   424 C CB  . THR A 1 53 ? 1.410   -2.698  -13.366 1.00 39.68  ? 53  THR A CB  1 
ATOM   425 O OG1 . THR A 1 53 ? 1.897   -2.527  -14.700 1.00 43.23  ? 53  THR A OG1 1 
ATOM   426 C CG2 . THR A 1 53 ? 0.068   -2.009  -13.205 1.00 36.19  ? 53  THR A CG2 1 
ATOM   427 N N   . TRP A 1 54 ? 1.734   -1.258  -10.206 1.00 28.18  ? 54  TRP A N   1 
ATOM   428 C CA  . TRP A 1 54 ? 1.195   -1.332  -8.848  1.00 24.99  ? 54  TRP A CA  1 
ATOM   429 C C   . TRP A 1 54 ? -0.286  -0.996  -8.812  1.00 28.67  ? 54  TRP A C   1 
ATOM   430 O O   . TRP A 1 54 ? -0.822  -0.452  -9.759  1.00 20.11  ? 54  TRP A O   1 
ATOM   431 C CB  . TRP A 1 54 ? 1.991   -0.418  -7.910  1.00 25.48  ? 54  TRP A CB  1 
ATOM   432 C CG  . TRP A 1 54 ? 3.409   -0.893  -7.737  1.00 30.90  ? 54  TRP A CG  1 
ATOM   433 C CD1 . TRP A 1 54 ? 4.467   -0.663  -8.576  1.00 28.22  ? 54  TRP A CD1 1 
ATOM   434 C CD2 . TRP A 1 54 ? 3.911   -1.690  -6.664  1.00 27.88  ? 54  TRP A CD2 1 
ATOM   435 N NE1 . TRP A 1 54 ? 5.601   -1.272  -8.084  1.00 27.39  ? 54  TRP A NE1 1 
ATOM   436 C CE2 . TRP A 1 54 ? 5.286   -1.909  -6.912  1.00 33.30  ? 54  TRP A CE2 1 
ATOM   437 C CE3 . TRP A 1 54 ? 3.334   -2.237  -5.510  1.00 26.33  ? 54  TRP A CE3 1 
ATOM   438 C CZ2 . TRP A 1 54 ? 6.091   -2.645  -6.053  1.00 31.32  ? 54  TRP A CZ2 1 
ATOM   439 C CZ3 . TRP A 1 54 ? 4.142   -2.978  -4.651  1.00 26.25  ? 54  TRP A CZ3 1 
ATOM   440 C CH2 . TRP A 1 54 ? 5.504   -3.177  -4.930  1.00 31.20  ? 54  TRP A CH2 1 
ATOM   441 N N   . HIS A 1 55 ? -0.933  -1.339  -7.708  1.00 23.11  ? 55  HIS A N   1 
ATOM   442 C CA  . HIS A 1 55 ? -2.356  -1.156  -7.534  1.00 25.62  ? 55  HIS A CA  1 
ATOM   443 C C   . HIS A 1 55 ? -2.476  -0.785  -6.082  1.00 22.50  ? 55  HIS A C   1 
ATOM   444 O O   . HIS A 1 55 ? -1.815  -1.387  -5.229  1.00 19.53  ? 55  HIS A O   1 
ATOM   445 C CB  . HIS A 1 55 ? -3.091  -2.482  -7.812  1.00 22.83  ? 55  HIS A CB  1 
ATOM   446 C CG  . HIS A 1 55 ? -2.690  -3.125  -9.106  1.00 27.35  ? 55  HIS A CG  1 
ATOM   447 N ND1 . HIS A 1 55 ? -3.222  -2.751  -10.323 1.00 23.52  ? 55  HIS A ND1 1 
ATOM   448 C CD2 . HIS A 1 55 ? -1.786  -4.098  -9.376  1.00 21.69  ? 55  HIS A CD2 1 
ATOM   449 C CE1 . HIS A 1 55 ? -2.670  -3.466  -11.286 1.00 26.83  ? 55  HIS A CE1 1 
ATOM   450 N NE2 . HIS A 1 55 ? -1.792  -4.290  -10.739 1.00 28.67  ? 55  HIS A NE2 1 
ATOM   451 N N   . CYS A 1 56 ? -3.312  0.197   -5.785  1.00 20.09  ? 56  CYS A N   1 
ATOM   452 C CA  . CYS A 1 56 ? -3.431  0.668   -4.423  1.00 17.55  ? 56  CYS A CA  1 
ATOM   453 C C   . CYS A 1 56 ? -4.880  0.895   -4.055  1.00 19.50  ? 56  CYS A C   1 
ATOM   454 O O   . CYS A 1 56 ? -5.638  1.522   -4.804  1.00 15.64  ? 56  CYS A O   1 
ATOM   455 C CB  . CYS A 1 56 ? -2.626  1.962   -4.210  1.00 17.82  ? 56  CYS A CB  1 
ATOM   456 S SG  . CYS A 1 56 ? -2.474  2.455   -2.463  1.00 21.27  ? 56  CYS A SG  1 
ATOM   457 N N   . ILE A 1 57 ? -5.244  0.379   -2.889  1.00 15.55  ? 57  ILE A N   1 
ATOM   458 C CA  . ILE A 1 57 ? -6.563  0.576   -2.308  1.00 16.08  ? 57  ILE A CA  1 
ATOM   459 C C   . ILE A 1 57 ? -6.354  1.235   -0.947  1.00 16.55  ? 57  ILE A C   1 
ATOM   460 O O   . ILE A 1 57 ? -5.479  0.817   -0.173  1.00 18.06  ? 57  ILE A O   1 
ATOM   461 C CB  . ILE A 1 57 ? -7.264  -0.766  -2.069  1.00 14.13  ? 57  ILE A CB  1 
ATOM   462 C CG1 . ILE A 1 57 ? -7.227  -1.670  -3.311  1.00 22.05  ? 57  ILE A CG1 1 
ATOM   463 C CG2 . ILE A 1 57 ? -8.665  -0.571  -1.534  1.00 15.89  ? 57  ILE A CG2 1 
ATOM   464 C CD1 . ILE A 1 57 ? -7.877  -1.103  -4.522  1.00 21.43  ? 57  ILE A CD1 1 
ATOM   465 N N   . VAL A 1 58 ? -7.143  2.272   -0.668  1.00 17.48  ? 58  VAL A N   1 
ATOM   466 C CA  . VAL A 1 58 ? -7.043  3.027   0.566   1.00 18.46  ? 58  VAL A CA  1 
ATOM   467 C C   . VAL A 1 58 ? -8.460  3.148   1.157   1.00 17.67  ? 58  VAL A C   1 
ATOM   468 O O   . VAL A 1 58 ? -9.375  3.650   0.500   1.00 17.72  ? 58  VAL A O   1 
ATOM   469 C CB  . VAL A 1 58 ? -6.416  4.435   0.303   1.00 20.12  ? 58  VAL A CB  1 
ATOM   470 C CG1 . VAL A 1 58 ? -6.543  5.358   1.542   1.00 17.47  ? 58  VAL A CG1 1 
ATOM   471 C CG2 . VAL A 1 58 ? -4.967  4.312   -0.114  1.00 19.06  ? 58  VAL A CG2 1 
ATOM   472 N N   . GLY A 1 59 ? -8.661  2.679   2.378   1.00 18.97  ? 59  GLY A N   1 
ATOM   473 C CA  . GLY A 1 59 ? -9.999  2.787   2.957   1.00 14.82  ? 59  GLY A CA  1 
ATOM   474 C C   . GLY A 1 59 ? -10.114 2.373   4.395   1.00 26.58  ? 59  GLY A C   1 
ATOM   475 O O   . GLY A 1 59 ? -9.189  1.819   4.965   1.00 21.18  ? 59  GLY A O   1 
ATOM   476 N N   . ARG A 1 60 ? -11.271 2.647   4.977   1.00 18.00  ? 60  ARG A N   1 
ATOM   477 C CA  . ARG A 1 60 ? -11.557 2.233   6.335   1.00 23.01  ? 60  ARG A CA  1 
ATOM   478 C C   . ARG A 1 60 ? -12.346 0.931   6.382   1.00 22.74  ? 60  ARG A C   1 
ATOM   479 O O   . ARG A 1 60 ? -12.383 0.259   7.410   1.00 22.93  ? 60  ARG A O   1 
ATOM   480 C CB  . ARG A 1 60 ? -12.296 3.354   7.062   1.00 22.93  ? 60  ARG A CB  1 
ATOM   481 C CG  . ARG A 1 60 ? -11.424 4.578   7.247   1.00 25.45  ? 60  ARG A CG  1 
ATOM   482 C CD  . ARG A 1 60 ? -12.240 5.747   7.766   1.00 38.72  ? 60  ARG A CD  1 
ATOM   483 N NE  . ARG A 1 60 ? -11.444 6.966   7.776   1.00 52.46  ? 60  ARG A NE  1 
ATOM   484 C CZ  . ARG A 1 60 ? -10.753 7.386   8.829   1.00 58.11  ? 60  ARG A CZ  1 
ATOM   485 N NH1 . ARG A 1 60 ? -10.778 6.686   9.954   1.00 56.92  ? 60  ARG A NH1 1 
ATOM   486 N NH2 . ARG A 1 60 ? -10.048 8.509   8.762   1.00 58.16  ? 60  ARG A NH2 1 
ATOM   487 N N   . ASN A 1 61 ? -12.978 0.560   5.273   1.00 16.81  ? 61  ASN A N   1 
ATOM   488 C CA  . ASN A 1 61 ? -13.724 -0.676  5.282   1.00 16.50  ? 61  ASN A CA  1 
ATOM   489 C C   . ASN A 1 61 ? -13.675 -1.374  3.941   1.00 23.24  ? 61  ASN A C   1 
ATOM   490 O O   . ASN A 1 61 ? -14.359 -0.986  2.992   1.00 18.52  ? 61  ASN A O   1 
ATOM   491 C CB  . ASN A 1 61 ? -15.181 -0.458  5.714   1.00 20.92  ? 61  ASN A CB  1 
ATOM   492 C CG  . ASN A 1 61 ? -15.975 -1.744  5.725   1.00 22.63  ? 61  ASN A CG  1 
ATOM   493 O OD1 . ASN A 1 61 ? -16.732 -2.022  4.797   1.00 20.67  ? 61  ASN A OD1 1 
ATOM   494 N ND2 . ASN A 1 61 ? -15.813 -2.539  6.788   1.00 24.47  ? 61  ASN A ND2 1 
ATOM   495 N N   . PHE A 1 62 ? -12.873 -2.425  3.877   1.00 16.45  ? 62  PHE A N   1 
ATOM   496 C CA  . PHE A 1 62 ? -12.825 -3.256  2.693   1.00 17.42  ? 62  PHE A CA  1 
ATOM   497 C C   . PHE A 1 62 ? -12.121 -4.565  2.996   1.00 18.45  ? 62  PHE A C   1 
ATOM   498 O O   . PHE A 1 62 ? -11.284 -4.637  3.890   1.00 17.85  ? 62  PHE A O   1 
ATOM   499 C CB  . PHE A 1 62 ? -12.163 -2.531  1.507   1.00 13.34  ? 62  PHE A CB  1 
ATOM   500 C CG  . PHE A 1 62 ? -10.680 -2.268  1.655   1.00 14.01  ? 62  PHE A CG  1 
ATOM   501 C CD1 . PHE A 1 62 ? -10.224 -1.096  2.247   1.00 12.43  ? 62  PHE A CD1 1 
ATOM   502 C CD2 . PHE A 1 62 ? -9.734  -3.172  1.162   1.00 14.42  ? 62  PHE A CD2 1 
ATOM   503 C CE1 . PHE A 1 62 ? -8.864  -0.817  2.366   1.00 15.01  ? 62  PHE A CE1 1 
ATOM   504 C CE2 . PHE A 1 62 ? -8.360  -2.903  1.284   1.00 13.91  ? 62  PHE A CE2 1 
ATOM   505 C CZ  . PHE A 1 62 ? -7.921  -1.732  1.885   1.00 15.72  ? 62  PHE A CZ  1 
ATOM   506 N N   . GLY A 1 63 ? -12.488 -5.585  2.243   1.00 14.84  ? 63  GLY A N   1 
ATOM   507 C CA  . GLY A 1 63 ? -11.733 -6.826  2.193   1.00 16.53  ? 63  GLY A CA  1 
ATOM   508 C C   . GLY A 1 63 ? -11.273 -6.988  0.750   1.00 24.69  ? 63  GLY A C   1 
ATOM   509 O O   . GLY A 1 63 ? -11.833 -6.378  -0.165  1.00 17.99  ? 63  GLY A O   1 
ATOM   510 N N   . SER A 1 64 ? -10.259 -7.806  0.525   1.00 14.30  ? 64  SER A N   1 
ATOM   511 C CA  . SER A 1 64 ? -9.750  -7.940  -0.838  1.00 15.18  ? 64  SER A CA  1 
ATOM   512 C C   . SER A 1 64 ? -9.284  -9.361  -1.043  1.00 19.13  ? 64  SER A C   1 
ATOM   513 O O   . SER A 1 64 ? -9.073  -10.116 -0.079  1.00 18.99  ? 64  SER A O   1 
ATOM   514 C CB  . SER A 1 64 ? -8.604  -6.958  -1.107  1.00 15.38  ? 64  SER A CB  1 
ATOM   515 O OG  . SER A 1 64 ? -7.426  -7.334  -0.406  1.00 25.53  ? 64  SER A OG  1 
ATOM   516 N N   . TYR A 1 65 ? -9.165  -9.729  -2.307  1.00 19.96  ? 65  TYR A N   1 
ATOM   517 C CA  . TYR A 1 65 ? -8.481  -10.943 -2.678  1.00 18.71  ? 65  TYR A CA  1 
ATOM   518 C C   . TYR A 1 65 ? -7.800  -10.667 -3.997  1.00 26.22  ? 65  TYR A C   1 
ATOM   519 O O   . TYR A 1 65 ? -8.451  -10.421 -5.013  1.00 21.53  ? 65  TYR A O   1 
ATOM   520 C CB  . TYR A 1 65 ? -9.459  -12.106 -2.783  1.00 18.88  ? 65  TYR A CB  1 
ATOM   521 C CG  . TYR A 1 65 ? -8.777  -13.448 -2.781  1.00 25.65  ? 65  TYR A CG  1 
ATOM   522 C CD1 . TYR A 1 65 ? -8.269  -13.984 -1.604  1.00 24.66  ? 65  TYR A CD1 1 
ATOM   523 C CD2 . TYR A 1 65 ? -8.664  -14.190 -3.939  1.00 26.09  ? 65  TYR A CD2 1 
ATOM   524 C CE1 . TYR A 1 65 ? -7.647  -15.205 -1.595  1.00 30.07  ? 65  TYR A CE1 1 
ATOM   525 C CE2 . TYR A 1 65 ? -8.051  -15.433 -3.936  1.00 31.49  ? 65  TYR A CE2 1 
ATOM   526 C CZ  . TYR A 1 65 ? -7.541  -15.929 -2.762  1.00 31.43  ? 65  TYR A CZ  1 
ATOM   527 O OH  . TYR A 1 65 ? -6.929  -17.162 -2.747  1.00 37.04  ? 65  TYR A OH  1 
ATOM   528 N N   . VAL A 1 66 ? -6.475  -10.640 -3.956  1.00 23.11  ? 66  VAL A N   1 
ATOM   529 C CA  . VAL A 1 66 ? -5.694  -10.207 -5.092  1.00 26.06  ? 66  VAL A CA  1 
ATOM   530 C C   . VAL A 1 66 ? -4.558  -11.190 -5.317  1.00 21.28  ? 66  VAL A C   1 
ATOM   531 O O   . VAL A 1 66 ? -4.226  -12.015 -4.448  1.00 23.10  ? 66  VAL A O   1 
ATOM   532 C CB  . VAL A 1 66 ? -5.094  -8.797  -4.904  1.00 20.10  ? 66  VAL A CB  1 
ATOM   533 C CG1 . VAL A 1 66 ? -6.174  -7.788  -4.532  1.00 18.17  ? 66  VAL A CG1 1 
ATOM   534 C CG2 . VAL A 1 66 ? -3.934  -8.828  -3.856  1.00 18.91  ? 66  VAL A CG2 1 
ATOM   535 N N   . THR A 1 67 ? -3.967  -11.092 -6.492  1.00 33.12  ? 67  THR A N   1 
ATOM   536 C CA  . THR A 1 67 ? -2.812  -11.875 -6.838  1.00 24.28  ? 67  THR A CA  1 
ATOM   537 C C   . THR A 1 67 ? -1.663  -10.903 -7.100  1.00 28.57  ? 67  THR A C   1 
ATOM   538 O O   . THR A 1 67 ? -1.793  -9.952  -7.881  1.00 27.24  ? 67  THR A O   1 
ATOM   539 C CB  . THR A 1 67 ? -3.083  -12.740 -8.073  1.00 30.61  ? 67  THR A CB  1 
ATOM   540 O OG1 . THR A 1 67 ? -4.192  -13.619 -7.813  1.00 26.24  ? 67  THR A OG1 1 
ATOM   541 C CG2 . THR A 1 67 ? -1.855  -13.566 -8.408  1.00 29.93  ? 67  THR A CG2 1 
ATOM   542 N N   . HIS A 1 68 ? -0.542  -11.124 -6.422  1.00 28.86  ? 68  HIS A N   1 
ATOM   543 C CA  . HIS A 1 68 ? 0.595   -10.222 -6.526  1.00 29.20  ? 68  HIS A CA  1 
ATOM   544 C C   . HIS A 1 68 ? 1.867   -10.977 -6.897  1.00 27.10  ? 68  HIS A C   1 
ATOM   545 O O   . HIS A 1 68 ? 1.959   -12.193 -6.721  1.00 32.95  ? 68  HIS A O   1 
ATOM   546 C CB  . HIS A 1 68 ? 0.819   -9.497  -5.201  1.00 28.49  ? 68  HIS A CB  1 
ATOM   547 C CG  . HIS A 1 68 ? 1.244   -10.407 -4.091  1.00 27.11  ? 68  HIS A CG  1 
ATOM   548 N ND1 . HIS A 1 68 ? 2.566   -10.704 -3.836  1.00 35.00  ? 68  HIS A ND1 1 
ATOM   549 C CD2 . HIS A 1 68 ? 0.521   -11.104 -3.183  1.00 23.96  ? 68  HIS A CD2 1 
ATOM   550 C CE1 . HIS A 1 68 ? 2.639   -11.546 -2.817  1.00 31.36  ? 68  HIS A CE1 1 
ATOM   551 N NE2 . HIS A 1 68 ? 1.412   -11.800 -2.399  1.00 36.24  ? 68  HIS A NE2 1 
ATOM   552 N N   . GLU A 1 69 ? 2.858   -10.244 -7.392  1.00 33.41  ? 69  GLU A N   1 
ATOM   553 C CA  . GLU A 1 69 ? 4.164   -10.828 -7.654  1.00 42.45  ? 69  GLU A CA  1 
ATOM   554 C C   . GLU A 1 69 ? 4.900   -11.009 -6.339  1.00 37.18  ? 69  GLU A C   1 
ATOM   555 O O   . GLU A 1 69 ? 4.745   -10.212 -5.414  1.00 40.55  ? 69  GLU A O   1 
ATOM   556 C CB  . GLU A 1 69 ? 4.968   -9.942  -8.606  1.00 47.82  ? 69  GLU A CB  1 
ATOM   557 C CG  . GLU A 1 69 ? 4.464   -9.997  -10.040 1.00 57.94  ? 69  GLU A CG  1 
ATOM   558 C CD  . GLU A 1 69 ? 4.879   -8.795  -10.861 1.00 62.57  ? 69  GLU A CD  1 
ATOM   559 O OE1 . GLU A 1 69 ? 5.947   -8.214  -10.576 1.00 62.68  ? 69  GLU A OE1 1 
ATOM   560 O OE2 . GLU A 1 69 ? 4.133   -8.434  -11.796 1.00 63.36  ? 69  GLU A OE2 1 
ATOM   561 N N   . THR A 1 70 ? 5.695   -12.065 -6.255  1.00 39.06  ? 70  THR A N   1 
ATOM   562 C CA  . THR A 1 70 ? 6.462   -12.341 -5.055  1.00 37.85  ? 70  THR A CA  1 
ATOM   563 C C   . THR A 1 70 ? 7.238   -11.114 -4.602  1.00 34.61  ? 70  THR A C   1 
ATOM   564 O O   . THR A 1 70 ? 7.818   -10.395 -5.423  1.00 46.39  ? 70  THR A O   1 
ATOM   565 C CB  . THR A 1 70 ? 7.445   -13.520 -5.273  1.00 34.90  ? 70  THR A CB  1 
ATOM   566 O OG1 . THR A 1 70 ? 6.695   -14.702 -5.560  1.00 52.94  ? 70  THR A OG1 1 
ATOM   567 C CG2 . THR A 1 70 ? 8.259   -13.746 -4.032  1.00 41.80  ? 70  THR A CG2 1 
ATOM   568 N N   . ARG A 1 71 ? 7.237   -10.877 -3.292  1.00 37.36  ? 71  ARG A N   1 
ATOM   569 C CA  . ARG A 1 71 ? 8.011   -9.785  -2.691  1.00 41.07  ? 71  ARG A CA  1 
ATOM   570 C C   . ARG A 1 71 ? 7.464   -8.394  -3.016  1.00 41.00  ? 71  ARG A C   1 
ATOM   571 O O   . ARG A 1 71 ? 8.149   -7.389  -2.797  1.00 35.36  ? 71  ARG A O   1 
ATOM   572 C CB  . ARG A 1 71 ? 9.491   -9.876  -3.090  1.00 42.66  ? 71  ARG A CB  1 
ATOM   573 C CG  . ARG A 1 71 ? 10.203  -11.121 -2.575  1.00 56.50  ? 71  ARG A CG  1 
ATOM   574 C CD  . ARG A 1 71 ? 10.430  -11.033 -1.076  1.00 59.43  ? 71  ARG A CD  1 
ATOM   575 N NE  . ARG A 1 71 ? 11.614  -10.241 -0.752  1.00 61.92  ? 71  ARG A NE  1 
ATOM   576 C CZ  . ARG A 1 71 ? 11.968  -9.902  0.484   1.00 65.22  ? 71  ARG A CZ  1 
ATOM   577 N NH1 . ARG A 1 71 ? 13.074  -9.192  0.690   1.00 59.87  ? 71  ARG A NH1 1 
ATOM   578 N NH2 . ARG A 1 71 ? 11.214  -10.273 1.514   1.00 60.23  ? 71  ARG A NH2 1 
ATOM   579 N N   . HIS A 1 72 ? 6.235   -8.336  -3.535  1.00 37.00  ? 72  HIS A N   1 
ATOM   580 C CA  . HIS A 1 72 ? 5.630   -7.065  -3.949  1.00 35.22  ? 72  HIS A CA  1 
ATOM   581 C C   . HIS A 1 72 ? 4.205   -6.903  -3.439  1.00 33.88  ? 72  HIS A C   1 
ATOM   582 O O   . HIS A 1 72 ? 3.287   -6.610  -4.198  1.00 29.28  ? 72  HIS A O   1 
ATOM   583 C CB  . HIS A 1 72 ? 5.674   -6.923  -5.472  1.00 33.64  ? 72  HIS A CB  1 
ATOM   584 C CG  . HIS A 1 72 ? 7.065   -6.856  -6.025  1.00 37.18  ? 72  HIS A CG  1 
ATOM   585 N ND1 . HIS A 1 72 ? 7.868   -7.968  -6.159  1.00 50.00  ? 72  HIS A ND1 1 
ATOM   586 C CD2 . HIS A 1 72 ? 7.798   -5.807  -6.466  1.00 43.53  ? 72  HIS A CD2 1 
ATOM   587 C CE1 . HIS A 1 72 ? 9.035   -7.609  -6.663  1.00 50.92  ? 72  HIS A CE1 1 
ATOM   588 N NE2 . HIS A 1 72 ? 9.019   -6.302  -6.862  1.00 44.07  ? 72  HIS A NE2 1 
ATOM   589 N N   . PHE A 1 73 ? 4.045   -7.074  -2.134  1.00 30.13  ? 73  PHE A N   1 
ATOM   590 C CA  . PHE A 1 73 ? 2.757   -6.964  -1.491  1.00 31.79  ? 73  PHE A CA  1 
ATOM   591 C C   . PHE A 1 73 ? 2.909   -6.340  -0.115  1.00 33.35  ? 73  PHE A C   1 
ATOM   592 O O   . PHE A 1 73 ? 3.759   -6.743  0.657   1.00 31.55  ? 73  PHE A O   1 
ATOM   593 C CB  . PHE A 1 73 ? 2.131   -8.344  -1.342  1.00 28.77  ? 73  PHE A CB  1 
ATOM   594 C CG  . PHE A 1 73 ? 0.839   -8.335  -0.587  1.00 28.95  ? 73  PHE A CG  1 
ATOM   595 C CD1 . PHE A 1 73 ? -0.371  -8.170  -1.258  1.00 24.38  ? 73  PHE A CD1 1 
ATOM   596 C CD2 . PHE A 1 73 ? 0.826   -8.485  0.797   1.00 28.31  ? 73  PHE A CD2 1 
ATOM   597 C CE1 . PHE A 1 73 ? -1.578  -8.161  -0.555  1.00 23.03  ? 73  PHE A CE1 1 
ATOM   598 C CE2 . PHE A 1 73 ? -0.372  -8.457  1.508   1.00 28.85  ? 73  PHE A CE2 1 
ATOM   599 C CZ  . PHE A 1 73 ? -1.578  -8.297  0.835   1.00 21.47  ? 73  PHE A CZ  1 
ATOM   600 N N   . ILE A 1 74 ? 2.086   -5.347  0.197   1.00 26.14  ? 74  ILE A N   1 
ATOM   601 C CA  . ILE A 1 74 ? 2.020   -4.867  1.567   1.00 22.16  ? 74  ILE A CA  1 
ATOM   602 C C   . ILE A 1 74 ? 0.604   -4.407  1.871   1.00 28.37  ? 74  ILE A C   1 
ATOM   603 O O   . ILE A 1 74 ? -0.063  -3.825  1.026   1.00 23.44  ? 74  ILE A O   1 
ATOM   604 C CB  . ILE A 1 74 ? 3.022   -3.739  1.870   1.00 25.03  ? 74  ILE A CB  1 
ATOM   605 C CG1 . ILE A 1 74 ? 3.047   -3.445  3.370   1.00 26.95  ? 74  ILE A CG1 1 
ATOM   606 C CG2 . ILE A 1 74 ? 2.673   -2.435  1.101   1.00 23.43  ? 74  ILE A CG2 1 
ATOM   607 C CD1 . ILE A 1 74 ? 4.056   -2.393  3.771   1.00 30.70  ? 74  ILE A CD1 1 
ATOM   608 N N   . TYR A 1 75 ? 0.150   -4.731  3.073   1.00 27.21  ? 75  TYR A N   1 
ATOM   609 C CA  . TYR A 1 75 ? -1.144  -4.322  3.557   1.00 27.38  ? 75  TYR A CA  1 
ATOM   610 C C   . TYR A 1 75 ? -0.885  -3.722  4.920   1.00 31.53  ? 75  TYR A C   1 
ATOM   611 O O   . TYR A 1 75 ? -0.360  -4.386  5.813   1.00 26.21  ? 75  TYR A O   1 
ATOM   612 C CB  . TYR A 1 75 ? -2.077  -5.523  3.692   1.00 17.91  ? 75  TYR A CB  1 
ATOM   613 C CG  . TYR A 1 75 ? -3.396  -5.186  4.358   1.00 26.46  ? 75  TYR A CG  1 
ATOM   614 C CD1 . TYR A 1 75 ? -4.241  -4.209  3.831   1.00 25.81  ? 75  TYR A CD1 1 
ATOM   615 C CD2 . TYR A 1 75 ? -3.807  -5.857  5.509   1.00 24.25  ? 75  TYR A CD2 1 
ATOM   616 C CE1 . TYR A 1 75 ? -5.454  -3.896  4.449   1.00 17.70  ? 75  TYR A CE1 1 
ATOM   617 C CE2 . TYR A 1 75 ? -5.011  -5.555  6.129   1.00 31.44  ? 75  TYR A CE2 1 
ATOM   618 C CZ  . TYR A 1 75 ? -5.831  -4.576  5.589   1.00 26.81  ? 75  TYR A CZ  1 
ATOM   619 O OH  . TYR A 1 75 ? -7.020  -4.284  6.203   1.00 23.61  ? 75  TYR A OH  1 
ATOM   620 N N   . PHE A 1 76 ? -1.230  -2.460  5.086   1.00 24.73  ? 76  PHE A N   1 
ATOM   621 C CA  . PHE A 1 76 ? -0.889  -1.807  6.334   1.00 26.35  ? 76  PHE A CA  1 
ATOM   622 C C   . PHE A 1 76 ? -1.868  -0.710  6.688   1.00 28.60  ? 76  PHE A C   1 
ATOM   623 O O   . PHE A 1 76 ? -2.616  -0.220  5.837   1.00 23.57  ? 76  PHE A O   1 
ATOM   624 C CB  . PHE A 1 76 ? 0.551   -1.275  6.296   1.00 29.64  ? 76  PHE A CB  1 
ATOM   625 C CG  . PHE A 1 76 ? 0.781   -0.175  5.280   1.00 23.55  ? 76  PHE A CG  1 
ATOM   626 C CD1 . PHE A 1 76 ? 0.889   -0.466  3.922   1.00 25.27  ? 76  PHE A CD1 1 
ATOM   627 C CD2 . PHE A 1 76 ? 0.901   1.145   5.687   1.00 21.24  ? 76  PHE A CD2 1 
ATOM   628 C CE1 . PHE A 1 76 ? 1.113   0.550   2.993   1.00 22.44  ? 76  PHE A CE1 1 
ATOM   629 C CE2 . PHE A 1 76 ? 1.126   2.164   4.765   1.00 27.92  ? 76  PHE A CE2 1 
ATOM   630 C CZ  . PHE A 1 76 ? 1.231   1.867   3.423   1.00 24.94  ? 76  PHE A CZ  1 
ATOM   631 N N   . TYR A 1 77 ? -1.882  -0.367  7.967   1.00 26.72  ? 77  TYR A N   1 
ATOM   632 C CA  . TYR A 1 77 ? -2.601  0.789   8.437   1.00 23.58  ? 77  TYR A CA  1 
ATOM   633 C C   . TYR A 1 77 ? -1.668  1.958   8.587   1.00 31.92  ? 77  TYR A C   1 
ATOM   634 O O   . TYR A 1 77 ? -0.504  1.797   8.960   1.00 28.70  ? 77  TYR A O   1 
ATOM   635 C CB  . TYR A 1 77 ? -3.283  0.491   9.758   1.00 30.17  ? 77  TYR A CB  1 
ATOM   636 C CG  . TYR A 1 77 ? -4.647  -0.112  9.591   1.00 34.05  ? 77  TYR A CG  1 
ATOM   637 C CD1 . TYR A 1 77 ? -5.786  0.693   9.668   1.00 35.00  ? 77  TYR A CD1 1 
ATOM   638 C CD2 . TYR A 1 77 ? -4.805  -1.470  9.330   1.00 31.37  ? 77  TYR A CD2 1 
ATOM   639 C CE1 . TYR A 1 77 ? -7.050  0.163   9.516   1.00 34.59  ? 77  TYR A CE1 1 
ATOM   640 C CE2 . TYR A 1 77 ? -6.066  -2.022  9.172   1.00 30.73  ? 77  TYR A CE2 1 
ATOM   641 C CZ  . TYR A 1 77 ? -7.190  -1.187  9.264   1.00 31.76  ? 77  TYR A CZ  1 
ATOM   642 O OH  . TYR A 1 77 ? -8.458  -1.691  9.126   1.00 35.11  ? 77  TYR A OH  1 
ATOM   643 N N   . LEU A 1 78 ? -2.172  3.148   8.274   1.00 22.85  ? 78  LEU A N   1 
ATOM   644 C CA  . LEU A 1 78 ? -1.458  4.343   8.631   1.00 27.43  ? 78  LEU A CA  1 
ATOM   645 C C   . LEU A 1 78 ? -2.506  5.229   9.254   1.00 34.95  ? 78  LEU A C   1 
ATOM   646 O O   . LEU A 1 78 ? -3.375  5.726   8.557   1.00 33.05  ? 78  LEU A O   1 
ATOM   647 C CB  . LEU A 1 78 ? -0.818  4.976   7.402   1.00 32.07  ? 78  LEU A CB  1 
ATOM   648 C CG  . LEU A 1 78 ? 0.156   6.120   7.642   1.00 39.40  ? 78  LEU A CG  1 
ATOM   649 C CD1 . LEU A 1 78 ? 1.329   5.681   8.551   1.00 31.84  ? 78  LEU A CD1 1 
ATOM   650 C CD2 . LEU A 1 78 ? 0.662   6.600   6.302   1.00 36.14  ? 78  LEU A CD2 1 
ATOM   651 N N   . GLY A 1 79 ? -2.452  5.386   10.574  1.00 34.67  ? 79  GLY A N   1 
ATOM   652 C CA  . GLY A 1 79 ? -3.562  6.004   11.288  1.00 41.58  ? 79  GLY A CA  1 
ATOM   653 C C   . GLY A 1 79 ? -4.768  5.087   11.183  1.00 43.56  ? 79  GLY A C   1 
ATOM   654 O O   . GLY A 1 79 ? -4.644  3.874   11.338  1.00 38.36  ? 79  GLY A O   1 
ATOM   655 N N   . GLN A 1 80 ? -5.934  5.653   10.882  1.00 47.02  ? 80  GLN A N   1 
ATOM   656 C CA  . GLN A 1 80 ? -7.161  4.857   10.845  1.00 48.67  ? 80  GLN A CA  1 
ATOM   657 C C   . GLN A 1 80 ? -7.475  4.308   9.452   1.00 39.12  ? 80  GLN A C   1 
ATOM   658 O O   . GLN A 1 80 ? -8.447  3.576   9.269   1.00 37.37  ? 80  GLN A O   1 
ATOM   659 C CB  . GLN A 1 80 ? -8.343  5.654   11.399  1.00 54.77  ? 80  GLN A CB  1 
ATOM   660 C CG  . GLN A 1 80 ? -8.383  5.732   12.917  1.00 66.30  ? 80  GLN A CG  1 
ATOM   661 C CD  . GLN A 1 80 ? -9.714  6.254   13.444  1.00 71.57  ? 80  GLN A CD  1 
ATOM   662 O OE1 . GLN A 1 80 ? -10.259 5.726   14.417  1.00 79.12  ? 80  GLN A OE1 1 
ATOM   663 N NE2 . GLN A 1 80 ? -10.246 7.291   12.800  1.00 73.57  ? 80  GLN A NE2 1 
ATOM   664 N N   . VAL A 1 81 ? -6.633  4.643   8.479   1.00 25.37  ? 81  VAL A N   1 
ATOM   665 C CA  . VAL A 1 81 ? -6.830  4.158   7.123   1.00 28.78  ? 81  VAL A CA  1 
ATOM   666 C C   . VAL A 1 81 ? -5.985  2.923   6.819   1.00 18.62  ? 81  VAL A C   1 
ATOM   667 O O   . VAL A 1 81 ? -4.791  2.877   7.128   1.00 27.03  ? 81  VAL A O   1 
ATOM   668 C CB  . VAL A 1 81 ? -6.588  5.284   6.066   1.00 30.97  ? 81  VAL A CB  1 
ATOM   669 C CG1 . VAL A 1 81 ? -5.122  5.488   5.780   1.00 32.94  ? 81  VAL A CG1 1 
ATOM   670 C CG2 . VAL A 1 81 ? -7.330  4.989   4.793   1.00 37.71  ? 81  VAL A CG2 1 
ATOM   671 N N   . ALA A 1 82 ? -6.616  1.936   6.195   1.00 19.24  ? 82  ALA A N   1 
ATOM   672 C CA  . ALA A 1 82 ? -5.896  0.788   5.663   1.00 22.29  ? 82  ALA A CA  1 
ATOM   673 C C   . ALA A 1 82 ? -5.458  1.015   4.216   1.00 26.47  ? 82  ALA A C   1 
ATOM   674 O O   . ALA A 1 82 ? -6.156  1.646   3.412   1.00 20.00  ? 82  ALA A O   1 
ATOM   675 C CB  . ALA A 1 82 ? -6.715  -0.480  5.789   1.00 18.17  ? 82  ALA A CB  1 
ATOM   676 N N   . ILE A 1 83 ? -4.270  0.518   3.911   1.00 18.16  ? 83  ILE A N   1 
ATOM   677 C CA  . ILE A 1 83 ? -3.672  0.652   2.604   1.00 19.23  ? 83  ILE A CA  1 
ATOM   678 C C   . ILE A 1 83 ? -3.222  -0.714  2.112   1.00 20.24  ? 83  ILE A C   1 
ATOM   679 O O   . ILE A 1 83 ? -2.448  -1.417  2.777   1.00 18.35  ? 83  ILE A O   1 
ATOM   680 C CB  . ILE A 1 83 ? -2.468  1.612   2.634   1.00 22.68  ? 83  ILE A CB  1 
ATOM   681 C CG1 . ILE A 1 83 ? -2.917  2.983   3.163   1.00 29.11  ? 83  ILE A CG1 1 
ATOM   682 C CG2 . ILE A 1 83 ? -1.880  1.739   1.236   1.00 17.70  ? 83  ILE A CG2 1 
ATOM   683 C CD1 . ILE A 1 83 ? -1.843  4.011   3.253   1.00 35.98  ? 83  ILE A CD1 1 
ATOM   684 N N   . LEU A 1 84 ? -3.738  -1.099  0.957   1.00 16.96  ? 84  LEU A N   1 
ATOM   685 C CA  . LEU A 1 84 ? -3.293  -2.295  0.262   1.00 21.44  ? 84  LEU A CA  1 
ATOM   686 C C   . LEU A 1 84 ? -2.490  -1.826  -0.934  1.00 24.59  ? 84  LEU A C   1 
ATOM   687 O O   . LEU A 1 84 ? -2.960  -1.018  -1.701  1.00 19.00  ? 84  LEU A O   1 
ATOM   688 C CB  . LEU A 1 84 ? -4.498  -3.097  -0.217  1.00 16.23  ? 84  LEU A CB  1 
ATOM   689 C CG  . LEU A 1 84 ? -4.242  -4.144  -1.302  1.00 17.91  ? 84  LEU A CG  1 
ATOM   690 C CD1 . LEU A 1 84 ? -3.226  -5.227  -0.802  1.00 18.14  ? 84  LEU A CD1 1 
ATOM   691 C CD2 . LEU A 1 84 ? -5.538  -4.779  -1.720  1.00 19.51  ? 84  LEU A CD2 1 
ATOM   692 N N   . LEU A 1 85 ? -1.267  -2.313  -1.090  1.00 18.86  ? 85  LEU A N   1 
ATOM   693 C CA  . LEU A 1 85 ? -0.463  -1.870  -2.205  1.00 19.51  ? 85  LEU A CA  1 
ATOM   694 C C   . LEU A 1 85 ? 0.250   -3.081  -2.744  1.00 28.07  ? 85  LEU A C   1 
ATOM   695 O O   . LEU A 1 85 ? 0.914   -3.760  -2.000  1.00 22.05  ? 85  LEU A O   1 
ATOM   696 C CB  . LEU A 1 85 ? 0.546   -0.826  -1.742  1.00 17.59  ? 85  LEU A CB  1 
ATOM   697 C CG  . LEU A 1 85 ? 1.662   -0.417  -2.718  1.00 20.40  ? 85  LEU A CG  1 
ATOM   698 C CD1 . LEU A 1 85 ? 1.075   0.348   -3.939  1.00 20.07  ? 85  LEU A CD1 1 
ATOM   699 C CD2 . LEU A 1 85 ? 2.678   0.450   -2.001  1.00 23.99  ? 85  LEU A CD2 1 
ATOM   700 N N   . PHE A 1 86 ? 0.109   -3.369  -4.030  1.00 19.52  ? 86  PHE A N   1 
ATOM   701 C CA  . PHE A 1 86 ? 0.716   -4.587  -4.551  1.00 25.81  ? 86  PHE A CA  1 
ATOM   702 C C   . PHE A 1 86 ? 1.030   -4.467  -6.030  1.00 30.05  ? 86  PHE A C   1 
ATOM   703 O O   . PHE A 1 86 ? 0.464   -3.630  -6.726  1.00 24.29  ? 86  PHE A O   1 
ATOM   704 C CB  . PHE A 1 86 ? -0.167  -5.829  -4.264  1.00 23.37  ? 86  PHE A CB  1 
ATOM   705 C CG  . PHE A 1 86 ? -1.422  -5.882  -5.093  1.00 24.75  ? 86  PHE A CG  1 
ATOM   706 C CD1 . PHE A 1 86 ? -2.541  -5.128  -4.736  1.00 24.06  ? 86  PHE A CD1 1 
ATOM   707 C CD2 . PHE A 1 86 ? -1.477  -6.654  -6.248  1.00 21.64  ? 86  PHE A CD2 1 
ATOM   708 C CE1 . PHE A 1 86 ? -3.687  -5.171  -5.502  1.00 18.05  ? 86  PHE A CE1 1 
ATOM   709 C CE2 . PHE A 1 86 ? -2.624  -6.695  -7.021  1.00 21.66  ? 86  PHE A CE2 1 
ATOM   710 C CZ  . PHE A 1 86 ? -3.726  -5.959  -6.654  1.00 19.24  ? 86  PHE A CZ  1 
ATOM   711 N N   . LYS A 1 87 ? 1.958   -5.301  -6.495  1.00 27.15  ? 87  LYS A N   1 
ATOM   712 C CA  . LYS A 1 87 ? 2.377   -5.283  -7.882  1.00 27.60  ? 87  LYS A CA  1 
ATOM   713 C C   . LYS A 1 87 ? 1.821   -6.513  -8.591  1.00 24.43  ? 87  LYS A C   1 
ATOM   714 O O   . LYS A 1 87 ? 1.946   -7.635  -8.103  1.00 33.99  ? 87  LYS A O   1 
ATOM   715 C CB  . LYS A 1 87 ? 3.907   -5.255  -7.966  1.00 34.83  ? 87  LYS A CB  1 
ATOM   716 C CG  . LYS A 1 87 ? 4.498   -4.914  -9.332  1.00 39.41  ? 87  LYS A CG  1 
ATOM   717 C CD  . LYS A 1 87 ? 5.996   -4.652  -9.191  1.00 44.77  ? 87  LYS A CD  1 
ATOM   718 C CE  . LYS A 1 87 ? 6.661   -4.287  -10.516 1.00 49.18  ? 87  LYS A CE  1 
ATOM   719 N NZ  . LYS A 1 87 ? 6.346   -5.276  -11.585 1.00 44.27  ? 87  LYS A NZ  1 
ATOM   720 N N   . GLU A 1 88 ? 1.193   -6.280  -9.740  1.00 35.08  ? 88  GLU A N   1 
ATOM   721 C CA  . GLU A 1 88 ? 0.760   -7.351  -10.617 1.00 38.29  ? 88  GLU A CA  1 
ATOM   722 C C   . GLU A 1 88 ? 0.614   -6.801  -12.024 1.00 47.26  ? 88  GLU A C   1 
ATOM   723 O O   . GLU A 1 88 ? -0.143  -5.854  -12.261 1.00 34.55  ? 88  GLU A O   1 
ATOM   724 C CB  . GLU A 1 88 ? -0.543  -7.978  -10.151 1.00 37.00  ? 88  GLU A CB  1 
ATOM   725 C CG  . GLU A 1 88 ? -1.047  -9.071  -11.074 1.00 37.52  ? 88  GLU A CG  1 
ATOM   726 C CD  . GLU A 1 88 ? -0.140  -10.294 -11.098 1.00 54.87  ? 88  GLU A CD  1 
ATOM   727 O OE1 . GLU A 1 88 ? 0.859   -10.323 -10.350 1.00 58.17  ? 88  GLU A OE1 1 
ATOM   728 O OE2 . GLU A 1 88 ? -0.429  -11.232 -11.871 1.00 60.16  ? 88  GLU A OE2 1 
ATOM   729 N N   . GLY A 1 89 ? 1.345   -7.406  -12.956 1.00 44.62  ? 89  GLY A N   1 
ATOM   730 C CA  . GLY A 1 89 ? 1.475   -6.860  -14.304 1.00 51.89  ? 89  GLY A CA  1 
ATOM   731 C C   . GLY A 1 89 ? 2.740   -6.023  -14.398 1.00 58.35  ? 89  GLY A C   1 
ATOM   732 O O   . GLY A 1 89 ? 3.389   -5.732  -13.381 1.00 47.70  ? 89  GLY A O   1 
ATOM   733 O OXT . GLY A 1 89 ? 3.152   -5.620  -15.491 1.00 65.28  ? 89  GLY A OXT 1 
ATOM   734 N N   . ALA B 2 1  ? 5.920   -17.441 -9.091  1.00 66.62  ? 287 ALA C N   1 
ATOM   735 C CA  . ALA B 2 1  ? 6.212   -15.997 -9.331  1.00 65.94  ? 287 ALA C CA  1 
ATOM   736 C C   . ALA B 2 1  ? 5.180   -15.110 -8.652  1.00 57.68  ? 287 ALA C C   1 
ATOM   737 O O   . ALA B 2 1  ? 5.441   -13.935 -8.394  1.00 48.56  ? 287 ALA C O   1 
ATOM   738 C CB  . ALA B 2 1  ? 6.270   -15.696 -10.829 1.00 70.89  ? 287 ALA C CB  1 
ATOM   739 N N   . THR B 2 2  ? 4.010   -15.683 -8.370  1.00 53.04  ? 288 THR C N   1 
ATOM   740 C CA  . THR B 2 2  ? 2.907   -14.950 -7.743  1.00 53.39  ? 288 THR C CA  1 
ATOM   741 C C   . THR B 2 2  ? 2.323   -15.688 -6.532  1.00 50.06  ? 288 THR C C   1 
ATOM   742 O O   . THR B 2 2  ? 2.561   -16.885 -6.336  1.00 45.56  ? 288 THR C O   1 
ATOM   743 C CB  . THR B 2 2  ? 1.752   -14.673 -8.747  1.00 53.27  ? 288 THR C CB  1 
ATOM   744 O OG1 . THR B 2 2  ? 1.167   -15.916 -9.164  1.00 56.93  ? 288 THR C OG1 1 
ATOM   745 C CG2 . THR B 2 2  ? 2.250   -13.905 -9.970  1.00 48.73  ? 288 THR C CG2 1 
ATOM   746 N N   . SER B 2 3  ? 1.579   -14.951 -5.712  1.00 48.14  ? 289 SER C N   1 
ATOM   747 C CA  . SER B 2 3  ? 0.773   -15.524 -4.638  1.00 49.48  ? 289 SER C CA  1 
ATOM   748 C C   . SER B 2 3  ? -0.562  -14.789 -4.610  1.00 43.46  ? 289 SER C C   1 
ATOM   749 O O   . SER B 2 3  ? -0.665  -13.675 -5.110  1.00 39.33  ? 289 SER C O   1 
ATOM   750 C CB  . SER B 2 3  ? 1.470   -15.362 -3.283  1.00 52.15  ? 289 SER C CB  1 
ATOM   751 O OG  . SER B 2 3  ? 2.868   -15.550 -3.396  1.00 64.66  ? 289 SER C OG  1 
ATOM   752 N N   . ALA B 2 4  ? -1.584  -15.420 -4.045  1.00 40.05  ? 290 ALA C N   1 
ATOM   753 C CA  . ALA B 2 4  ? -2.859  -14.741 -3.815  1.00 38.67  ? 290 ALA C CA  1 
ATOM   754 C C   . ALA B 2 4  ? -2.905  -14.339 -2.346  1.00 36.78  ? 290 ALA C C   1 
ATOM   755 O O   . ALA B 2 4  ? -2.416  -15.076 -1.486  1.00 33.44  ? 290 ALA C O   1 
ATOM   756 C CB  . ALA B 2 4  ? -4.023  -15.663 -4.159  1.00 35.59  ? 290 ALA C CB  1 
ATOM   757 N N   . LYS B 2 5  ? -3.478  -13.174 -2.066  1.00 36.26  ? 291 LYS C N   1 
ATOM   758 C CA  . LYS B 2 5  ? -3.578  -12.660 -0.704  1.00 35.77  ? 291 LYS C CA  1 
ATOM   759 C C   . LYS B 2 5  ? -4.973  -12.160 -0.427  1.00 36.47  ? 291 LYS C C   1 
ATOM   760 O O   . LYS B 2 5  ? -5.579  -11.514 -1.287  1.00 29.17  ? 291 LYS C O   1 
ATOM   761 C CB  . LYS B 2 5  ? -2.636  -11.472 -0.515  1.00 33.03  ? 291 LYS C CB  1 
ATOM   762 C CG  . LYS B 2 5  ? -1.177  -11.838 -0.397  1.00 36.35  ? 291 LYS C CG  1 
ATOM   763 C CD  . LYS B 2 5  ? -0.796  -12.226 1.018   1.00 39.95  ? 291 LYS C CD  1 
ATOM   764 C CE  . LYS B 2 5  ? 0.716   -12.338 1.136   1.00 44.42  ? 291 LYS C CE  1 
ATOM   765 N NZ  . LYS B 2 5  ? 1.238   -13.333 0.166   1.00 36.48  ? 291 LYS C NZ  1 
ATOM   766 N N   . ALA B 2 6  ? -5.460  -12.437 0.782   1.00 27.97  ? 292 ALA C N   1 
ATOM   767 C CA  . ALA B 2 6  ? -6.710  -11.854 1.286   1.00 28.22  ? 292 ALA C CA  1 
ATOM   768 C C   . ALA B 2 6  ? -6.396  -10.802 2.343   1.00 34.03  ? 292 ALA C C   1 
ATOM   769 O O   . ALA B 2 6  ? -5.486  -10.986 3.154   1.00 33.68  ? 292 ALA C O   1 
ATOM   770 C CB  . ALA B 2 6  ? -7.601  -12.925 1.867   1.00 27.90  ? 292 ALA C CB  1 
ATOM   771 N N   . THR B 2 7  ? -7.121  -9.687  2.310   1.00 29.57  ? 293 THR C N   1 
ATOM   772 C CA  . THR B 2 7  ? -7.004  -8.652  3.348   1.00 31.77  ? 293 THR C CA  1 
ATOM   773 C C   . THR B 2 7  ? -8.388  -8.281  3.866   1.00 30.83  ? 293 THR C C   1 
ATOM   774 O O   . THR B 2 7  ? -9.370  -8.331  3.128   1.00 17.70  ? 293 THR C O   1 
ATOM   775 C CB  . THR B 2 7  ? -6.271  -7.355  2.862   1.00 34.50  ? 293 THR C CB  1 
ATOM   776 O OG1 . THR B 2 7  ? -7.120  -6.576  2.000   1.00 28.13  ? 293 THR C OG1 1 
ATOM   777 C CG2 . THR B 2 7  ? -4.976  -7.686  2.139   1.00 22.91  ? 293 THR C CG2 1 
ATOM   778 N N   . GLN B 2 8  ? -8.477  -7.934  5.146   1.00 26.37  ? 294 GLN C N   1 
ATOM   779 C CA  . GLN B 2 8  ? -9.740  -7.473  5.702   1.00 24.67  ? 294 GLN C CA  1 
ATOM   780 C C   . GLN B 2 8  ? -9.489  -6.391  6.742   1.00 33.67  ? 294 GLN C C   1 
ATOM   781 O O   . GLN B 2 8  ? -8.694  -6.588  7.663   1.00 26.68  ? 294 GLN C O   1 
ATOM   782 C CB  . GLN B 2 8  ? -10.528 -8.638  6.315   1.00 26.22  ? 294 GLN C CB  1 
ATOM   783 C CG  . GLN B 2 8  ? -11.810 -8.197  7.004   1.00 29.54  ? 294 GLN C CG  1 
ATOM   784 C CD  . GLN B 2 8  ? -12.815 -7.669  5.996   1.00 29.12  ? 294 GLN C CD  1 
ATOM   785 O OE1 . GLN B 2 8  ? -13.168 -8.377  5.068   1.00 22.96  ? 294 GLN C OE1 1 
ATOM   786 N NE2 . GLN B 2 8  ? -13.266 -6.421  6.168   1.00 25.32  ? 294 GLN C NE2 1 
ATOM   787 N N   . THR B 2 9  ? -10.157 -5.247  6.590   1.00 21.99  ? 295 THR C N   1 
ATOM   788 C CA  . THR B 2 9  ? -10.059 -4.165  7.580   1.00 24.04  ? 295 THR C CA  1 
ATOM   789 C C   . THR B 2 9  ? -10.650 -4.590  8.934   1.00 30.73  ? 295 THR C C   1 
ATOM   790 O O   . THR B 2 9  ? -11.610 -5.361  8.985   1.00 29.24  ? 295 THR C O   1 
ATOM   791 C CB  . THR B 2 9  ? -10.763 -2.876  7.096   1.00 27.80  ? 295 THR C CB  1 
ATOM   792 O OG1 . THR B 2 9  ? -12.108 -3.186  6.696   1.00 22.87  ? 295 THR C OG1 1 
ATOM   793 C CG2 . THR B 2 9  ? -10.007 -2.257  5.924   1.00 19.53  ? 295 THR C CG2 1 
ATOM   794 N N   . ASP B 2 10 ? -10.074 -4.071  10.022  1.00 36.80  ? 296 ASP C N   1 
ATOM   795 C CA  . ASP B 2 10 ? -10.517 -4.370  11.392  1.00 44.59  ? 296 ASP C CA  1 
ATOM   796 C C   . ASP B 2 10 ? -11.968 -3.973  11.660  1.00 45.50  ? 296 ASP C C   1 
ATOM   797 O O   . ASP B 2 10 ? -12.436 -2.931  11.187  1.00 45.13  ? 296 ASP C O   1 
ATOM   798 C CB  . ASP B 2 10 ? -9.604  -3.668  12.406  1.00 51.85  ? 296 ASP C CB  1 
ATOM   799 C CG  . ASP B 2 10 ? -8.140  -4.055  12.250  1.00 55.27  ? 296 ASP C CG  1 
ATOM   800 O OD1 . ASP B 2 10 ? -7.861  -5.145  11.706  1.00 57.17  ? 296 ASP C OD1 1 
ATOM   801 O OD2 . ASP B 2 10 ? -7.267  -3.267  12.672  1.00 61.19  ? 296 ASP C OD2 1 
HETATM 802 O O   . HOH C 3 .  ? -2.454  19.319  -0.701  1.00 25.34  ? 90  HOH A O   1 
HETATM 803 O O   . HOH C 3 .  ? -12.361 9.566   0.755   1.00 23.73  ? 91  HOH A O   1 
HETATM 804 O O   . HOH C 3 .  ? 1.557   5.039   -12.687 1.00 35.70  ? 92  HOH A O   1 
HETATM 805 O O   . HOH C 3 .  ? -2.490  2.528   12.770  1.00 33.37  ? 93  HOH A O   1 
HETATM 806 O O   . HOH C 3 .  ? 3.846   6.697   -12.131 1.00 32.34  ? 94  HOH A O   1 
HETATM 807 O O   . HOH C 3 .  ? -5.658  13.132  4.917   1.00 34.65  ? 95  HOH A O   1 
HETATM 808 O O   . HOH C 3 .  ? -8.016  11.046  5.089   1.00 44.75  ? 96  HOH A O   1 
HETATM 809 O O   . HOH C 3 .  ? -5.666  8.554   9.975   1.00 43.12  ? 97  HOH A O   1 
HETATM 810 O O   . HOH C 3 .  ? -15.161 1.347   9.201   1.00 45.94  ? 98  HOH A O   1 
HETATM 811 O O   . HOH C 3 .  ? -8.945  9.451   4.225   1.00 41.81  ? 99  HOH A O   1 
HETATM 812 O O   . HOH C 3 .  ? -2.099  7.200   14.217  1.00 34.68  ? 100 HOH A O   1 
HETATM 813 O O   . HOH C 3 .  ? -10.510 0.011   9.463   1.00 39.54  ? 101 HOH A O   1 
HETATM 814 O O   . HOH C 3 .  ? 3.179   9.202   -12.967 1.00 42.12  ? 102 HOH A O   1 
HETATM 815 O O   . HOH C 3 .  ? -17.240 -5.079  7.303   1.00 32.71  ? 103 HOH A O   1 
HETATM 816 O O   . HOH C 3 .  ? -1.968  11.586  -7.818  1.00 44.94  ? 104 HOH A O   1 
HETATM 817 O O   . HOH C 3 .  ? 0.664   11.969  -7.949  1.00 44.82  ? 105 HOH A O   1 
HETATM 818 O O   . HOH C 3 .  ? -1.066  18.233  5.458   1.00 38.57  ? 106 HOH A O   1 
HETATM 819 O O   . HOH C 3 .  ? -11.008 14.168  -5.516  1.00 41.95  ? 107 HOH A O   1 
HETATM 820 O O   . HOH C 3 .  ? -17.994 1.044   7.183   1.00 43.59  ? 108 HOH A O   1 
HETATM 821 O O   . HOH C 3 .  ? 8.024   -8.076  -9.205  1.00 50.23  ? 109 HOH A O   1 
HETATM 822 O O   . HOH C 3 .  ? 6.755   -5.820  8.758   1.00 38.73  ? 110 HOH A O   1 
HETATM 823 O O   . HOH C 3 .  ? 4.152   15.163  -2.191  1.00 51.21  ? 111 HOH A O   1 
HETATM 824 O O   . HOH C 3 .  ? 9.821   11.230  -3.153  1.00 48.62  ? 112 HOH A O   1 
HETATM 825 O O   . HOH C 3 .  ? -7.157  -17.876 -6.241  1.00 44.23  ? 113 HOH A O   1 
HETATM 826 O O   . HOH C 3 .  ? 10.686  -6.210  -1.771  1.00 39.29  ? 114 HOH A O   1 
HETATM 827 O O   . HOH C 3 .  ? -10.542 8.018   5.387   1.00 49.85  ? 115 HOH A O   1 
HETATM 828 O O   . HOH C 3 .  ? 3.132   16.896  -3.959  1.00 52.08  ? 116 HOH A O   1 
HETATM 829 O O   . HOH C 3 .  ? -7.589  9.724   -8.498  1.00 49.07  ? 117 HOH A O   1 
HETATM 830 O O   . HOH C 3 .  ? 1.652   1.752   -14.620 1.00 52.72  ? 118 HOH A O   1 
HETATM 831 O O   . HOH C 3 .  ? -5.222  -17.411 -0.228  1.00 46.75  ? 119 HOH A O   1 
HETATM 832 O O   . HOH C 3 .  ? 7.919   -9.388  3.886   1.00 40.59  ? 120 HOH A O   1 
HETATM 833 O O   . HOH C 3 .  ? 5.642   13.430  4.256   1.00 47.53  ? 121 HOH A O   1 
HETATM 834 O O   . HOH C 3 .  ? 10.481  8.687   7.441   1.00 59.60  ? 122 HOH A O   1 
HETATM 835 O O   . HOH C 3 .  ? 4.095   -9.710  7.341   1.00 36.73  ? 123 HOH A O   1 
HETATM 836 O O   . HOH C 3 .  ? 9.708   -3.921  -8.121  1.00 45.91  ? 124 HOH A O   1 
HETATM 837 O O   . HOH C 3 .  ? 13.093  0.346   -9.807  1.00 37.10  ? 125 HOH A O   1 
HETATM 838 O O   . HOH C 3 .  ? -3.960  11.625  8.566   1.00 55.81  ? 126 HOH A O   1 
HETATM 839 O O   . HOH C 3 .  ? 3.667   -9.278  -16.803 1.00 60.40  ? 127 HOH A O   1 
HETATM 840 O O   . HOH C 3 .  ? 11.946  4.877   1.993   1.00 48.91  ? 128 HOH A O   1 
HETATM 841 O O   . HOH C 3 .  ? 0.429   -6.162  12.688  1.00 53.77  ? 129 HOH A O   1 
HETATM 842 O O   . HOH C 3 .  ? 5.610   -4.130  -16.659 1.00 60.92  ? 130 HOH A O   1 
HETATM 843 O O   . HOH C 3 .  ? 11.061  3.139   9.993   1.00 53.43  ? 131 HOH A O   1 
HETATM 844 O O   . HOH C 3 .  ? -12.120 11.208  2.794   1.00 48.85  ? 132 HOH A O   1 
HETATM 845 O O   . HOH C 3 .  ? 2.745   10.314  -7.251  1.00 39.88  ? 133 HOH A O   1 
HETATM 846 O O   . HOH C 3 .  ? 6.764   8.735   -2.478  1.00 57.51  ? 134 HOH A O   1 
HETATM 847 O O   . HOH C 3 .  ? -13.401 13.492  -5.094  1.00 53.35  ? 135 HOH A O   1 
HETATM 848 O O   . HOH C 3 .  ? -3.746  -16.266 -7.756  1.00 48.65  ? 136 HOH A O   1 
HETATM 849 O O   . HOH C 3 .  ? -0.185  15.371  10.039  1.00 65.08  ? 137 HOH A O   1 
HETATM 850 O O   . HOH C 3 .  ? -4.291  -1.434  13.446  1.00 52.72  ? 138 HOH A O   1 
HETATM 851 O O   . HOH C 3 .  ? 11.664  6.687   -11.484 1.00 52.92  ? 139 HOH A O   1 
HETATM 852 O O   . HOH C 3 .  ? -14.622 8.095   8.097   1.00 63.75  ? 140 HOH A O   1 
HETATM 853 O O   . HOH C 3 .  ? 11.382  -8.608  4.840   1.00 52.91  ? 141 HOH A O   1 
HETATM 854 O O   . HOH C 3 .  ? 14.112  -2.665  -1.385  1.00 51.56  ? 142 HOH A O   1 
HETATM 855 O O   . HOH C 3 .  ? 9.143   -2.578  8.409   1.00 54.43  ? 143 HOH A O   1 
HETATM 856 O O   . HOH C 3 .  ? 9.066   -0.137  8.394   1.00 61.43  ? 144 HOH A O   1 
HETATM 857 O O   . HOH C 3 .  ? 7.579   9.655   5.858   1.00 52.20  ? 145 HOH A O   1 
HETATM 858 O O   . HOH C 3 .  ? 2.820   15.426  0.387   1.00 48.37  ? 146 HOH A O   1 
HETATM 859 O O   . HOH C 3 .  ? 4.363   -7.709  9.190   1.00 54.79  ? 147 HOH A O   1 
HETATM 860 O O   . HOH C 3 .  ? 4.051   -2.375  12.338  1.00 58.27  ? 148 HOH A O   1 
HETATM 861 O O   . HOH C 3 .  ? 13.728  -7.547  3.779   1.00 54.02  ? 149 HOH A O   1 
HETATM 862 O O   . HOH C 3 .  ? 6.282   12.951  7.206   1.00 55.75  ? 150 HOH A O   1 
HETATM 863 O O   . HOH C 3 .  ? 2.101   10.890  9.933   1.00 57.47  ? 151 HOH A O   1 
HETATM 864 O O   . HOH C 3 .  ? -5.447  -18.301 -4.718  1.00 57.03  ? 152 HOH A O   1 
HETATM 865 O O   . HOH C 3 .  ? 12.074  -13.761 -0.924  1.00 60.45  ? 153 HOH A O   1 
HETATM 866 O O   . HOH C 3 .  ? 8.573   -13.917 -1.113  1.00 50.64  ? 154 HOH A O   1 
HETATM 867 O O   . HOH C 3 .  ? 9.079   6.860   -1.568  1.00 76.58  ? 155 HOH A O   1 
HETATM 868 O O   . HOH C 3 .  ? 8.094   11.594  -12.160 1.00 72.87  ? 156 HOH A O   1 
HETATM 869 O O   . HOH D 3 .  ? -8.541  -5.076  3.751   1.00 26.42  ? 3   HOH C O   1 
HETATM 870 O O   . HOH D 3 .  ? -6.296  -8.913  6.834   1.00 31.05  ? 7   HOH C O   1 
HETATM 871 O O   . HOH D 3 .  ? -0.800  -18.165 -3.052  1.00 41.16  ? 17  HOH C O   1 
HETATM 872 O O   . HOH D 3 .  ? -6.833  -5.416  8.788   1.00 28.84  ? 18  HOH C O   1 
HETATM 873 O O   . HOH D 3 .  ? -13.702 -2.136  8.775   1.00 38.20  ? 27  HOH C O   1 
HETATM 874 O O   . HOH D 3 .  ? -3.504  -8.995  7.032   1.00 43.78  ? 34  HOH C O   1 
HETATM 875 O O   . HOH D 3 .  ? 3.745   -13.449 2.649   1.00 60.84  ? 39  HOH C O   1 
HETATM 876 O O   . HOH D 3 .  ? 3.626   -14.507 -0.509  1.00 49.54  ? 44  HOH C O   1 
HETATM 877 O O   . HOH D 3 .  ? -9.237  -8.508  9.950   1.00 52.91  ? 45  HOH C O   1 
HETATM 878 O O   . HOH D 3 .  ? -3.370  -9.735  4.432   1.00 48.83  ? 46  HOH C O   1 
HETATM 879 O O   . HOH D 3 .  ? -6.744  -0.420  13.154  1.00 54.67  ? 61  HOH C O   1 
HETATM 880 O O   . HOH D 3 .  ? -3.838  -13.972 2.405   1.00 39.82  ? 66  HOH C O   1 
# 
loop_
_atom_site_anisotrop.id 
_atom_site_anisotrop.type_symbol 
_atom_site_anisotrop.pdbx_label_atom_id 
_atom_site_anisotrop.pdbx_label_alt_id 
_atom_site_anisotrop.pdbx_label_comp_id 
_atom_site_anisotrop.pdbx_label_asym_id 
_atom_site_anisotrop.pdbx_label_seq_id 
_atom_site_anisotrop.pdbx_PDB_ins_code 
_atom_site_anisotrop.U[1][1] 
_atom_site_anisotrop.U[2][2] 
_atom_site_anisotrop.U[3][3] 
_atom_site_anisotrop.U[1][2] 
_atom_site_anisotrop.U[1][3] 
_atom_site_anisotrop.U[2][3] 
_atom_site_anisotrop.pdbx_auth_seq_id 
_atom_site_anisotrop.pdbx_auth_comp_id 
_atom_site_anisotrop.pdbx_auth_asym_id 
_atom_site_anisotrop.pdbx_auth_atom_id 
1   N N   . SER A 2  ? 1.1414 0.8756 1.4952 0.0538  -0.4476 -0.0633 2   SER A N   
2   C CA  . SER A 2  ? 1.1585 0.8458 1.4800 0.0544  -0.4709 -0.0877 2   SER A CA  
3   C C   . SER A 2  ? 1.1317 0.7889 1.3604 0.0684  -0.4850 -0.1117 2   SER A C   
4   O O   . SER A 2  ? 1.1311 0.7649 1.3419 0.0647  -0.5252 -0.1251 2   SER A O   
5   C CB  . SER A 2  ? 1.1242 0.8044 1.4488 0.0584  -0.4413 -0.0867 2   SER A CB  
6   O OG  . SER A 2  ? 1.1215 0.7601 1.4550 0.0523  -0.4668 -0.1022 2   SER A OG  
7   N N   . ASP A 3  ? 1.0537 0.7136 1.2243 0.0840  -0.4517 -0.1160 3   ASP A N   
8   C CA  . ASP A 3  ? 1.0324 0.6687 1.1124 0.0982  -0.4560 -0.1358 3   ASP A CA  
9   C C   . ASP A 3  ? 0.9437 0.6105 0.9912 0.1050  -0.4271 -0.1218 3   ASP A C   
10  O O   . ASP A 3  ? 0.9559 0.6096 0.9358 0.1126  -0.4336 -0.1307 3   ASP A O   
11  C CB  . ASP A 3  ? 1.1288 0.7366 1.1634 0.1122  -0.4427 -0.1573 3   ASP A CB  
12  C CG  . ASP A 3  ? 1.1662 0.8033 1.2169 0.1192  -0.3975 -0.1441 3   ASP A CG  
13  O OD1 . ASP A 3  ? 1.1170 0.7743 1.2349 0.1092  -0.3875 -0.1254 3   ASP A OD1 
14  O OD2 . ASP A 3  ? 1.2308 0.8724 1.2271 0.1344  -0.3722 -0.1516 3   ASP A OD2 
15  N N   . ARG A 4  ? 0.7707 0.4749 0.8635 0.1015  -0.3955 -0.0996 4   ARG A N   
16  C CA  . ARG A 4  ? 0.6947 0.4255 0.7603 0.1065  -0.3645 -0.0864 4   ARG A CA  
17  C C   . ARG A 4  ? 0.6408 0.3835 0.7128 0.1018  -0.3768 -0.0722 4   ARG A C   
18  O O   . ARG A 4  ? 0.6242 0.3775 0.7568 0.0932  -0.3944 -0.0613 4   ARG A O   
19  C CB  . ARG A 4  ? 0.6522 0.4135 0.7588 0.1048  -0.3282 -0.0702 4   ARG A CB  
20  C CG  . ARG A 4  ? 0.7467 0.4998 0.8445 0.1124  -0.3122 -0.0806 4   ARG A CG  
21  C CD  . ARG A 4  ? 0.8571 0.6373 1.0040 0.1083  -0.2847 -0.0621 4   ARG A CD  
22  N NE  . ARG A 4  ? 0.8657 0.6438 1.0791 0.0969  -0.2981 -0.0529 4   ARG A NE  
23  C CZ  . ARG A 4  ? 0.9197 0.6832 1.1587 0.0960  -0.2996 -0.0552 4   ARG A CZ  
24  N NH1 . ARG A 4  ? 0.8701 0.6195 1.0747 0.1086  -0.2892 -0.0675 4   ARG A NH1 
25  N NH2 . ARG A 4  ? 0.8745 0.6379 1.1761 0.0826  -0.3106 -0.0439 4   ARG A NH2 
26  N N   . LYS A 5  ? 0.6121 0.3549 0.6247 0.1078  -0.3651 -0.0704 5   LYS A N   
27  C CA  . LYS A 5  ? 0.5628 0.3094 0.5705 0.1057  -0.3779 -0.0570 5   LYS A CA  
28  C C   . LYS A 5  ? 0.5540 0.3313 0.5976 0.1030  -0.3477 -0.0356 5   LYS A C   
29  O O   . LYS A 5  ? 0.5815 0.3700 0.5998 0.1048  -0.3147 -0.0321 5   LYS A O   
30  C CB  . LYS A 5  ? 0.7257 0.4503 0.6452 0.1124  -0.3821 -0.0645 5   LYS A CB  
31  C CG  . LYS A 5  ? 0.6778 0.3989 0.5825 0.1115  -0.3986 -0.0497 5   LYS A CG  
32  C CD  . LYS A 5  ? 0.8456 0.5455 0.6571 0.1169  -0.3949 -0.0538 5   LYS A CD  
33  C CE  . LYS A 5  ? 0.8943 0.5851 0.6860 0.1163  -0.4125 -0.0370 5   LYS A CE  
34  N NZ  . LYS A 5  ? 1.0699 0.7348 0.7650 0.1205  -0.4127 -0.0401 5   LYS A NZ  
35  N N   . ALA A 6  ? 0.4687 0.2602 0.5738 0.0987  -0.3592 -0.0219 6   ALA A N   
36  C CA  . ALA A 6  ? 0.4201 0.2349 0.5546 0.0983  -0.3331 -0.0034 6   ALA A CA  
37  C C   . ALA A 6  ? 0.5428 0.3473 0.6336 0.1023  -0.3371 0.0048  6   ALA A C   
38  O O   . ALA A 6  ? 0.4582 0.2498 0.5454 0.1046  -0.3698 0.0063  6   ALA A O   
39  C CB  . ALA A 6  ? 0.4780 0.3144 0.6983 0.0946  -0.3390 0.0078  6   ALA A CB  
40  N N   . VAL A 7  ? 0.5249 0.3333 0.5818 0.1024  -0.3062 0.0108  7   VAL A N   
41  C CA  . VAL A 7  ? 0.5158 0.3119 0.5336 0.1040  -0.3052 0.0218  7   VAL A CA  
42  C C   . VAL A 7  ? 0.4972 0.3086 0.5445 0.1027  -0.2768 0.0349  7   VAL A C   
43  O O   . VAL A 7  ? 0.4112 0.2323 0.4448 0.0984  -0.2472 0.0343  7   VAL A O   
44  C CB  . VAL A 7  ? 0.5166 0.2971 0.4531 0.1030  -0.2953 0.0162  7   VAL A CB  
45  C CG1 . VAL A 7  ? 0.6273 0.3926 0.5241 0.1020  -0.2924 0.0309  7   VAL A CG1 
46  C CG2 . VAL A 7  ? 0.5324 0.2933 0.4301 0.1065  -0.3222 0.0004  7   VAL A CG2 
47  N N   . ILE A 8  ? 0.4525 0.2658 0.5409 0.1074  -0.2865 0.0461  8   ILE A N   
48  C CA  . ILE A 8  ? 0.4774 0.3003 0.5913 0.1085  -0.2596 0.0564  8   ILE A CA  
49  C C   . ILE A 8  ? 0.4883 0.2887 0.5461 0.1072  -0.2508 0.0639  8   ILE A C   
50  O O   . ILE A 8  ? 0.5217 0.3005 0.5510 0.1108  -0.2728 0.0694  8   ILE A O   
51  C CB  . ILE A 8  ? 0.4760 0.3134 0.6630 0.1164  -0.2685 0.0645  8   ILE A CB  
52  C CG1 . ILE A 8  ? 0.4845 0.3469 0.7297 0.1131  -0.2692 0.0594  8   ILE A CG1 
53  C CG2 . ILE A 8  ? 0.4328 0.2720 0.6336 0.1207  -0.2411 0.0733  8   ILE A CG2 
54  C CD1 . ILE A 8  ? 0.6309 0.5143 0.9559 0.1191  -0.2803 0.0678  8   ILE A CD1 
55  N N   . LYS A 9  ? 0.4381 0.2417 0.4773 0.1007  -0.2203 0.0648  9   LYS A N   
56  C CA  . LYS A 9  ? 0.4697 0.2509 0.4546 0.0950  -0.2112 0.0721  9   LYS A CA  
57  C C   . LYS A 9  ? 0.4922 0.2594 0.4929 0.0992  -0.2026 0.0821  9   LYS A C   
58  O O   . LYS A 9  ? 0.5143 0.2533 0.4845 0.1003  -0.2116 0.0915  9   LYS A O   
59  C CB  . LYS A 9  ? 0.4578 0.2491 0.4080 0.0831  -0.1862 0.0671  9   LYS A CB  
60  C CG  . LYS A 9  ? 0.4853 0.2870 0.4119 0.0815  -0.1909 0.0564  9   LYS A CG  
61  C CD  . LYS A 9  ? 0.6868 0.4666 0.5546 0.0806  -0.2054 0.0589  9   LYS A CD  
62  C CE  . LYS A 9  ? 0.7423 0.5320 0.5789 0.0804  -0.2027 0.0460  9   LYS A CE  
63  N NZ  . LYS A 9  ? 0.7863 0.5538 0.5577 0.0802  -0.2140 0.0482  9   LYS A NZ  
64  N N   . ASN A 10 ? 0.4350 0.2190 0.4794 0.1020  -0.1844 0.0799  10  ASN A N   
65  C CA  . ASN A 10 ? 0.4712 0.2407 0.5291 0.1081  -0.1724 0.0859  10  ASN A CA  
66  C C   . ASN A 10 ? 0.4822 0.2779 0.6040 0.1173  -0.1626 0.0832  10  ASN A C   
67  O O   . ASN A 10 ? 0.3882 0.2078 0.5254 0.1119  -0.1504 0.0773  10  ASN A O   
68  C CB  . ASN A 10 ? 0.4070 0.1635 0.4235 0.0955  -0.1488 0.0852  10  ASN A CB  
69  C CG  . ASN A 10 ? 0.5399 0.2679 0.5562 0.1017  -0.1400 0.0900  10  ASN A CG  
70  O OD1 . ASN A 10 ? 0.6501 0.3705 0.6994 0.1179  -0.1491 0.0943  10  ASN A OD1 
71  N ND2 . ASN A 10 ? 0.5973 0.3090 0.5775 0.0890  -0.1232 0.0888  10  ASN A ND2 
72  N N   . ALA A 11 ? 0.4102 0.2026 0.5720 0.1321  -0.1683 0.0890  11  ALA A N   
73  C CA  . ALA A 11 ? 0.3602 0.1814 0.5866 0.1409  -0.1557 0.0884  11  ALA A CA  
74  C C   . ALA A 11 ? 0.4331 0.2416 0.6805 0.1566  -0.1431 0.0927  11  ALA A C   
75  O O   . ALA A 11 ? 0.4402 0.2241 0.6784 0.1658  -0.1590 0.0986  11  ALA A O   
76  C CB  . ALA A 11 ? 0.3602 0.2053 0.6378 0.1449  -0.1811 0.0903  11  ALA A CB  
77  N N   . ASP A 12 ? 0.4062 0.2281 0.6762 0.1604  -0.1138 0.0897  12  ASP A N   
78  C CA  . ASP A 12 ? 0.3992 0.2176 0.7038 0.1797  -0.0990 0.0923  12  ASP A CA  
79  C C   . ASP A 12 ? 0.4089 0.2709 0.7796 0.1844  -0.0841 0.0940  12  ASP A C   
80  O O   . ASP A 12 ? 0.3724 0.2437 0.7377 0.1805  -0.0551 0.0902  12  ASP A O   
81  C CB  . ASP A 12 ? 0.4533 0.2395 0.7100 0.1797  -0.0733 0.0858  12  ASP A CB  
82  C CG  . ASP A 12 ? 0.5173 0.2969 0.8067 0.2029  -0.0549 0.0856  12  ASP A CG  
83  O OD1 . ASP A 12 ? 0.5792 0.3726 0.9233 0.2202  -0.0681 0.0929  12  ASP A OD1 
84  O OD2 . ASP A 12 ? 0.4767 0.2377 0.7378 0.2049  -0.0280 0.0778  12  ASP A OD2 
85  N N   . MET A 13 ? 0.3363 0.2247 0.7687 0.1912  -0.1053 0.1009  13  MET A N   
86  C CA  . MET A 13 ? 0.2952 0.2270 0.7916 0.1885  -0.0981 0.1046  13  MET A CA  
87  C C   . MET A 13 ? 0.2788 0.2365 0.8468 0.1963  -0.1273 0.1128  13  MET A C   
88  O O   . MET A 13 ? 0.3353 0.2776 0.8884 0.1963  -0.1624 0.1137  13  MET A O   
89  C CB  . MET A 13 ? 0.2293 0.1653 0.6949 0.1672  -0.1015 0.0999  13  MET A CB  
90  C CG  . MET A 13 ? 0.2810 0.2538 0.8044 0.1603  -0.0970 0.1045  13  MET A CG  
91  S SD  . MET A 13 ? 0.2579 0.2258 0.7356 0.1391  -0.0991 0.0977  13  MET A SD  
92  C CE  . MET A 13 ? 0.3342 0.2893 0.7588 0.1377  -0.0591 0.0944  13  MET A CE  
93  N N   . SER A 14 ? 0.3075 0.3060 0.9534 0.2022  -0.1136 0.1198  14  SER A N   
94  C CA  . SER A 14 ? 0.3693 0.3993 1.0948 0.2083  -0.1422 0.1285  14  SER A CA  
95  C C   . SER A 14 ? 0.3563 0.3866 1.0736 0.1887  -0.1790 0.1258  14  SER A C   
96  O O   . SER A 14 ? 0.3014 0.3231 0.9783 0.1720  -0.1714 0.1194  14  SER A O   
97  C CB  . SER A 14 ? 0.4024 0.4814 1.2168 0.2145  -0.1159 0.1378  14  SER A CB  
98  O OG  . SER A 14 ? 0.3242 0.4216 1.1480 0.1946  -0.1041 0.1388  14  SER A OG  
99  N N   . GLU A 15 ? 0.3614 0.3993 1.1142 0.1917  -0.2201 0.1297  15  GLU A N   
100 C CA  . GLU A 15 ? 0.4127 0.4429 1.1468 0.1743  -0.2580 0.1241  15  GLU A CA  
101 C C   . GLU A 15 ? 0.3988 0.4599 1.1849 0.1578  -0.2538 0.1251  15  GLU A C   
102 O O   . GLU A 15 ? 0.3383 0.3837 1.0867 0.1414  -0.2668 0.1163  15  GLU A O   
103 C CB  . GLU A 15 ? 0.4703 0.4962 1.2207 0.1815  -0.3068 0.1276  15  GLU A CB  
104 C CG  . GLU A 15 ? 0.8132 0.7998 1.5005 0.1959  -0.3119 0.1285  15  GLU A CG  
105 C CD  . GLU A 15 ? 0.9618 0.9183 1.5967 0.1920  -0.3584 0.1259  15  GLU A CD  
106 O OE1 . GLU A 15 ? 1.0539 1.0247 1.7360 0.1972  -0.3979 0.1319  15  GLU A OE1 
107 O OE2 . GLU A 15 ? 0.9592 0.8783 1.5050 0.1840  -0.3552 0.1187  15  GLU A OE2 
108 N N   . GLU A 16 ? 0.2932 0.3962 1.1646 0.1625  -0.2331 0.1361  16  GLU A N   
109 C CA  . GLU A 16 ? 0.3285 0.4593 1.2481 0.1456  -0.2193 0.1404  16  GLU A CA  
110 C C   . GLU A 16 ? 0.3400 0.4473 1.1904 0.1351  -0.1894 0.1334  16  GLU A C   
111 O O   . GLU A 16 ? 0.2440 0.3453 1.0852 0.1179  -0.1991 0.1296  16  GLU A O   
112 C CB  . GLU A 16 ? 0.3125 0.4922 1.3251 0.1544  -0.1892 0.1554  16  GLU A CB  
113 C CG  . GLU A 16 ? 0.4430 0.6604 1.5497 0.1629  -0.2187 0.1653  16  GLU A CG  
114 C CD  . GLU A 16 ? 0.5044 0.7051 1.5911 0.1867  -0.2358 0.1636  16  GLU A CD  
115 O OE1 . GLU A 16 ? 0.4286 0.6054 1.4634 0.2030  -0.2057 0.1601  16  GLU A OE1 
116 O OE2 . GLU A 16 ? 0.5908 0.7999 1.7138 0.1890  -0.2817 0.1662  16  GLU A OE2 
117 N N   . MET A 17 ? 0.2932 0.3854 1.0949 0.1461  -0.1550 0.1315  17  MET A N   
118 C CA  A MET A 17 ? 0.2434 0.3172 0.9841 0.1372  -0.1270 0.1263  17  MET A CA  
119 C CA  B MET A 17 ? 0.2359 0.3097 0.9763 0.1374  -0.1270 0.1262  17  MET A CA  
120 C C   . MET A 17 ? 0.2861 0.3237 0.9481 0.1281  -0.1497 0.1132  17  MET A C   
121 O O   . MET A 17 ? 0.2619 0.2913 0.8937 0.1162  -0.1427 0.1090  17  MET A O   
122 C CB  A MET A 17 ? 0.2028 0.2695 0.9132 0.1507  -0.0867 0.1267  17  MET A CB  
123 C CB  B MET A 17 ? 0.1761 0.2429 0.8863 0.1507  -0.0865 0.1267  17  MET A CB  
124 C CG  A MET A 17 ? 0.2450 0.3029 0.9098 0.1419  -0.0554 0.1249  17  MET A CG  
125 C CG  B MET A 17 ? 0.1850 0.2872 0.9588 0.1573  -0.0505 0.1386  17  MET A CG  
126 S SD  A MET A 17 ? 0.2768 0.3151 0.8882 0.1564  -0.0162 0.1208  17  MET A SD  
127 S SD  B MET A 17 ? 0.2941 0.3819 1.0249 0.1755  -0.0033 0.1356  17  MET A SD  
128 C CE  A MET A 17 ? 0.2607 0.3361 0.9559 0.1745  0.0107  0.1324  17  MET A CE  
129 C CE  B MET A 17 ? 0.2624 0.3028 0.8819 0.1641  -0.0062 0.1218  17  MET A CE  
130 N N   . GLN A 18 ? 0.2734 0.2896 0.9026 0.1347  -0.1760 0.1078  18  GLN A N   
131 C CA  . GLN A 18 ? 0.3569 0.3423 0.9147 0.1267  -0.1969 0.0964  18  GLN A CA  
132 C C   . GLN A 18 ? 0.3849 0.3746 0.9620 0.1135  -0.2229 0.0918  18  GLN A C   
133 O O   . GLN A 18 ? 0.3431 0.3159 0.8723 0.1050  -0.2230 0.0825  18  GLN A O   
134 C CB  . GLN A 18 ? 0.2998 0.2620 0.8230 0.1353  -0.2228 0.0946  18  GLN A CB  
135 C CG  . GLN A 18 ? 0.3729 0.3171 0.8604 0.1468  -0.2013 0.0970  18  GLN A CG  
136 C CD  . GLN A 18 ? 0.4021 0.3180 0.8499 0.1532  -0.2294 0.0975  18  GLN A CD  
137 O OE1 . GLN A 18 ? 0.3937 0.2912 0.7936 0.1450  -0.2517 0.0915  18  GLN A OE1 
138 N NE2 . GLN A 18 ? 0.3604 0.2707 0.8260 0.1691  -0.2279 0.1049  18  GLN A NE2 
139 N N   . GLN A 19 ? 0.3268 0.3385 0.9757 0.1120  -0.2459 0.0976  19  GLN A N   
140 C CA  . GLN A 19 ? 0.3302 0.3425 1.0019 0.0977  -0.2732 0.0926  19  GLN A CA  
141 C C   . GLN A 19 ? 0.2490 0.2696 0.9346 0.0868  -0.2460 0.0952  19  GLN A C   
142 O O   . GLN A 19 ? 0.3301 0.3325 0.9908 0.0766  -0.2583 0.0859  19  GLN A O   
143 C CB  . GLN A 19 ? 0.3328 0.3710 1.0882 0.0960  -0.3044 0.1000  19  GLN A CB  
144 C CG  . GLN A 19 ? 0.4906 0.5228 1.2668 0.0792  -0.3391 0.0927  19  GLN A CG  
145 C CD  . GLN A 19 ? 0.5887 0.5777 1.2777 0.0773  -0.3651 0.0740  19  GLN A CD  
146 O OE1 . GLN A 19 ? 0.7559 0.7273 1.4012 0.0862  -0.3865 0.0693  19  GLN A OE1 
147 N NE2 . GLN A 19 ? 0.5690 0.5393 1.2311 0.0670  -0.3623 0.0640  19  GLN A NE2 
148 N N   . ASP A 20 ? 0.2615 0.3066 0.9835 0.0902  -0.2090 0.1079  20  ASP A N   
149 C CA  . ASP A 20 ? 0.2325 0.2830 0.9597 0.0810  -0.1800 0.1134  20  ASP A CA  
150 C C   . ASP A 20 ? 0.2405 0.2613 0.8835 0.0802  -0.1696 0.1025  20  ASP A C   
151 O O   . ASP A 20 ? 0.2512 0.2622 0.8846 0.0707  -0.1706 0.1001  20  ASP A O   
152 C CB  . ASP A 20 ? 0.2565 0.3343 1.0187 0.0878  -0.1382 0.1280  20  ASP A CB  
153 C CG  . ASP A 20 ? 0.3935 0.5062 1.2460 0.0789  -0.1318 0.1438  20  ASP A CG  
154 O OD1 . ASP A 20 ? 0.3475 0.4868 1.2670 0.0825  -0.1464 0.1500  20  ASP A OD1 
155 O OD2 . ASP A 20 ? 0.4711 0.5860 1.3292 0.0681  -0.1118 0.1516  20  ASP A OD2 
156 N N   . ALA A 21 ? 0.2128 0.2202 0.7992 0.0903  -0.1593 0.0970  21  ALA A N   
157 C CA  . ALA A 21 ? 0.1797 0.1644 0.6904 0.0895  -0.1500 0.0874  21  ALA A CA  
158 C C   . ALA A 21 ? 0.2620 0.2268 0.7423 0.0836  -0.1782 0.0745  21  ALA A C   
159 O O   . ALA A 21 ? 0.2456 0.2014 0.6975 0.0796  -0.1705 0.0699  21  ALA A O   
160 C CB  . ALA A 21 ? 0.2364 0.2085 0.6980 0.0988  -0.1422 0.0839  21  ALA A CB  
161 N N   . VAL A 22 ? 0.2483 0.2044 0.7304 0.0850  -0.2109 0.0683  22  VAL A N   
162 C CA  . VAL A 22 ? 0.2646 0.1984 0.7146 0.0811  -0.2397 0.0539  22  VAL A CA  
163 C C   . VAL A 22 ? 0.3717 0.3065 0.8623 0.0712  -0.2478 0.0533  22  VAL A C   
164 O O   . VAL A 22 ? 0.2903 0.2057 0.7460 0.0695  -0.2512 0.0424  22  VAL A O   
165 C CB  . VAL A 22 ? 0.2868 0.2099 0.7301 0.0845  -0.2760 0.0486  22  VAL A CB  
166 C CG1 . VAL A 22 ? 0.2959 0.1954 0.7141 0.0799  -0.3083 0.0329  22  VAL A CG1 
167 C CG2 . VAL A 22 ? 0.3188 0.2305 0.7046 0.0933  -0.2685 0.0485  22  VAL A CG2 
168 N N   . ASP A 23 ? 0.3245 0.2812 0.8906 0.0651  -0.2495 0.0658  23  ASP A N   
169 C CA  . ASP A 23 ? 0.3400 0.2977 0.9529 0.0526  -0.2551 0.0695  23  ASP A CA  
170 C C   . ASP A 23 ? 0.2508 0.2035 0.8430 0.0510  -0.2250 0.0736  23  ASP A C   
171 O O   . ASP A 23 ? 0.2988 0.2314 0.8843 0.0451  -0.2351 0.0674  23  ASP A O   
172 C CB  . ASP A 23 ? 0.3647 0.3553 1.0678 0.0455  -0.2535 0.0870  23  ASP A CB  
173 C CG  . ASP A 23 ? 0.4614 0.4576 1.2014 0.0437  -0.2930 0.0835  23  ASP A CG  
174 O OD1 . ASP A 23 ? 0.5362 0.5044 1.2259 0.0462  -0.3238 0.0667  23  ASP A OD1 
175 O OD2 . ASP A 23 ? 0.3756 0.4055 1.1942 0.0403  -0.2932 0.0980  23  ASP A OD2 
176 N N   . CYS A 24 ? 0.2850 0.2542 0.8676 0.0568  -0.1898 0.0842  24  CYS A N   
177 C CA  A CYS A 24 ? 0.2946 0.2611 0.8535 0.0564  -0.1611 0.0901  24  CYS A CA  
178 C CA  B CYS A 24 ? 0.2557 0.2219 0.8155 0.0561  -0.1616 0.0901  24  CYS A CA  
179 C C   . CYS A 24 ? 0.2972 0.2389 0.7891 0.0613  -0.1677 0.0743  24  CYS A C   
180 O O   . CYS A 24 ? 0.3041 0.2330 0.7885 0.0589  -0.1660 0.0736  24  CYS A O   
181 C CB  A CYS A 24 ? 0.2939 0.2783 0.8422 0.0632  -0.1269 0.1001  24  CYS A CB  
182 C CB  B CYS A 24 ? 0.2116 0.1970 0.7652 0.0620  -0.1255 0.1018  24  CYS A CB  
183 S SG  A CYS A 24 ? 0.3923 0.3846 0.9429 0.0597  -0.0907 0.1165  24  CYS A SG  
184 S SG  B CYS A 24 ? 0.1990 0.2176 0.8340 0.0583  -0.1062 0.1227  24  CYS A SG  
185 N N   . ALA A 25 ? 0.2421 0.1777 0.6865 0.0690  -0.1739 0.0628  25  ALA A N   
186 C CA  . ALA A 25 ? 0.2833 0.2014 0.6662 0.0745  -0.1770 0.0483  25  ALA A CA  
187 C C   . ALA A 25 ? 0.3228 0.2174 0.7020 0.0734  -0.2050 0.0341  25  ALA A C   
188 O O   . ALA A 25 ? 0.3090 0.1901 0.6544 0.0783  -0.2030 0.0247  25  ALA A O   
189 C CB  . ALA A 25 ? 0.1949 0.1118 0.5310 0.0804  -0.1769 0.0417  25  ALA A CB  
190 N N   . THR A 26 ? 0.3648 0.2537 0.7786 0.0679  -0.2324 0.0315  26  THR A N   
191 C CA  . THR A 26 ? 0.4041 0.2652 0.8154 0.0653  -0.2617 0.0166  26  THR A CA  
192 C C   . THR A 26 ? 0.4363 0.2896 0.8790 0.0592  -0.2549 0.0230  26  THR A C   
193 O O   . THR A 26 ? 0.4418 0.2689 0.8570 0.0637  -0.2625 0.0099  26  THR A O   
194 C CB  . THR A 26 ? 0.4202 0.2765 0.8644 0.0584  -0.2975 0.0126  26  THR A CB  
195 O OG1 . THR A 26 ? 0.4232 0.2818 0.8312 0.0655  -0.3059 0.0078  26  THR A OG1 
196 C CG2 . THR A 26 ? 0.4433 0.2644 0.8778 0.0550  -0.3298 -0.0057 26  THR A CG2 
197 N N   . GLN A 27 ? 0.3399 0.2145 0.8387 0.0502  -0.2391 0.0437  27  GLN A N   
198 C CA  . GLN A 27 ? 0.3659 0.2328 0.8939 0.0430  -0.2297 0.0548  27  GLN A CA  
199 C C   . GLN A 27 ? 0.3272 0.1886 0.8079 0.0535  -0.2066 0.0545  27  GLN A C   
200 O O   . GLN A 27 ? 0.3420 0.1808 0.8193 0.0542  -0.2100 0.0529  27  GLN A O   
201 C CB  . GLN A 27 ? 0.3404 0.2365 0.9315 0.0322  -0.2100 0.0799  27  GLN A CB  
202 C CG  . GLN A 27 ? 0.5300 0.4347 1.1905 0.0181  -0.2329 0.0853  27  GLN A CG  
203 C CD  . GLN A 27 ? 0.5654 0.5103 1.2812 0.0134  -0.2078 0.1080  27  GLN A CD  
204 O OE1 . GLN A 27 ? 0.6980 0.6635 1.4682 0.0073  -0.2223 0.1121  27  GLN A OE1 
205 N NE2 . GLN A 27 ? 0.4318 0.3893 1.1331 0.0178  -0.1699 0.1222  27  GLN A NE2 
206 N N   . ALA A 28 ? 0.3214 0.2027 0.7677 0.0616  -0.1846 0.0567  28  ALA A N   
207 C CA  . ALA A 28 ? 0.2700 0.1520 0.6747 0.0706  -0.1645 0.0572  28  ALA A CA  
208 C C   . ALA A 28 ? 0.3081 0.1677 0.6707 0.0813  -0.1793 0.0365  28  ALA A C   
209 O O   . ALA A 28 ? 0.3464 0.1949 0.6983 0.0874  -0.1747 0.0363  28  ALA A O   
210 C CB  . ALA A 28 ? 0.2215 0.1275 0.5985 0.0746  -0.1421 0.0618  28  ALA A CB  
211 N N   . LEU A 29 ? 0.2906 0.1430 0.6284 0.0848  -0.1968 0.0195  29  LEU A N   
212 C CA  . LEU A 29 ? 0.3962 0.2285 0.6886 0.0966  -0.2076 -0.0018 29  LEU A CA  
213 C C   . LEU A 29 ? 0.4847 0.2825 0.7917 0.0971  -0.2290 -0.0119 29  LEU A C   
214 O O   . LEU A 29 ? 0.5180 0.2980 0.7951 0.1100  -0.2300 -0.0257 29  LEU A O   
215 C CB  . LEU A 29 ? 0.3910 0.2221 0.6473 0.0994  -0.2199 -0.0154 29  LEU A CB  
216 C CG  . LEU A 29 ? 0.4141 0.2710 0.6393 0.1021  -0.1977 -0.0097 29  LEU A CG  
217 C CD1 . LEU A 29 ? 0.4382 0.2916 0.6362 0.1016  -0.2109 -0.0166 29  LEU A CD1 
218 C CD2 . LEU A 29 ? 0.4462 0.3092 0.6342 0.1131  -0.1812 -0.0161 29  LEU A CD2 
219 N N   . GLU A 30 ? 0.4895 0.2778 0.8449 0.0832  -0.2461 -0.0052 30  GLU A N   
220 C CA  . GLU A 30 ? 0.5001 0.2516 0.8747 0.0799  -0.2679 -0.0130 30  GLU A CA  
221 C C   . GLU A 30 ? 0.4693 0.2150 0.8609 0.0813  -0.2510 0.0016  30  GLU A C   
222 O O   . GLU A 30 ? 0.4730 0.1833 0.8583 0.0871  -0.2630 -0.0085 30  GLU A O   
223 C CB  . GLU A 30 ? 0.5640 0.3087 0.9912 0.0617  -0.2937 -0.0090 30  GLU A CB  
224 C CG  . GLU A 30 ? 0.7022 0.4377 1.1056 0.0624  -0.3225 -0.0287 30  GLU A CG  
225 C CD  . GLU A 30 ? 0.7776 0.5028 1.2340 0.0444  -0.3559 -0.0279 30  GLU A CD  
226 O OE1 . GLU A 30 ? 0.9501 0.6447 1.4326 0.0356  -0.3729 -0.0310 30  GLU A OE1 
227 O OE2 . GLU A 30 ? 0.6925 0.4394 1.1659 0.0390  -0.3670 -0.0241 30  GLU A OE2 
228 N N   . LYS A 31 ? 0.3914 0.1682 0.8002 0.0772  -0.2239 0.0250  31  LYS A N   
229 C CA  . LYS A 31 ? 0.4311 0.2029 0.8528 0.0777  -0.2083 0.0425  31  LYS A CA  
230 C C   . LYS A 31 ? 0.3522 0.1304 0.7289 0.0962  -0.1919 0.0388  31  LYS A C   
231 O O   . LYS A 31 ? 0.3291 0.0864 0.7039 0.1042  -0.1921 0.0417  31  LYS A O   
232 C CB  . LYS A 31 ? 0.4292 0.2280 0.8911 0.0633  -0.1876 0.0710  31  LYS A CB  
233 C CG  . LYS A 31 ? 0.4854 0.2779 0.9545 0.0630  -0.1707 0.0925  31  LYS A CG  
234 C CD  . LYS A 31 ? 0.4440 0.2588 0.9512 0.0481  -0.1492 0.1209  31  LYS A CD  
235 C CE  . LYS A 31 ? 0.6063 0.4121 1.1072 0.0495  -0.1324 0.1427  31  LYS A CE  
236 N NZ  . LYS A 31 ? 0.5537 0.3603 1.1021 0.0314  -0.1206 0.1707  31  LYS A NZ  
237 N N   . TYR A 32 ? 0.3472 0.1545 0.6914 0.1026  -0.1790 0.0336  32  TYR A N   
238 C CA  . TYR A 32 ? 0.3622 0.1876 0.6729 0.1160  -0.1614 0.0343  32  TYR A CA  
239 C C   . TYR A 32 ? 0.4219 0.2529 0.6902 0.1288  -0.1642 0.0118  32  TYR A C   
240 O O   . TYR A 32 ? 0.3616 0.1943 0.6185 0.1247  -0.1723 0.0010  32  TYR A O   
241 C CB  . TYR A 32 ? 0.2928 0.1516 0.6033 0.1086  -0.1386 0.0528  32  TYR A CB  
242 C CG  . TYR A 32 ? 0.3833 0.2420 0.7250 0.0983  -0.1275 0.0777  32  TYR A CG  
243 C CD1 . TYR A 32 ? 0.3983 0.2456 0.7408 0.1036  -0.1234 0.0899  32  TYR A CD1 
244 C CD2 . TYR A 32 ? 0.3692 0.2401 0.7393 0.0845  -0.1198 0.0901  32  TYR A CD2 
245 C CE1 . TYR A 32 ? 0.4130 0.2588 0.7781 0.0936  -0.1115 0.1150  32  TYR A CE1 
246 C CE2 . TYR A 32 ? 0.3458 0.2190 0.7423 0.0753  -0.1053 0.1139  32  TYR A CE2 
247 C CZ  . TYR A 32 ? 0.4896 0.3494 0.8808 0.0790  -0.1008 0.1268  32  TYR A CZ  
248 O OH  . TYR A 32 ? 0.4377 0.2979 0.8499 0.0693  -0.0850 0.1526  32  TYR A OH  
249 N N   . ASN A 33 ? 0.3177 0.1547 0.5642 0.1445  -0.1562 0.0070  33  ASN A N   
250 C CA  . ASN A 33 ? 0.3908 0.2414 0.5994 0.1574  -0.1522 -0.0111 33  ASN A CA  
251 C C   . ASN A 33 ? 0.3505 0.2420 0.5429 0.1568  -0.1318 -0.0021 33  ASN A C   
252 O O   . ASN A 33 ? 0.4794 0.3877 0.6437 0.1604  -0.1261 -0.0129 33  ASN A O   
253 C CB  . ASN A 33 ? 0.3505 0.1817 0.5489 0.1783  -0.1574 -0.0258 33  ASN A CB  
254 C CG  . ASN A 33 ? 0.4545 0.2387 0.6584 0.1801  -0.1801 -0.0410 33  ASN A CG  
255 O OD1 . ASN A 33 ? 0.5245 0.2795 0.7414 0.1895  -0.1880 -0.0425 33  ASN A OD1 
256 N ND2 . ASN A 33 ? 0.4439 0.2175 0.6371 0.1709  -0.1933 -0.0522 33  ASN A ND2 
257 N N   . ILE A 34 ? 0.2223 0.1285 0.4304 0.1515  -0.1214 0.0176  34  ILE A N   
258 C CA  . ILE A 34 ? 0.1829 0.1250 0.3758 0.1499  -0.1055 0.0256  34  ILE A CA  
259 C C   . ILE A 34 ? 0.2919 0.2453 0.4807 0.1329  -0.0981 0.0336  34  ILE A C   
260 O O   . ILE A 34 ? 0.2199 0.1625 0.4287 0.1231  -0.0983 0.0445  34  ILE A O   
261 C CB  . ILE A 34 ? 0.2692 0.2193 0.4734 0.1543  -0.1003 0.0421  34  ILE A CB  
262 C CG1 . ILE A 34 ? 0.3625 0.2954 0.5751 0.1735  -0.1094 0.0353  34  ILE A CG1 
263 C CG2 . ILE A 34 ? 0.2412 0.2287 0.4292 0.1517  -0.0884 0.0483  34  ILE A CG2 
264 C CD1 . ILE A 34 ? 0.5312 0.4831 0.7274 0.1904  -0.1066 0.0180  34  ILE A CD1 
265 N N   . GLU A 35 ? 0.2385 0.2136 0.4032 0.1298  -0.0904 0.0286  35  GLU A N   
266 C CA  . GLU A 35 ? 0.2608 0.2403 0.4181 0.1158  -0.0850 0.0335  35  GLU A CA  
267 C C   . GLU A 35 ? 0.1962 0.1788 0.3653 0.1068  -0.0755 0.0506  35  GLU A C   
268 O O   . GLU A 35 ? 0.2101 0.1834 0.3907 0.0993  -0.0742 0.0554  35  GLU A O   
269 C CB  . GLU A 35 ? 0.2146 0.2143 0.3425 0.1127  -0.0779 0.0278  35  GLU A CB  
270 C CG  . GLU A 35 ? 0.2155 0.2099 0.3259 0.1208  -0.0843 0.0117  35  GLU A CG  
271 C CD  . GLU A 35 ? 0.2053 0.2240 0.2891 0.1184  -0.0740 0.0084  35  GLU A CD  
272 O OE1 . GLU A 35 ? 0.1651 0.2093 0.2501 0.1134  -0.0641 0.0165  35  GLU A OE1 
273 O OE2 . GLU A 35 ? 0.3134 0.3255 0.3743 0.1207  -0.0764 -0.0019 35  GLU A OE2 
274 N N   . LYS A 36 ? 0.1586 0.1542 0.3246 0.1088  -0.0689 0.0598  36  LYS A N   
275 C CA  . LYS A 36 ? 0.1861 0.1808 0.3544 0.1009  -0.0588 0.0756  36  LYS A CA  
276 C C   . LYS A 36 ? 0.1772 0.1519 0.3747 0.0995  -0.0596 0.0853  36  LYS A C   
277 O O   . LYS A 36 ? 0.2047 0.1772 0.4079 0.0920  -0.0490 0.0951  36  LYS A O   
278 C CB  . LYS A 36 ? 0.3051 0.3148 0.4604 0.1033  -0.0554 0.0846  36  LYS A CB  
279 C CG  . LYS A 36 ? 0.3053 0.3111 0.4753 0.1163  -0.0638 0.0878  36  LYS A CG  
280 C CD  . LYS A 36 ? 0.3492 0.3705 0.5071 0.1188  -0.0630 0.0992  36  LYS A CD  
281 C CE  . LYS A 36 ? 0.4860 0.5015 0.6597 0.1346  -0.0727 0.1033  36  LYS A CE  
282 N NZ  . LYS A 36 ? 0.5951 0.6321 0.7587 0.1395  -0.0760 0.1129  36  LYS A NZ  
283 N N   . ASP A 37 ? 0.2309 0.1906 0.4477 0.1067  -0.0713 0.0823  37  ASP A N   
284 C CA  . ASP A 37 ? 0.2470 0.1869 0.4966 0.1026  -0.0740 0.0924  37  ASP A CA  
285 C C   . ASP A 37 ? 0.2165 0.1512 0.4858 0.0953  -0.0788 0.0865  37  ASP A C   
286 O O   . ASP A 37 ? 0.2028 0.1355 0.4996 0.0869  -0.0722 0.0988  37  ASP A O   
287 C CB  . ASP A 37 ? 0.1949 0.1140 0.4585 0.1117  -0.0885 0.0887  37  ASP A CB  
288 C CG  . ASP A 37 ? 0.3281 0.2497 0.5806 0.1210  -0.0859 0.0985  37  ASP A CG  
289 O OD1 . ASP A 37 ? 0.2838 0.2187 0.5235 0.1167  -0.0735 0.1134  37  ASP A OD1 
290 O OD2 . ASP A 37 ? 0.2962 0.2049 0.5514 0.1336  -0.0974 0.0904  37  ASP A OD2 
291 N N   . ILE A 38 ? 0.2289 0.1627 0.4852 0.0988  -0.0903 0.0688  38  ILE A N   
292 C CA  . ILE A 38 ? 0.1479 0.0780 0.4168 0.0931  -0.0981 0.0629  38  ILE A CA  
293 C C   . ILE A 38 ? 0.2098 0.1547 0.4785 0.0864  -0.0819 0.0726  38  ILE A C   
294 O O   . ILE A 38 ? 0.1740 0.1187 0.4752 0.0810  -0.0806 0.0800  38  ILE A O   
295 C CB  . ILE A 38 ? 0.2218 0.1475 0.4632 0.0990  -0.1119 0.0432  38  ILE A CB  
296 C CG1 . ILE A 38 ? 0.2345 0.1400 0.4770 0.1075  -0.1277 0.0313  38  ILE A CG1 
297 C CG2 . ILE A 38 ? 0.2195 0.1411 0.4688 0.0936  -0.1224 0.0391  38  ILE A CG2 
298 C CD1 . ILE A 38 ? 0.2372 0.1435 0.4412 0.1180  -0.1315 0.0134  38  ILE A CD1 
299 N N   . ALA A 39 ? 0.2102 0.1675 0.4448 0.0870  -0.0698 0.0721  39  ALA A N   
300 C CA  . ALA A 39 ? 0.1662 0.1311 0.3927 0.0821  -0.0541 0.0787  39  ALA A CA  
301 C C   . ALA A 39 ? 0.2216 0.1878 0.4699 0.0792  -0.0384 0.0950  39  ALA A C   
302 O O   . ALA A 39 ? 0.1780 0.1463 0.4423 0.0771  -0.0284 0.1002  39  ALA A O   
303 C CB  . ALA A 39 ? 0.1394 0.1136 0.3241 0.0811  -0.0466 0.0751  39  ALA A CB  
304 N N   . ALA A 40 ? 0.1789 0.1436 0.4272 0.0802  -0.0352 0.1041  40  ALA A N   
305 C CA  . ALA A 40 ? 0.1225 0.0868 0.3865 0.0769  -0.0188 0.1223  40  ALA A CA  
306 C C   . ALA A 40 ? 0.1744 0.1362 0.4897 0.0725  -0.0196 0.1296  40  ALA A C   
307 O O   . ALA A 40 ? 0.2240 0.1929 0.5572 0.0693  -0.0011 0.1415  40  ALA A O   
308 C CB  . ALA A 40 ? 0.2160 0.1750 0.4692 0.0794  -0.0200 0.1322  40  ALA A CB  
309 N N   . TYR A 41 ? 0.1504 0.1027 0.4910 0.0721  -0.0409 0.1223  41  TYR A N   
310 C CA  . TYR A 41 ? 0.1810 0.1314 0.5755 0.0652  -0.0473 0.1288  41  TYR A CA  
311 C C   . TYR A 41 ? 0.1641 0.1291 0.5764 0.0646  -0.0420 0.1265  41  TYR A C   
312 O O   . TYR A 41 ? 0.1910 0.1684 0.6434 0.0603  -0.0281 0.1399  41  TYR A O   
313 C CB  . TYR A 41 ? 0.1895 0.1223 0.5965 0.0655  -0.0761 0.1155  41  TYR A CB  
314 C CG  . TYR A 41 ? 0.2146 0.1432 0.6785 0.0560  -0.0901 0.1195  41  TYR A CG  
315 C CD1 . TYR A 41 ? 0.2584 0.1746 0.7567 0.0477  -0.0923 0.1329  41  TYR A CD1 
316 C CD2 . TYR A 41 ? 0.3431 0.2798 0.8282 0.0545  -0.1034 0.1110  41  TYR A CD2 
317 C CE1 . TYR A 41 ? 0.3328 0.2465 0.8883 0.0359  -0.1072 0.1370  41  TYR A CE1 
318 C CE2 . TYR A 41 ? 0.2695 0.2059 0.8113 0.0445  -0.1199 0.1148  41  TYR A CE2 
319 C CZ  . TYR A 41 ? 0.3401 0.2662 0.9186 0.0343  -0.1215 0.1275  41  TYR A CZ  
320 O OH  . TYR A 41 ? 0.3608 0.2880 1.0003 0.0214  -0.1397 0.1316  41  TYR A OH  
321 N N   . ILE A 42 ? 0.1779 0.1418 0.5614 0.0698  -0.0525 0.1105  42  ILE A N   
322 C CA  . ILE A 42 ? 0.1598 0.1323 0.5562 0.0715  -0.0523 0.1072  42  ILE A CA  
323 C C   . ILE A 42 ? 0.2063 0.1898 0.5966 0.0737  -0.0228 0.1173  42  ILE A C   
324 O O   . ILE A 42 ? 0.2397 0.2357 0.6703 0.0744  -0.0129 0.1253  42  ILE A O   
325 C CB  . ILE A 42 ? 0.2054 0.1700 0.5627 0.0761  -0.0679 0.0904  42  ILE A CB  
326 C CG1 . ILE A 42 ? 0.2179 0.1692 0.5757 0.0758  -0.0958 0.0786  42  ILE A CG1 
327 C CG2 . ILE A 42 ? 0.1789 0.1482 0.5468 0.0793  -0.0679 0.0894  42  ILE A CG2 
328 C CD1 . ILE A 42 ? 0.1740 0.1174 0.4841 0.0803  -0.1072 0.0634  42  ILE A CD1 
329 N N   . LYS A 43 ? 0.1744 0.1541 0.5155 0.0755  -0.0092 0.1165  43  LYS A N   
330 C CA  . LYS A 43 ? 0.1818 0.1656 0.5059 0.0780  0.0180  0.1232  43  LYS A CA  
331 C C   . LYS A 43 ? 0.2063 0.2005 0.5687 0.0761  0.0386  0.1413  43  LYS A C   
332 O O   . LYS A 43 ? 0.2499 0.2533 0.6300 0.0804  0.0584  0.1462  43  LYS A O   
333 C CB  . LYS A 43 ? 0.2792 0.2559 0.5445 0.0777  0.0245  0.1201  43  LYS A CB  
334 C CG  . LYS A 43 ? 0.2202 0.1945 0.4550 0.0801  0.0502  0.1237  43  LYS A CG  
335 C CD  . LYS A 43 ? 0.2792 0.2570 0.5186 0.0789  0.0706  0.1409  43  LYS A CD  
336 C CE  . LYS A 43 ? 0.2901 0.2590 0.4733 0.0803  0.0887  0.1410  43  LYS A CE  
337 N NZ  . LYS A 43 ? 0.2794 0.2437 0.4550 0.0869  0.1073  0.1346  43  LYS A NZ  
338 N N   . LYS A 44 ? 0.2177 0.2098 0.5926 0.0703  0.0360  0.1519  44  LYS A N   
339 C CA  . LYS A 44 ? 0.2113 0.2118 0.6175 0.0661  0.0578  0.1724  44  LYS A CA  
340 C C   . LYS A 44 ? 0.2357 0.2537 0.7123 0.0632  0.0588  0.1788  44  LYS A C   
341 O O   . LYS A 44 ? 0.2511 0.2845 0.7537 0.0632  0.0856  0.1932  44  LYS A O   
342 C CB  . LYS A 44 ? 0.2189 0.2081 0.6242 0.0597  0.0510  0.1838  44  LYS A CB  
343 C CG  . LYS A 44 ? 0.2258 0.2040 0.5686 0.0633  0.0556  0.1840  44  LYS A CG  
344 C CD  . LYS A 44 ? 0.2931 0.2572 0.6367 0.0603  0.0417  0.1925  44  LYS A CD  
345 C CE  . LYS A 44 ? 0.3468 0.3038 0.6324 0.0655  0.0418  0.1924  44  LYS A CE  
346 N NZ  . LYS A 44 ? 0.3621 0.3042 0.6518 0.0661  0.0259  0.2001  44  LYS A NZ  
347 N N   . GLU A 45 ? 0.2681 0.2850 0.7750 0.0609  0.0294  0.1683  45  GLU A N   
348 C CA  . GLU A 45 ? 0.2541 0.2891 0.8335 0.0565  0.0228  0.1743  45  GLU A CA  
349 C C   . GLU A 45 ? 0.1950 0.2468 0.7873 0.0671  0.0344  0.1702  45  GLU A C   
350 O O   . GLU A 45 ? 0.2253 0.3018 0.8784 0.0669  0.0460  0.1814  45  GLU A O   
351 C CB  . GLU A 45 ? 0.3251 0.3487 0.9250 0.0507  -0.0164 0.1628  45  GLU A CB  
352 C CG  . GLU A 45 ? 0.5442 0.5798 1.2220 0.0383  -0.0281 0.1743  45  GLU A CG  
353 C CD  . GLU A 45 ? 0.5305 0.5631 1.2283 0.0266  -0.0129 0.1945  45  GLU A CD  
354 O OE1 . GLU A 45 ? 0.5082 0.5168 1.1603 0.0267  -0.0140 0.1936  45  GLU A OE1 
355 O OE2 . GLU A 45 ? 0.6526 0.7078 1.4145 0.0174  0.0002  0.2127  45  GLU A OE2 
356 N N   . PHE A 46 ? 0.1971 0.2358 0.7349 0.0764  0.0314  0.1549  46  PHE A N   
357 C CA  . PHE A 46 ? 0.1765 0.2231 0.7181 0.0884  0.0437  0.1506  46  PHE A CA  
358 C C   . PHE A 46 ? 0.1751 0.2287 0.7030 0.0950  0.0841  0.1597  46  PHE A C   
359 O O   . PHE A 46 ? 0.1809 0.2515 0.7440 0.1045  0.1024  0.1640  46  PHE A O   
360 C CB  . PHE A 46 ? 0.1270 0.1530 0.6163 0.0943  0.0258  0.1327  46  PHE A CB  
361 C CG  . PHE A 46 ? 0.2256 0.2534 0.7459 0.0961  -0.0045 0.1260  46  PHE A CG  
362 C CD1 . PHE A 46 ? 0.1843 0.2128 0.7333 0.0871  -0.0330 0.1250  46  PHE A CD1 
363 C CD2 . PHE A 46 ? 0.1732 0.1983 0.6920 0.1074  -0.0061 0.1207  46  PHE A CD2 
364 C CE1 . PHE A 46 ? 0.2793 0.3075 0.8519 0.0888  -0.0636 0.1185  46  PHE A CE1 
365 C CE2 . PHE A 46 ? 0.2526 0.2784 0.7982 0.1099  -0.0364 0.1165  46  PHE A CE2 
366 C CZ  . PHE A 46 ? 0.2462 0.2744 0.8170 0.1002  -0.0655 0.1153  46  PHE A CZ  
367 N N   . ASP A 47 ? 0.2031 0.2435 0.6794 0.0912  0.0981  0.1628  47  ASP A N   
368 C CA  . ASP A 47 ? 0.2218 0.2664 0.6801 0.0958  0.1362  0.1732  47  ASP A CA  
369 C C   . ASP A 47 ? 0.3083 0.3815 0.8375 0.0931  0.1570  0.1933  47  ASP A C   
370 O O   . ASP A 47 ? 0.3657 0.4527 0.9060 0.1027  0.1898  0.1993  47  ASP A O   
371 C CB  . ASP A 47 ? 0.2870 0.3136 0.6834 0.0898  0.1410  0.1765  47  ASP A CB  
372 C CG  . ASP A 47 ? 0.3784 0.3830 0.7009 0.0951  0.1396  0.1602  47  ASP A CG  
373 O OD1 . ASP A 47 ? 0.2647 0.2635 0.5807 0.1026  0.1349  0.1463  47  ASP A OD1 
374 O OD2 . ASP A 47 ? 0.3705 0.3631 0.6427 0.0909  0.1417  0.1624  47  ASP A OD2 
375 N N   . LYS A 48 ? 0.2909 0.3725 0.8686 0.0798  0.1386  0.2035  48  LYS A N   
376 C CA  . LYS A 48 ? 0.3159 0.4263 0.9689 0.0725  0.1549  0.2246  48  LYS A CA  
377 C C   . LYS A 48 ? 0.2469 0.3861 0.9719 0.0789  0.1504  0.2227  48  LYS A C   
378 O O   . LYS A 48 ? 0.2873 0.4552 1.0557 0.0849  0.1818  0.2349  48  LYS A O   
379 C CB  . LYS A 48 ? 0.3130 0.4180 0.9975 0.0543  0.1318  0.2349  48  LYS A CB  
380 C CG  . LYS A 48 ? 0.4491 0.5308 1.0819 0.0475  0.1392  0.2447  48  LYS A CG  
381 C CD  . LYS A 48 ? 0.5793 0.6519 1.2511 0.0310  0.1148  0.2542  48  LYS A CD  
382 C CE  . LYS A 48 ? 0.6890 0.7287 1.2997 0.0293  0.1030  0.2528  48  LYS A CE  
383 N NZ  . LYS A 48 ? 0.7197 0.7440 1.3671 0.0150  0.0796  0.2613  48  LYS A NZ  
384 N N   . LYS A 49 ? 0.2515 0.3840 0.9888 0.0786  0.1111  0.2079  49  LYS A N   
385 C CA  . LYS A 49 ? 0.2716 0.4305 1.0821 0.0830  0.0964  0.2071  49  LYS A CA  
386 C C   . LYS A 49 ? 0.3173 0.4816 1.1173 0.1043  0.1124  0.1983  49  LYS A C   
387 O O   . LYS A 49 ? 0.2622 0.4592 1.1301 0.1129  0.1227  0.2056  49  LYS A O   
388 C CB  . LYS A 49 ? 0.2546 0.3997 1.0728 0.0754  0.0465  0.1943  49  LYS A CB  
389 C CG  . LYS A 49 ? 0.3632 0.5095 1.2246 0.0551  0.0259  0.2036  49  LYS A CG  
390 C CD  . LYS A 49 ? 0.4353 0.5537 1.2718 0.0497  -0.0205 0.1858  49  LYS A CD  
391 C CE  . LYS A 49 ? 0.4841 0.5942 1.3544 0.0302  -0.0411 0.1922  49  LYS A CE  
392 N NZ  . LYS A 49 ? 0.5746 0.7182 1.5435 0.0182  -0.0468 0.2076  49  LYS A NZ  
393 N N   . TYR A 50 ? 0.2811 0.4133 0.9990 0.1130  0.1140  0.1830  50  TYR A N   
394 C CA  . TYR A 50 ? 0.3049 0.4310 1.0053 0.1325  0.1219  0.1717  50  TYR A CA  
395 C C   . TYR A 50 ? 0.3095 0.4165 0.9421 0.1426  0.1580  0.1671  50  TYR A C   
396 O O   . TYR A 50 ? 0.3354 0.4211 0.9286 0.1561  0.1592  0.1534  50  TYR A O   
397 C CB  . TYR A 50 ? 0.2525 0.3533 0.9209 0.1335  0.0824  0.1553  50  TYR A CB  
398 C CG  . TYR A 50 ? 0.2703 0.3886 1.0043 0.1291  0.0466  0.1575  50  TYR A CG  
399 C CD1 . TYR A 50 ? 0.2925 0.4003 1.0211 0.1134  0.0127  0.1539  50  TYR A CD1 
400 C CD2 . TYR A 50 ? 0.2144 0.3594 1.0162 0.1417  0.0456  0.1625  50  TYR A CD2 
401 C CE1 . TYR A 50 ? 0.3044 0.4243 1.0874 0.1087  -0.0231 0.1541  50  TYR A CE1 
402 C CE2 . TYR A 50 ? 0.2207 0.3823 1.0826 0.1370  0.0086  0.1647  50  TYR A CE2 
403 C CZ  . TYR A 50 ? 0.2988 0.4462 1.1483 0.1196  -0.0263 0.1600  50  TYR A CZ  
404 O OH  . TYR A 50 ? 0.3770 0.5372 1.2809 0.1145  -0.0657 0.1605  50  TYR A OH  
405 N N   . ASN A 51 ? 0.2251 0.3365 0.8420 0.1356  0.1856  0.1789  51  ASN A N   
406 C CA  . ASN A 51 ? 0.2880 0.3815 0.8387 0.1447  0.2208  0.1755  51  ASN A CA  
407 C C   . ASN A 51 ? 0.3749 0.4289 0.8351 0.1397  0.2052  0.1605  51  ASN A C   
408 O O   . ASN A 51 ? 0.3361 0.3746 0.7816 0.1375  0.1732  0.1477  51  ASN A O   
409 C CB  . ASN A 51 ? 0.3456 0.4431 0.9074 0.1676  0.2447  0.1683  51  ASN A CB  
410 C CG  . ASN A 51 ? 0.3708 0.5145 1.0274 0.1753  0.2654  0.1840  51  ASN A CG  
411 O OD1 . ASN A 51 ? 0.4620 0.6332 1.1605 0.1635  0.2802  0.2033  51  ASN A OD1 
412 N ND2 . ASN A 51 ? 0.3278 0.4810 1.0218 0.1951  0.2668  0.1770  51  ASN A ND2 
413 N N   . PRO A 52 ? 0.4314 0.4700 0.8303 0.1377  0.2276  0.1627  52  PRO A N   
414 C CA  . PRO A 52 ? 0.4335 0.4385 0.7494 0.1328  0.2135  0.1490  52  PRO A CA  
415 C C   . PRO A 52 ? 0.4494 0.4307 0.7295 0.1456  0.2147  0.1299  52  PRO A C   
416 O O   . PRO A 52 ? 0.4544 0.4421 0.7604 0.1614  0.2370  0.1287  52  PRO A O   
417 C CB  . PRO A 52 ? 0.4282 0.4266 0.6961 0.1301  0.2407  0.1589  52  PRO A CB  
418 C CG  . PRO A 52 ? 0.4612 0.4904 0.7905 0.1289  0.2643  0.1809  52  PRO A CG  
419 C CD  . PRO A 52 ? 0.4876 0.5406 0.8905 0.1394  0.2669  0.1795  52  PRO A CD  
420 N N   . THR A 53 ? 0.4878 0.4417 0.7118 0.1394  0.1925  0.1156  53  THR A N   
421 C CA  . THR A 53 ? 0.4187 0.3668 0.6088 0.1235  0.1707  0.1162  53  THR A CA  
422 C C   . THR A 53 ? 0.2921 0.2354 0.4884 0.1172  0.1359  0.1068  53  THR A C   
423 O O   . THR A 53 ? 0.3531 0.2755 0.5209 0.1200  0.1280  0.0938  53  THR A O   
424 C CB  . THR A 53 ? 0.4923 0.4136 0.6017 0.1209  0.1783  0.1073  53  THR A CB  
425 O OG1 . THR A 53 ? 0.5432 0.4650 0.6346 0.1273  0.2114  0.1155  53  THR A OG1 
426 C CG2 . THR A 53 ? 0.4585 0.3784 0.5381 0.1061  0.1541  0.1080  53  THR A CG2 
427 N N   . TRP A 54 ? 0.2936 0.2531 0.5240 0.1088  0.1158  0.1136  54  TRP A N   
428 C CA  . TRP A 54 ? 0.2537 0.2093 0.4864 0.1037  0.0847  0.1050  54  TRP A CA  
429 C C   . TRP A 54 ? 0.3185 0.2664 0.5046 0.0933  0.0707  0.1003  54  TRP A C   
430 O O   . TRP A 54 ? 0.2176 0.1667 0.3800 0.0895  0.0800  0.1060  54  TRP A O   
431 C CB  . TRP A 54 ? 0.2324 0.2071 0.5287 0.1024  0.0686  0.1119  54  TRP A CB  
432 C CG  . TRP A 54 ? 0.2795 0.2660 0.6287 0.1128  0.0767  0.1158  54  TRP A CG  
433 C CD1 . TRP A 54 ? 0.2257 0.2310 0.6155 0.1184  0.1025  0.1276  54  TRP A CD1 
434 C CD2 . TRP A 54 ? 0.2358 0.2187 0.6048 0.1195  0.0591  0.1092  54  TRP A CD2 
435 N NE1 . TRP A 54 ? 0.1946 0.2118 0.6343 0.1293  0.1018  0.1280  54  TRP A NE1 
436 C CE2 . TRP A 54 ? 0.2790 0.2810 0.7055 0.1306  0.0736  0.1169  54  TRP A CE2 
437 C CE3 . TRP A 54 ? 0.2302 0.1963 0.5737 0.1177  0.0329  0.0989  54  TRP A CE3 
438 C CZ2 . TRP A 54 ? 0.2417 0.2460 0.7026 0.1408  0.0596  0.1145  54  TRP A CZ2 
439 C CZ3 . TRP A 54 ? 0.2207 0.1849 0.5919 0.1268  0.0193  0.0973  54  TRP A CZ3 
440 C CH2 . TRP A 54 ? 0.2574 0.2403 0.6876 0.1389  0.0312  0.1048  54  TRP A CH2 
441 N N   . HIS A 55 ? 0.2540 0.1958 0.4283 0.0892  0.0485  0.0909  55  HIS A N   
442 C CA  . HIS A 55 ? 0.2992 0.2389 0.4355 0.0803  0.0358  0.0859  55  HIS A CA  
443 C C   . HIS A 55 ? 0.2514 0.1961 0.4073 0.0788  0.0131  0.0818  55  HIS A C   
444 O O   . HIS A 55 ? 0.2107 0.1494 0.3818 0.0826  0.0051  0.0785  55  HIS A O   
445 C CB  . HIS A 55 ? 0.2866 0.2077 0.3731 0.0762  0.0384  0.0763  55  HIS A CB  
446 C CG  . HIS A 55 ? 0.3559 0.2635 0.4199 0.0808  0.0608  0.0763  55  HIS A CG  
447 N ND1 . HIS A 55 ? 0.3173 0.2252 0.3509 0.0776  0.0712  0.0799  55  HIS A ND1 
448 C CD2 . HIS A 55 ? 0.2891 0.1810 0.3542 0.0902  0.0751  0.0727  55  HIS A CD2 
449 C CE1 . HIS A 55 ? 0.3719 0.2634 0.3840 0.0841  0.0919  0.0776  55  HIS A CE1 
450 N NE2 . HIS A 55 ? 0.3915 0.2735 0.4242 0.0927  0.0957  0.0726  55  HIS A NE2 
451 N N   . CYS A 56 ? 0.2187 0.1727 0.3718 0.0749  0.0020  0.0818  56  CYS A N   
452 C CA  . CYS A 56 ? 0.1812 0.1377 0.3477 0.0751  -0.0182 0.0763  56  CYS A CA  
453 C C   . CYS A 56 ? 0.2143 0.1763 0.3505 0.0709  -0.0263 0.0704  56  CYS A C   
454 O O   . CYS A 56 ? 0.1653 0.1361 0.2927 0.0697  -0.0220 0.0740  56  CYS A O   
455 C CB  . CYS A 56 ? 0.1677 0.1302 0.3792 0.0780  -0.0251 0.0818  56  CYS A CB  
456 S SG  . CYS A 56 ? 0.2084 0.1663 0.4337 0.0796  -0.0526 0.0720  56  CYS A SG  
457 N N   . ILE A 57 ? 0.1702 0.1287 0.2918 0.0692  -0.0375 0.0627  57  ILE A N   
458 C CA  . ILE A 57 ? 0.1815 0.1498 0.2799 0.0662  -0.0436 0.0569  57  ILE A CA  
459 C C   . ILE A 57 ? 0.1850 0.1507 0.2931 0.0717  -0.0589 0.0504  57  ILE A C   
460 O O   . ILE A 57 ? 0.2063 0.1594 0.3206 0.0732  -0.0676 0.0487  57  ILE A O   
461 C CB  . ILE A 57 ? 0.1695 0.1336 0.2339 0.0574  -0.0410 0.0541  57  ILE A CB  
462 C CG1 . ILE A 57 ? 0.2775 0.2334 0.3270 0.0517  -0.0287 0.0576  57  ILE A CG1 
463 C CG2 . ILE A 57 ? 0.1919 0.1735 0.2383 0.0531  -0.0438 0.0502  57  ILE A CG2 
464 C CD1 . ILE A 57 ? 0.2668 0.2356 0.3118 0.0500  -0.0221 0.0612  57  ILE A CD1 
465 N N   . VAL A 58 ? 0.1934 0.1693 0.3016 0.0759  -0.0631 0.0461  58  VAL A N   
466 C CA  . VAL A 58 ? 0.2069 0.1765 0.3179 0.0826  -0.0772 0.0371  58  VAL A CA  
467 C C   . VAL A 58 ? 0.2008 0.1849 0.2856 0.0847  -0.0748 0.0299  58  VAL A C   
468 O O   . VAL A 58 ? 0.1951 0.1960 0.2823 0.0870  -0.0681 0.0318  58  VAL A O   
469 C CB  . VAL A 58 ? 0.2189 0.1822 0.3635 0.0889  -0.0846 0.0379  58  VAL A CB  
470 C CG1 . VAL A 58 ? 0.1901 0.1429 0.3307 0.0968  -0.1005 0.0249  58  VAL A CG1 
471 C CG2 . VAL A 58 ? 0.1975 0.1521 0.3745 0.0858  -0.0861 0.0459  58  VAL A CG2 
472 N N   . GLY A 59 ? 0.2272 0.2065 0.2871 0.0846  -0.0796 0.0229  59  GLY A N   
473 C CA  . GLY A 59 ? 0.1759 0.1735 0.2136 0.0870  -0.0731 0.0171  59  GLY A CA  
474 C C   . GLY A 59 ? 0.3383 0.3276 0.3440 0.0878  -0.0770 0.0102  59  GLY A C   
475 O O   . GLY A 59 ? 0.2802 0.2480 0.2767 0.0849  -0.0871 0.0109  59  GLY A O   
476 N N   . ARG A 60 ? 0.2291 0.2370 0.2177 0.0925  -0.0685 0.0041  60  ARG A N   
477 C CA  . ARG A 60 ? 0.3070 0.3097 0.2577 0.0929  -0.0674 -0.0011 60  ARG A CA  
478 C C   . ARG A 60 ? 0.3046 0.3237 0.2357 0.0776  -0.0534 0.0092  60  ARG A C   
479 O O   . ARG A 60 ? 0.3217 0.3310 0.2184 0.0732  -0.0523 0.0105  60  ARG A O   
480 C CB  . ARG A 60 ? 0.3060 0.3176 0.2476 0.1094  -0.0639 -0.0150 60  ARG A CB  
481 C CG  . ARG A 60 ? 0.3428 0.3274 0.2966 0.1226  -0.0816 -0.0268 60  ARG A CG  
482 C CD  . ARG A 60 ? 0.5113 0.5016 0.4581 0.1413  -0.0769 -0.0419 60  ARG A CD  
483 N NE  . ARG A 60 ? 0.6902 0.6506 0.6527 0.1520  -0.0953 -0.0527 60  ARG A NE  
484 C CZ  . ARG A 60 ? 0.7808 0.7081 0.7190 0.1579  -0.1124 -0.0669 60  ARG A CZ  
485 N NH1 . ARG A 60 ? 0.7832 0.7035 0.6760 0.1560  -0.1124 -0.0710 60  ARG A NH1 
486 N NH2 . ARG A 60 ? 0.7845 0.6838 0.7416 0.1649  -0.1308 -0.0761 60  ARG A NH2 
487 N N   . ASN A 61 ? 0.2154 0.2572 0.1660 0.0681  -0.0439 0.0175  61  ASN A N   
488 C CA  . ASN A 61 ? 0.2125 0.2671 0.1473 0.0505  -0.0330 0.0272  61  ASN A CA  
489 C C   . ASN A 61 ? 0.2922 0.3477 0.2431 0.0372  -0.0326 0.0358  61  ASN A C   
490 O O   . ASN A 61 ? 0.2169 0.2975 0.1893 0.0367  -0.0287 0.0371  61  ASN A O   
491 C CB  . ASN A 61 ? 0.2563 0.3502 0.1885 0.0508  -0.0172 0.0262  61  ASN A CB  
492 C CG  . ASN A 61 ? 0.2766 0.3858 0.1974 0.0286  -0.0062 0.0382  61  ASN A CG  
493 O OD1 . ASN A 61 ? 0.2361 0.3712 0.1783 0.0175  -0.0019 0.0440  61  ASN A OD1 
494 N ND2 . ASN A 61 ? 0.3178 0.4088 0.2031 0.0208  -0.0033 0.0427  61  ASN A ND2 
495 N N   . PHE A 62 ? 0.2204 0.2465 0.1581 0.0276  -0.0375 0.0414  62  PHE A N   
496 C CA  . PHE A 62 ? 0.2327 0.2529 0.1763 0.0149  -0.0361 0.0476  62  PHE A CA  
497 C C   . PHE A 62 ? 0.2649 0.2499 0.1864 0.0054  -0.0396 0.0533  62  PHE A C   
498 O O   . PHE A 62 ? 0.2684 0.2309 0.1789 0.0127  -0.0474 0.0528  62  PHE A O   
499 C CB  . PHE A 62 ? 0.1735 0.1905 0.1428 0.0243  -0.0397 0.0455  62  PHE A CB  
500 C CG  . PHE A 62 ? 0.1878 0.1774 0.1669 0.0355  -0.0483 0.0436  62  PHE A CG  
501 C CD1 . PHE A 62 ? 0.1632 0.1531 0.1559 0.0497  -0.0558 0.0375  62  PHE A CD1 
502 C CD2 . PHE A 62 ? 0.2022 0.1658 0.1799 0.0322  -0.0494 0.0475  62  PHE A CD2 
503 C CE1 . PHE A 62 ? 0.1975 0.1663 0.2063 0.0577  -0.0659 0.0366  62  PHE A CE1 
504 C CE2 . PHE A 62 ? 0.1957 0.1413 0.1917 0.0430  -0.0570 0.0469  62  PHE A CE2 
505 C CZ  . PHE A 62 ? 0.2113 0.1612 0.2249 0.0543  -0.0661 0.0423  62  PHE A CZ  
506 N N   . GLY A 63 ? 0.2235 0.2024 0.1380 -0.0105 -0.0359 0.0583  63  GLY A N   
507 C CA  . GLY A 63 ? 0.2639 0.2031 0.1612 -0.0171 -0.0396 0.0627  63  GLY A CA  
508 C C   . GLY A 63 ? 0.3670 0.2953 0.2758 -0.0160 -0.0387 0.0598  63  GLY A C   
509 O O   . GLY A 63 ? 0.2698 0.2220 0.1918 -0.0166 -0.0353 0.0572  63  GLY A O   
510 N N   . SER A 64 ? 0.2497 0.1416 0.1521 -0.0128 -0.0413 0.0605  64  SER A N   
511 C CA  . SER A 64 ? 0.2623 0.1428 0.1719 -0.0090 -0.0369 0.0566  64  SER A CA  
512 C C   . SER A 64 ? 0.3336 0.1713 0.2219 -0.0143 -0.0370 0.0573  64  SER A C   
513 O O   . SER A 64 ? 0.3440 0.1590 0.2184 -0.0170 -0.0426 0.0624  64  SER A O   
514 C CB  . SER A 64 ? 0.2534 0.1386 0.1924 0.0109  -0.0368 0.0545  64  SER A CB  
515 O OG  . SER A 64 ? 0.3874 0.2495 0.3333 0.0215  -0.0429 0.0563  64  SER A OG  
516 N N   . TYR A 65 ? 0.3508 0.1748 0.2327 -0.0153 -0.0312 0.0523  65  TYR A N   
517 C CA  . TYR A 65 ? 0.3557 0.1347 0.2203 -0.0135 -0.0295 0.0497  65  TYR A CA  
518 C C   . TYR A 65 ? 0.4500 0.2249 0.3213 -0.0007 -0.0192 0.0430  65  TYR A C   
519 O O   . TYR A 65 ? 0.3910 0.1765 0.2506 -0.0082 -0.0153 0.0388  65  TYR A O   
520 C CB  . TYR A 65 ? 0.3767 0.1323 0.2082 -0.0367 -0.0327 0.0495  65  TYR A CB  
521 C CG  . TYR A 65 ? 0.4877 0.1883 0.2986 -0.0345 -0.0339 0.0481  65  TYR A CG  
522 C CD1 . TYR A 65 ? 0.4827 0.1617 0.2924 -0.0301 -0.0406 0.0565  65  TYR A CD1 
523 C CD2 . TYR A 65 ? 0.5117 0.1788 0.3009 -0.0359 -0.0293 0.0383  65  TYR A CD2 
524 C CE1 . TYR A 65 ? 0.5747 0.2007 0.3670 -0.0260 -0.0429 0.0563  65  TYR A CE1 
525 C CE2 . TYR A 65 ? 0.6051 0.2169 0.3746 -0.0316 -0.0302 0.0356  65  TYR A CE2 
526 C CZ  . TYR A 65 ? 0.6095 0.2015 0.3832 -0.0261 -0.0371 0.0453  65  TYR A CZ  
527 O OH  . TYR A 65 ? 0.7056 0.2403 0.4613 -0.0196 -0.0391 0.0437  65  TYR A OH  
528 N N   . VAL A 66 ? 0.4076 0.1710 0.2995 0.0192  -0.0148 0.0432  66  VAL A N   
529 C CA  . VAL A 66 ? 0.4395 0.2062 0.3445 0.0337  -0.0011 0.0394  66  VAL A CA  
530 C C   . VAL A 66 ? 0.3909 0.1214 0.2962 0.0489  0.0064  0.0359  66  VAL A C   
531 O O   . VAL A 66 ? 0.4228 0.1286 0.3264 0.0513  -0.0024 0.0384  66  VAL A O   
532 C CB  . VAL A 66 ? 0.3376 0.1412 0.2850 0.0457  0.0003  0.0448  66  VAL A CB  
533 C CG1 . VAL A 66 ? 0.3013 0.1380 0.2510 0.0347  -0.0078 0.0476  66  VAL A CG1 
534 C CG2 . VAL A 66 ? 0.3126 0.1130 0.2928 0.0598  -0.0070 0.0496  66  VAL A CG2 
535 N N   . THR A 67 ? 0.5418 0.2687 0.4479 0.0605  0.0232  0.0310  67  THR A N   
536 C CA  . THR A 67 ? 0.4371 0.1360 0.3496 0.0798  0.0352  0.0269  67  THR A CA  
537 C C   . THR A 67 ? 0.4640 0.1953 0.4260 0.0983  0.0482  0.0327  67  THR A C   
538 O O   . THR A 67 ? 0.4373 0.1940 0.4039 0.0968  0.0586  0.0346  67  THR A O   
539 C CB  . THR A 67 ? 0.5453 0.2073 0.4106 0.0784  0.0479  0.0141  67  THR A CB  
540 O OG1 . THR A 67 ? 0.5135 0.1461 0.3372 0.0571  0.0332  0.0095  67  THR A OG1 
541 C CG2 . THR A 67 ? 0.5442 0.1759 0.4170 0.1025  0.0630  0.0084  67  THR A CG2 
542 N N   . HIS A 68 ? 0.4547 0.1858 0.4560 0.1148  0.0457  0.0373  68  HIS A N   
543 C CA  . HIS A 68 ? 0.4285 0.1942 0.4868 0.1299  0.0552  0.0447  68  HIS A CA  
544 C C   . HIS A 68 ? 0.3980 0.1505 0.4813 0.1538  0.0714  0.0428  68  HIS A C   
545 O O   . HIS A 68 ? 0.4921 0.2061 0.5539 0.1610  0.0688  0.0367  68  HIS A O   
546 C CB  . HIS A 68 ? 0.3979 0.1889 0.4955 0.1272  0.0325  0.0539  68  HIS A CB  
547 C CG  . HIS A 68 ? 0.3859 0.1548 0.4892 0.1341  0.0146  0.0557  68  HIS A CG  
548 N ND1 . HIS A 68 ? 0.4693 0.2413 0.6193 0.1545  0.0145  0.0600  68  HIS A ND1 
549 C CD2 . HIS A 68 ? 0.3664 0.1095 0.4345 0.1235  -0.0037 0.0555  68  HIS A CD2 
550 C CE1 . HIS A 68 ? 0.4350 0.1812 0.5755 0.1572  -0.0055 0.0623  68  HIS A CE1 
551 N NE2 . HIS A 68 ? 0.5203 0.2473 0.6093 0.1379  -0.0158 0.0602  68  HIS A NE2 
552 N N   . GLU A 69 ? 0.4509 0.2359 0.5827 0.1666  0.0885  0.0490  69  GLU A N   
553 C CA  . GLU A 69 ? 0.5528 0.3370 0.7231 0.1917  0.1052  0.0492  69  GLU A CA  
554 C C   . GLU A 69 ? 0.4670 0.2593 0.6866 0.2001  0.0810  0.0568  69  GLU A C   
555 O O   . GLU A 69 ? 0.4948 0.3096 0.7363 0.1884  0.0577  0.0644  69  GLU A O   
556 C CB  . GLU A 69 ? 0.5947 0.4167 0.8055 0.2004  0.1334  0.0559  69  GLU A CB  
557 C CG  . GLU A 69 ? 0.7461 0.5529 0.9023 0.1985  0.1614  0.0481  69  GLU A CG  
558 C CD  . GLU A 69 ? 0.7823 0.6282 0.9668 0.1975  0.1839  0.0592  69  GLU A CD  
559 O OE1 . GLU A 69 ? 0.7472 0.6305 1.0038 0.2059  0.1890  0.0713  69  GLU A OE1 
560 O OE2 . GLU A 69 ? 0.8113 0.6500 0.9461 0.1873  0.1953  0.0571  69  GLU A OE2 
561 N N   . THR A 70 ? 0.4927 0.2643 0.7270 0.2217  0.0851  0.0543  70  THR A N   
562 C CA  . THR A 70 ? 0.4604 0.2373 0.7406 0.2325  0.0602  0.0625  70  THR A CA  
563 C C   . THR A 70 ? 0.3769 0.2084 0.7296 0.2315  0.0510  0.0747  70  THR A C   
564 O O   . THR A 70 ? 0.5014 0.3678 0.8932 0.2358  0.0747  0.0785  70  THR A O   
565 C CB  . THR A 70 ? 0.4233 0.1783 0.7245 0.2623  0.0719  0.0593  70  THR A CB  
566 O OG1 . THR A 70 ? 0.6951 0.3904 0.9258 0.2615  0.0750  0.0472  70  THR A OG1 
567 C CG2 . THR A 70 ? 0.4908 0.2544 0.8428 0.2743  0.0426  0.0700  70  THR A CG2 
568 N N   . ARG A 71 ? 0.4053 0.2416 0.7725 0.2244  0.0161  0.0813  71  ARG A N   
569 C CA  . ARG A 71 ? 0.4144 0.2962 0.8497 0.2224  -0.0004 0.0915  71  ARG A CA  
570 C C   . ARG A 71 ? 0.4051 0.3135 0.8393 0.2019  0.0042  0.0928  71  ARG A C   
571 O O   . ARG A 71 ? 0.3014 0.2473 0.7949 0.1990  -0.0035 0.1008  71  ARG A O   
572 C CB  . ARG A 71 ? 0.3969 0.3112 0.9128 0.2455  0.0140  0.0985  71  ARG A CB  
573 C CG  . ARG A 71 ? 0.5734 0.4670 1.1063 0.2694  0.0028  0.0996  71  ARG A CG  
574 C CD  . ARG A 71 ? 0.6041 0.4989 1.1552 0.2659  -0.0428 0.1072  71  ARG A CD  
575 N NE  . ARG A 71 ? 0.5878 0.5350 1.2299 0.2713  -0.0555 0.1178  71  ARG A NE  
576 C CZ  . ARG A 71 ? 0.6175 0.5748 1.2857 0.2669  -0.0972 0.1245  71  ARG A CZ  
577 N NH1 . ARG A 71 ? 0.5042 0.5105 1.2602 0.2702  -0.1093 0.1338  71  ARG A NH1 
578 N NH2 . ARG A 71 ? 0.5883 0.5066 1.1938 0.2581  -0.1268 0.1225  71  ARG A NH2 
579 N N   . HIS A 72 ? 0.3828 0.2710 0.7518 0.1875  0.0148  0.0855  72  HIS A N   
580 C CA  . HIS A 72 ? 0.3550 0.2644 0.7185 0.1705  0.0204  0.0869  72  HIS A CA  
581 C C   . HIS A 72 ? 0.3651 0.2551 0.6672 0.1521  0.0043  0.0809  72  HIS A C   
582 O O   . HIS A 72 ? 0.3209 0.2073 0.5844 0.1418  0.0180  0.0772  72  HIS A O   
583 C CB  . HIS A 72 ? 0.3350 0.2513 0.6918 0.1738  0.0576  0.0865  72  HIS A CB  
584 C CG  . HIS A 72 ? 0.3480 0.2928 0.7716 0.1907  0.0787  0.0944  72  HIS A CG  
585 N ND1 . HIS A 72 ? 0.5078 0.4431 0.9487 0.2126  0.0899  0.0919  72  HIS A ND1 
586 C CD2 . HIS A 72 ? 0.3964 0.3805 0.8771 0.1889  0.0916  0.1057  72  HIS A CD2 
587 C CE1 . HIS A 72 ? 0.4847 0.4570 0.9932 0.2248  0.1104  0.1010  72  HIS A CE1 
588 N NE2 . HIS A 72 ? 0.3793 0.3819 0.9132 0.2091  0.1120  0.1103  72  HIS A NE2 
589 N N   . PHE A 73 ? 0.3233 0.2033 0.6181 0.1487  -0.0249 0.0809  73  PHE A N   
590 C CA  . PHE A 73 ? 0.3671 0.2324 0.6084 0.1329  -0.0391 0.0763  73  PHE A CA  
591 C C   . PHE A 73 ? 0.3794 0.2526 0.6353 0.1293  -0.0696 0.0785  73  PHE A C   
592 O O   . PHE A 73 ? 0.3494 0.2191 0.6301 0.1388  -0.0875 0.0825  73  PHE A O   
593 C CB  . PHE A 73 ? 0.3590 0.1864 0.5478 0.1318  -0.0391 0.0722  73  PHE A CB  
594 C CG  . PHE A 73 ? 0.3819 0.1978 0.5205 0.1150  -0.0524 0.0698  73  PHE A CG  
595 C CD1 . PHE A 73 ? 0.3363 0.1527 0.4373 0.1010  -0.0398 0.0649  73  PHE A CD1 
596 C CD2 . PHE A 73 ? 0.3800 0.1866 0.5091 0.1133  -0.0772 0.0731  73  PHE A CD2 
597 C CE1 . PHE A 73 ? 0.3336 0.1460 0.3955 0.0859  -0.0497 0.0636  73  PHE A CE1 
598 C CE2 . PHE A 73 ? 0.4046 0.2041 0.4875 0.0983  -0.0852 0.0717  73  PHE A CE2 
599 C CZ  . PHE A 73 ? 0.3195 0.1240 0.3722 0.0847  -0.0704 0.0671  73  PHE A CZ  
600 N N   . ILE A 74 ? 0.2904 0.1732 0.5294 0.1169  -0.0767 0.0754  74  ILE A N   
601 C CA  . ILE A 74 ? 0.2420 0.1236 0.4763 0.1133  -0.1052 0.0741  74  ILE A CA  
602 C C   . ILE A 74 ? 0.3380 0.2166 0.5235 0.1008  -0.1053 0.0679  74  ILE A C   
603 O O   . ILE A 74 ? 0.2735 0.1638 0.4535 0.0951  -0.0891 0.0658  74  ILE A O   
604 C CB  . ILE A 74 ? 0.2513 0.1558 0.5438 0.1160  -0.1205 0.0764  74  ILE A CB  
605 C CG1 . ILE A 74 ? 0.2832 0.1784 0.5625 0.1140  -0.1539 0.0731  74  ILE A CG1 
606 C CG2 . ILE A 74 ? 0.2195 0.1432 0.5273 0.1083  -0.1077 0.0753  74  ILE A CG2 
607 C CD1 . ILE A 74 ? 0.3062 0.2190 0.6412 0.1147  -0.1752 0.0739  74  ILE A CD1 
608 N N   . TYR A 75 ? 0.3405 0.2037 0.4898 0.0977  -0.1230 0.0660  75  TYR A N   
609 C CA  . TYR A 75 ? 0.3570 0.2204 0.4629 0.0878  -0.1230 0.0605  75  TYR A CA  
610 C C   . TYR A 75 ? 0.4124 0.2723 0.5133 0.0901  -0.1490 0.0570  75  TYR A C   
611 O O   . TYR A 75 ? 0.3544 0.1969 0.4444 0.0941  -0.1668 0.0607  75  TYR A O   
612 C CB  . TYR A 75 ? 0.2599 0.1047 0.3159 0.0801  -0.1149 0.0625  75  TYR A CB  
613 C CG  . TYR A 75 ? 0.3803 0.2301 0.3951 0.0701  -0.1143 0.0586  75  TYR A CG  
614 C CD1 . TYR A 75 ? 0.3632 0.2362 0.3814 0.0663  -0.1033 0.0530  75  TYR A CD1 
615 C CD2 . TYR A 75 ? 0.3721 0.2043 0.3452 0.0657  -0.1234 0.0617  75  TYR A CD2 
616 C CE1 . TYR A 75 ? 0.2681 0.1503 0.2542 0.0599  -0.1007 0.0492  75  TYR A CE1 
617 C CE2 . TYR A 75 ? 0.4719 0.3130 0.4095 0.0576  -0.1189 0.0587  75  TYR A CE2 
618 C CZ  . TYR A 75 ? 0.4014 0.2693 0.3481 0.0555  -0.1069 0.0518  75  TYR A CZ  
619 O OH  . TYR A 75 ? 0.3663 0.2473 0.2834 0.0500  -0.1004 0.0488  75  TYR A OH  
620 N N   . PHE A 76 ? 0.3204 0.1929 0.4264 0.0884  -0.1527 0.0496  76  PHE A N   
621 C CA  . PHE A 76 ? 0.3454 0.2104 0.4454 0.0913  -0.1791 0.0435  76  PHE A CA  
622 C C   . PHE A 76 ? 0.3802 0.2502 0.4564 0.0892  -0.1777 0.0325  76  PHE A C   
623 O O   . PHE A 76 ? 0.3099 0.1946 0.3910 0.0866  -0.1587 0.0310  76  PHE A O   
624 C CB  . PHE A 76 ? 0.3658 0.2366 0.5240 0.0965  -0.1976 0.0455  76  PHE A CB  
625 C CG  . PHE A 76 ? 0.2664 0.1567 0.4718 0.0947  -0.1866 0.0450  76  PHE A CG  
626 C CD1 . PHE A 76 ? 0.2749 0.1790 0.5061 0.0945  -0.1608 0.0529  76  PHE A CD1 
627 C CD2 . PHE A 76 ? 0.2321 0.1229 0.4521 0.0931  -0.2026 0.0369  76  PHE A CD2 
628 C CE1 . PHE A 76 ? 0.2209 0.1408 0.4911 0.0922  -0.1501 0.0553  76  PHE A CE1 
629 C CE2 . PHE A 76 ? 0.2979 0.2023 0.5606 0.0903  -0.1931 0.0391  76  PHE A CE2 
630 C CZ  . PHE A 76 ? 0.2466 0.1667 0.5343 0.0895  -0.1665 0.0496  76  PHE A CZ  
631 N N   . TYR A 77 ? 0.3709 0.2268 0.4177 0.0917  -0.1984 0.0247  77  TYR A N   
632 C CA  . TYR A 77 ? 0.3375 0.1939 0.3647 0.0937  -0.2005 0.0114  77  TYR A CA  
633 C C   . TYR A 77 ? 0.4319 0.2837 0.4971 0.0967  -0.2230 0.0040  77  TYR A C   
634 O O   . TYR A 77 ? 0.3855 0.2297 0.4752 0.0972  -0.2461 0.0071  77  TYR A O   
635 C CB  . TYR A 77 ? 0.4473 0.2885 0.4105 0.0952  -0.2066 0.0054  77  TYR A CB  
636 C CG  . TYR A 77 ? 0.5047 0.3573 0.4319 0.0904  -0.1795 0.0089  77  TYR A CG  
637 C CD1 . TYR A 77 ? 0.5180 0.3839 0.4280 0.0933  -0.1652 -0.0011 77  TYR A CD1 
638 C CD2 . TYR A 77 ? 0.4753 0.3262 0.3903 0.0829  -0.1685 0.0223  77  TYR A CD2 
639 C CE1 . TYR A 77 ? 0.5154 0.3984 0.4007 0.0879  -0.1410 0.0031  77  TYR A CE1 
640 C CE2 . TYR A 77 ? 0.4727 0.3356 0.3595 0.0751  -0.1453 0.0262  77  TYR A CE2 
641 C CZ  . TYR A 77 ? 0.4833 0.3654 0.3579 0.0772  -0.1317 0.0171  77  TYR A CZ  
642 O OH  . TYR A 77 ? 0.5265 0.4269 0.3807 0.0688  -0.1094 0.0218  77  TYR A OH  
643 N N   . LEU A 78 ? 0.3127 0.1688 0.3865 0.0984  -0.2174 -0.0050 78  LEU A N   
644 C CA  . LEU A 78 ? 0.3664 0.2102 0.4656 0.0997  -0.2413 -0.0147 78  LEU A CA  
645 C C   . LEU A 78 ? 0.4796 0.3119 0.5364 0.1064  -0.2397 -0.0314 78  LEU A C   
646 O O   . LEU A 78 ? 0.4504 0.2947 0.5108 0.1090  -0.2190 -0.0323 78  LEU A O   
647 C CB  . LEU A 78 ? 0.3987 0.2564 0.5633 0.0953  -0.2348 -0.0059 78  LEU A CB  
648 C CG  . LEU A 78 ? 0.4819 0.3278 0.6874 0.0922  -0.2613 -0.0115 78  LEU A CG  
649 C CD1 . LEU A 78 ? 0.3851 0.2223 0.6022 0.0900  -0.2933 -0.0117 78  LEU A CD1 
650 C CD2 . LEU A 78 ? 0.4142 0.2775 0.6814 0.0862  -0.2470 0.0018  78  LEU A CD2 
651 N N   . GLY A 79 ? 0.4983 0.3071 0.5118 0.1108  -0.2612 -0.0449 79  GLY A N   
652 C CA  . GLY A 79 ? 0.6067 0.4049 0.5682 0.1203  -0.2545 -0.0618 79  GLY A CA  
653 C C   . GLY A 79 ? 0.6368 0.4556 0.5630 0.1210  -0.2237 -0.0545 79  GLY A C   
654 O O   . GLY A 79 ? 0.5747 0.3975 0.4855 0.1150  -0.2204 -0.0423 79  GLY A O   
655 N N   . GLN A 80 ? 0.6788 0.5113 0.5964 0.1278  -0.2018 -0.0609 80  GLN A N   
656 C CA  . GLN A 80 ? 0.7016 0.5578 0.5898 0.1271  -0.1734 -0.0544 80  GLN A CA  
657 C C   . GLN A 80 ? 0.5583 0.4431 0.4850 0.1184  -0.1532 -0.0377 80  GLN A C   
658 O O   . GLN A 80 ? 0.5343 0.4407 0.4449 0.1141  -0.1318 -0.0305 80  GLN A O   
659 C CB  . GLN A 80 ? 0.7881 0.6486 0.6442 0.1407  -0.1598 -0.0702 80  GLN A CB  
660 C CG  . GLN A 80 ? 0.9635 0.7987 0.7570 0.1486  -0.1702 -0.0850 80  GLN A CG  
661 C CD  . GLN A 80 ? 1.0380 0.8850 0.7963 0.1632  -0.1473 -0.0985 80  GLN A CD  
662 O OE1 . GLN A 80 ? 1.1515 0.9990 0.8556 0.1654  -0.1364 -0.1005 80  GLN A OE1 
663 N NE2 . GLN A 80 ? 1.0495 0.9067 0.8392 0.1741  -0.1388 -0.1065 80  GLN A NE2 
664 N N   . VAL A 81 ? 0.3676 0.2521 0.3441 0.1147  -0.1602 -0.0313 81  VAL A N   
665 C CA  . VAL A 81 ? 0.3931 0.3000 0.4003 0.1074  -0.1423 -0.0166 81  VAL A CA  
666 C C   . VAL A 81 ? 0.2623 0.1663 0.2791 0.0978  -0.1443 -0.0034 81  VAL A C   
667 O O   . VAL A 81 ? 0.3684 0.2568 0.4020 0.0974  -0.1632 -0.0025 81  VAL A O   
668 C CB  . VAL A 81 ? 0.4046 0.3150 0.4570 0.1103  -0.1420 -0.0154 81  VAL A CB  
669 C CG1 . VAL A 81 ? 0.4208 0.3178 0.5128 0.1057  -0.1584 -0.0102 81  VAL A CG1 
670 C CG2 . VAL A 81 ? 0.4774 0.4125 0.5428 0.1064  -0.1205 -0.0040 81  VAL A CG2 
671 N N   . ALA A 82 ? 0.2680 0.1869 0.2763 0.0905  -0.1258 0.0063  82  ALA A N   
672 C CA  . ALA A 82 ? 0.3044 0.2185 0.3240 0.0832  -0.1241 0.0181  82  ALA A CA  
673 C C   . ALA A 82 ? 0.3402 0.2641 0.4015 0.0818  -0.1147 0.0252  82  ALA A C   
674 O O   . ALA A 82 ? 0.2503 0.1894 0.3204 0.0822  -0.1030 0.0253  82  ALA A O   
675 C CB  . ALA A 82 ? 0.2631 0.1797 0.2477 0.0745  -0.1112 0.0244  82  ALA A CB  
676 N N   . ILE A 83 ? 0.2291 0.1448 0.3159 0.0815  -0.1200 0.0319  83  ILE A N   
677 C CA  . ILE A 83 ? 0.2274 0.1511 0.3519 0.0811  -0.1090 0.0395  83  ILE A CA  
678 C C   . ILE A 83 ? 0.2432 0.1605 0.3655 0.0789  -0.1000 0.0471  83  ILE A C   
679 O O   . ILE A 83 ? 0.2229 0.1274 0.3470 0.0816  -0.1117 0.0488  83  ILE A O   
680 C CB  . ILE A 83 ? 0.2561 0.1786 0.4271 0.0849  -0.1225 0.0402  83  ILE A CB  
681 C CG1 . ILE A 83 ? 0.3388 0.2590 0.5082 0.0876  -0.1336 0.0306  83  ILE A CG1 
682 C CG2 . ILE A 83 ? 0.1769 0.1103 0.3854 0.0839  -0.1062 0.0505  83  ILE A CG2 
683 C CD1 . ILE A 83 ? 0.4127 0.3280 0.6264 0.0880  -0.1498 0.0305  83  ILE A CD1 
684 N N   . LEU A 84 ? 0.2017 0.1255 0.3173 0.0749  -0.0807 0.0509  84  LEU A N   
685 C CA  . LEU A 84 ? 0.2624 0.1763 0.3758 0.0743  -0.0696 0.0559  84  LEU A CA  
686 C C   . LEU A 84 ? 0.2872 0.2101 0.4372 0.0788  -0.0570 0.0613  84  LEU A C   
687 O O   . LEU A 84 ? 0.2114 0.1460 0.3643 0.0767  -0.0483 0.0629  84  LEU A O   
688 C CB  . LEU A 84 ? 0.2106 0.1220 0.2841 0.0650  -0.0577 0.0550  84  LEU A CB  
689 C CG  . LEU A 84 ? 0.2389 0.1371 0.3045 0.0639  -0.0431 0.0575  84  LEU A CG  
690 C CD1 . LEU A 84 ? 0.2479 0.1232 0.3183 0.0704  -0.0484 0.0594  84  LEU A CD1 
691 C CD2 . LEU A 84 ? 0.2728 0.1689 0.2997 0.0514  -0.0363 0.0554  84  LEU A CD2 
692 N N   . LEU A 85 ? 0.2064 0.1247 0.3853 0.0857  -0.0553 0.0656  85  LEU A N   
693 C CA  . LEU A 85 ? 0.1987 0.1287 0.4140 0.0900  -0.0395 0.0723  85  LEU A CA  
694 C C   . LEU A 85 ? 0.3097 0.2293 0.5277 0.0974  -0.0260 0.0742  85  LEU A C   
695 O O   . LEU A 85 ? 0.2323 0.1433 0.4622 0.1037  -0.0372 0.0742  85  LEU A O   
696 C CB  . LEU A 85 ? 0.1523 0.0954 0.4206 0.0927  -0.0525 0.0762  85  LEU A CB  
697 C CG  . LEU A 85 ? 0.1658 0.1248 0.4848 0.0965  -0.0363 0.0864  85  LEU A CG  
698 C CD1 . LEU A 85 ? 0.1630 0.1287 0.4710 0.0917  -0.0165 0.0917  85  LEU A CD1 
699 C CD2 . LEU A 85 ? 0.1886 0.1595 0.5637 0.0961  -0.0557 0.0900  85  LEU A CD2 
700 N N   . PHE A 86 ? 0.2064 0.1245 0.4106 0.0982  -0.0026 0.0755  86  PHE A N   
701 C CA  . PHE A 86 ? 0.2928 0.1953 0.4923 0.1074  0.0118  0.0744  86  PHE A CA  
702 C C   . PHE A 86 ? 0.3441 0.2521 0.5454 0.1120  0.0401  0.0776  86  PHE A C   
703 O O   . PHE A 86 ? 0.2717 0.1897 0.4613 0.1049  0.0475  0.0807  86  PHE A O   
704 C CB  . PHE A 86 ? 0.2895 0.1630 0.4353 0.1024  0.0069  0.0666  86  PHE A CB  
705 C CG  . PHE A 86 ? 0.3248 0.1925 0.4231 0.0908  0.0159  0.0621  86  PHE A CG  
706 C CD1 . PHE A 86 ? 0.3167 0.1978 0.3996 0.0788  0.0050  0.0617  86  PHE A CD1 
707 C CD2 . PHE A 86 ? 0.3010 0.1505 0.3705 0.0929  0.0344  0.0577  86  PHE A CD2 
708 C CE1 . PHE A 86 ? 0.2531 0.1337 0.2988 0.0685  0.0105  0.0588  86  PHE A CE1 
709 C CE2 . PHE A 86 ? 0.3177 0.1621 0.3434 0.0810  0.0385  0.0536  86  PHE A CE2 
710 C CZ  . PHE A 86 ? 0.2841 0.1462 0.3009 0.0685  0.0256  0.0550  86  PHE A CZ  
711 N N   . LYS A 87 ? 0.3054 0.2060 0.5203 0.1254  0.0563  0.0773  87  LYS A N   
712 C CA  . LYS A 87 ? 0.3105 0.2146 0.5237 0.1323  0.0870  0.0800  87  LYS A CA  
713 C C   . LYS A 87 ? 0.3018 0.1716 0.4547 0.1348  0.0992  0.0685  87  LYS A C   
714 O O   . LYS A 87 ? 0.4348 0.2801 0.5765 0.1410  0.0925  0.0614  87  LYS A O   
715 C CB  . LYS A 87 ? 0.3734 0.2981 0.6515 0.1479  0.1006  0.0877  87  LYS A CB  
716 C CG  . LYS A 87 ? 0.4234 0.3622 0.7120 0.1548  0.1359  0.0946  87  LYS A CG  
717 C CD  . LYS A 87 ? 0.4536 0.4245 0.8230 0.1669  0.1458  0.1055  87  LYS A CD  
718 C CE  . LYS A 87 ? 0.4981 0.4877 0.8828 0.1737  0.1854  0.1150  87  LYS A CE  
719 N NZ  . LYS A 87 ? 0.4671 0.4271 0.7879 0.1845  0.2123  0.1039  87  LYS A NZ  
720 N N   . GLU A 88 ? 0.4520 0.3169 0.5638 0.1291  0.1147  0.0670  88  GLU A N   
721 C CA  . GLU A 88 ? 0.5238 0.3546 0.5766 0.1312  0.1277  0.0550  88  GLU A CA  
722 C C   . GLU A 88 ? 0.6453 0.4805 0.6699 0.1306  0.1506  0.0579  88  GLU A C   
723 O O   . GLU A 88 ? 0.4832 0.3329 0.4964 0.1180  0.1432  0.0645  88  GLU A O   
724 C CB  . GLU A 88 ? 0.5316 0.3383 0.5359 0.1154  0.1054  0.0457  88  GLU A CB  
725 C CG  . GLU A 88 ? 0.5722 0.3396 0.5136 0.1141  0.1147  0.0322  88  GLU A CG  
726 C CD  . GLU A 88 ? 0.8023 0.5383 0.7440 0.1320  0.1266  0.0235  88  GLU A CD  
727 O OE1 . GLU A 88 ? 0.8225 0.5709 0.8167 0.1455  0.1260  0.0295  88  GLU A OE1 
728 O OE2 . GLU A 88 ? 0.8999 0.5969 0.7889 0.1332  0.1352  0.0102  88  GLU A OE2 
729 N N   . GLY A 89 ? 0.6212 0.4420 0.6324 0.1459  0.1787  0.0533  89  GLY A N   
730 C CA  . GLY A 89 ? 0.7194 0.5458 0.7065 0.1488  0.2057  0.0586  89  GLY A CA  
731 C C   . GLY A 89 ? 0.7665 0.6298 0.8208 0.1593  0.2271  0.0751  89  GLY A C   
732 O O   . GLY A 89 ? 0.6015 0.4886 0.7224 0.1615  0.2151  0.0821  89  GLY A O   
733 O OXT . GLY A 89 ? 0.8551 0.7261 0.8992 0.1649  0.2564  0.0826  89  GLY A OXT 
734 N N   . ALA B 1  ? 0.9725 0.5252 1.0334 0.2886  0.1534  -0.0062 287 ALA C N   
735 C CA  . ALA B 1  ? 0.9257 0.5469 1.0328 0.2822  0.1644  0.0055  287 ALA C CA  
736 C C   . ALA B 1  ? 0.8181 0.4604 0.9130 0.2490  0.1375  0.0145  287 ALA C C   
737 O O   . ALA B 1  ? 0.6696 0.3641 0.8113 0.2426  0.1346  0.0270  287 ALA C O   
738 C CB  . ALA B 1  ? 0.9955 0.6220 1.0758 0.2882  0.2025  -0.0040 287 ALA C CB  
739 N N   . THR B 2  ? 0.7935 0.3944 0.8271 0.2283  0.1185  0.0080  288 THR C N   
740 C CA  . THR B 2  ? 0.7976 0.4162 0.8149 0.1980  0.0953  0.0150  288 THR C CA  
741 C C   . THR B 2  ? 0.7727 0.3598 0.7695 0.1856  0.0653  0.0187  288 THR C C   
742 O O   . THR B 2  ? 0.7371 0.2768 0.7173 0.1964  0.0614  0.0142  288 THR C O   
743 C CB  . THR B 2  ? 0.8180 0.4292 0.7768 0.1773  0.1040  0.0059  288 THR C CB  
744 O OG1 . THR B 2  ? 0.9046 0.4562 0.8022 0.1731  0.1034  -0.0087 288 THR C OG1 
745 C CG2 . THR B 2  ? 0.7475 0.3872 0.7169 0.1877  0.1339  0.0046  288 THR C CG2 
746 N N   . SER B 3  ? 0.7397 0.3519 0.7374 0.1638  0.0453  0.0276  289 SER C N   
747 C CA  . SER B 3  ? 0.7752 0.3615 0.7431 0.1464  0.0202  0.0322  289 SER C CA  
748 C C   . SER B 3  ? 0.7011 0.3088 0.6415 0.1179  0.0139  0.0328  289 SER C C   
749 O O   . SER B 3  ? 0.6299 0.2776 0.5869 0.1151  0.0226  0.0331  289 SER C O   
750 C CB  . SER B 3  ? 0.7907 0.3914 0.7993 0.1551  -0.0008 0.0456  289 SER C CB  
751 O OG  . SER B 3  ? 0.9309 0.5372 0.9886 0.1841  0.0061  0.0474  289 SER C OG  
752 N N   . ALA B 4  ? 0.6798 0.2614 0.5805 0.0972  -0.0005 0.0341  290 ALA C N   
753 C CA  . ALA B 4  ? 0.6595 0.2675 0.5424 0.0716  -0.0079 0.0367  290 ALA C CA  
754 C C   . ALA B 4  ? 0.6237 0.2504 0.5232 0.0675  -0.0262 0.0491  290 ALA C C   
755 O O   . ALA B 4  ? 0.5906 0.1903 0.4898 0.0744  -0.0379 0.0558  290 ALA C O   
756 C CB  . ALA B 4  ? 0.6493 0.2220 0.4809 0.0487  -0.0107 0.0309  290 ALA C CB  
757 N N   . LYS B 5  ? 0.5990 0.2688 0.5097 0.0579  -0.0292 0.0520  291 LYS C N   
758 C CA  . LYS B 5  ? 0.5837 0.2716 0.5039 0.0548  -0.0452 0.0611  291 LYS C CA  
759 C C   . LYS B 5  ? 0.5920 0.3030 0.4908 0.0331  -0.0469 0.0619  291 LYS C C   
760 O O   . LYS B 5  ? 0.4910 0.2261 0.3912 0.0267  -0.0376 0.0565  291 LYS C O   
761 C CB  . LYS B 5  ? 0.5213 0.2446 0.4890 0.0709  -0.0475 0.0626  291 LYS C CB  
762 C CG  . LYS B 5  ? 0.5558 0.2676 0.5576 0.0931  -0.0507 0.0654  291 LYS C CG  
763 C CD  . LYS B 5  ? 0.6068 0.3038 0.6074 0.0970  -0.0733 0.0743  291 LYS C CD  
764 C CE  . LYS B 5  ? 0.6472 0.3452 0.6954 0.1207  -0.0795 0.0779  291 LYS C CE  
765 N NZ  . LYS B 5  ? 0.5546 0.2258 0.6056 0.1341  -0.0632 0.0737  291 LYS C NZ  
766 N N   . ALA B 6  ? 0.4927 0.1976 0.3725 0.0231  -0.0583 0.0697  292 ALA C N   
767 C CA  . ALA B 6  ? 0.4906 0.2247 0.3568 0.0059  -0.0587 0.0718  292 ALA C CA  
768 C C   . ALA B 6  ? 0.5503 0.3101 0.4327 0.0157  -0.0679 0.0743  292 ALA C C   
769 O O   . ALA B 6  ? 0.5498 0.2933 0.4367 0.0273  -0.0801 0.0790  292 ALA C O   
770 C CB  . ALA B 6  ? 0.5070 0.2170 0.3360 -0.0146 -0.0612 0.0794  292 ALA C CB  
771 N N   . THR B 7  ? 0.4783 0.2761 0.3691 0.0121  -0.0638 0.0704  293 THR C N   
772 C CA  . THR B 7  ? 0.4968 0.3149 0.3953 0.0199  -0.0725 0.0700  293 THR C CA  
773 C C   . THR B 7  ? 0.4832 0.3264 0.3618 0.0070  -0.0667 0.0704  293 THR C C   
774 O O   . THR B 7  ? 0.3118 0.1720 0.1890 -0.0051 -0.0561 0.0690  293 THR C O   
775 C CB  . THR B 7  ? 0.5104 0.3512 0.4493 0.0349  -0.0738 0.0634  293 THR C CB  
776 O OG1 . THR B 7  ? 0.4176 0.2866 0.3648 0.0301  -0.0626 0.0589  293 THR C OG1 
777 C CG2 . THR B 7  ? 0.3596 0.1850 0.3259 0.0470  -0.0737 0.0639  293 THR C CG2 
778 N N   . GLN B 8  ? 0.4310 0.2771 0.2936 0.0099  -0.0737 0.0719  294 GLN C N   
779 C CA  . GLN B 8  ? 0.4056 0.2797 0.2520 0.0016  -0.0649 0.0714  294 GLN C CA  
780 C C   . GLN B 8  ? 0.5178 0.4010 0.3607 0.0155  -0.0730 0.0650  294 GLN C C   
781 O O   . GLN B 8  ? 0.4429 0.3018 0.2693 0.0224  -0.0871 0.0674  294 GLN C O   
782 C CB  . GLN B 8  ? 0.4415 0.3028 0.2518 -0.0170 -0.0592 0.0827  294 GLN C CB  
783 C CG  . GLN B 8  ? 0.4773 0.3720 0.2733 -0.0249 -0.0468 0.0837  294 GLN C CG  
784 C CD  . GLN B 8  ? 0.4494 0.3842 0.2730 -0.0310 -0.0350 0.0787  294 GLN C CD  
785 O OE1 . GLN B 8  ? 0.3699 0.3023 0.2004 -0.0454 -0.0320 0.0819  294 GLN C OE1 
786 N NE2 . GLN B 8  ? 0.3848 0.3540 0.2231 -0.0191 -0.0304 0.0701  294 GLN C NE2 
787 N N   . THR B 9  ? 0.3543 0.2697 0.2114 0.0206  -0.0661 0.0565  295 THR C N   
788 C CA  . THR B 9  ? 0.3813 0.3021 0.2302 0.0342  -0.0729 0.0475  295 THR C CA  
789 C C   . THR B 9  ? 0.4832 0.3991 0.2851 0.0295  -0.0691 0.0516  295 THR C C   
790 O O   . THR B 9  ? 0.4665 0.3929 0.2517 0.0144  -0.0542 0.0606  295 THR C O   
791 C CB  . THR B 9  ? 0.4098 0.3636 0.2829 0.0421  -0.0646 0.0374  295 THR C CB  
792 O OG1 . THR B 9  ? 0.3378 0.3212 0.2101 0.0305  -0.0468 0.0418  295 THR C OG1 
793 C CG2 . THR B 9  ? 0.2913 0.2450 0.2058 0.0488  -0.0704 0.0344  295 THR C CG2 
794 N N   . ASP B 10 ? 0.5731 0.4725 0.3526 0.0415  -0.0829 0.0452  296 ASP C N   
795 C CA  . ASP B 10 ? 0.6926 0.5829 0.4186 0.0397  -0.0799 0.0485  296 ASP C CA  
796 C C   . ASP B 10 ? 0.6963 0.6223 0.4101 0.0372  -0.0552 0.0456  296 ASP C C   
797 O O   . ASP B 10 ? 0.6733 0.6266 0.4148 0.0466  -0.0481 0.0339  296 ASP C O   
798 C CB  . ASP B 10 ? 0.8000 0.6659 0.5043 0.0553  -0.1025 0.0383  296 ASP C CB  
799 C CG  . ASP B 10 ? 0.8470 0.6833 0.5695 0.0585  -0.1287 0.0425  296 ASP C CG  
800 O OD1 . ASP B 10 ? 0.8713 0.6967 0.6041 0.0494  -0.1277 0.0557  296 ASP C OD1 
801 O OD2 . ASP B 10 ? 0.9245 0.7479 0.6526 0.0706  -0.1508 0.0321  296 ASP C OD2 
# 
